data_7BQN
#
_entry.id   7BQN
#
_entity_poly.entity_id   1
_entity_poly.type   'polypeptide(L)'
_entity_poly.pdbx_seq_one_letter_code
;GDEAEKQAERALELVRKSPDLLKKLLEAMAEELKRQGKSPDEIQKAKDEVKTKVEQAIREWKQGNEEQARKDMRKVLKSP
AFKQAVKVMEEQEPNNPEVQELKKAMEEAERGSLEHHHHHH
;
_entity_poly.pdbx_strand_id   A
#
# COMPACT_ATOMS: atom_id res chain seq x y z
N GLY A 1 3.59 13.38 12.98
CA GLY A 1 2.65 13.36 11.83
C GLY A 1 1.61 12.27 12.00
N ASP A 2 0.48 12.58 12.63
CA ASP A 2 -0.52 11.59 13.07
C ASP A 2 -1.78 11.53 12.20
N GLU A 3 -1.96 12.43 11.25
CA GLU A 3 -3.02 12.33 10.25
C GLU A 3 -2.78 11.17 9.27
N ALA A 4 -1.50 10.88 8.97
CA ALA A 4 -1.07 9.77 8.13
C ALA A 4 -1.38 8.39 8.74
N GLU A 5 -1.60 8.32 10.06
CA GLU A 5 -2.11 7.12 10.73
C GLU A 5 -3.52 6.78 10.23
N LYS A 6 -4.44 7.76 10.22
CA LYS A 6 -5.80 7.56 9.69
C LYS A 6 -5.82 7.39 8.16
N GLN A 7 -4.89 7.99 7.41
CA GLN A 7 -4.74 7.66 5.98
C GLN A 7 -4.39 6.17 5.76
N ALA A 8 -3.58 5.58 6.64
CA ALA A 8 -3.35 4.14 6.63
C ALA A 8 -4.61 3.34 6.97
N GLU A 9 -5.41 3.78 7.95
CA GLU A 9 -6.71 3.15 8.29
C GLU A 9 -7.67 3.10 7.07
N ARG A 10 -7.69 4.16 6.26
CA ARG A 10 -8.56 4.26 5.06
C ARG A 10 -8.12 3.36 3.91
N ALA A 11 -6.83 3.35 3.63
CA ALA A 11 -6.25 2.42 2.66
C ALA A 11 -6.31 0.95 3.14
N LEU A 12 -6.22 0.73 4.46
CA LEU A 12 -6.31 -0.60 5.08
C LEU A 12 -7.71 -1.18 4.85
N GLU A 13 -8.76 -0.41 5.16
CA GLU A 13 -10.13 -0.89 5.01
C GLU A 13 -10.52 -1.11 3.54
N LEU A 14 -9.96 -0.32 2.60
CA LEU A 14 -10.15 -0.52 1.17
C LEU A 14 -9.61 -1.90 0.74
N VAL A 15 -8.37 -2.26 1.10
CA VAL A 15 -7.78 -3.56 0.73
C VAL A 15 -8.37 -4.73 1.53
N ARG A 16 -8.86 -4.48 2.76
CA ARG A 16 -9.60 -5.46 3.58
C ARG A 16 -10.93 -5.84 2.94
N LYS A 17 -11.71 -4.85 2.47
CA LYS A 17 -13.05 -5.06 1.90
C LYS A 17 -13.00 -5.53 0.45
N SER A 18 -11.97 -5.11 -0.30
CA SER A 18 -11.73 -5.54 -1.68
C SER A 18 -10.46 -6.41 -1.81
N PRO A 19 -10.57 -7.73 -1.54
CA PRO A 19 -9.48 -8.67 -1.83
C PRO A 19 -9.23 -8.82 -3.34
N ASP A 20 -10.20 -8.45 -4.19
CA ASP A 20 -10.05 -8.47 -5.65
C ASP A 20 -9.21 -7.29 -6.16
N LEU A 21 -9.24 -6.14 -5.47
CA LEU A 21 -8.31 -5.04 -5.69
C LEU A 21 -6.91 -5.46 -5.24
N LEU A 22 -6.81 -6.11 -4.09
CA LEU A 22 -5.56 -6.50 -3.45
C LEU A 22 -4.80 -7.58 -4.26
N LYS A 23 -5.51 -8.59 -4.78
CA LYS A 23 -4.92 -9.68 -5.57
C LYS A 23 -4.25 -9.18 -6.85
N LYS A 24 -4.79 -8.11 -7.45
CA LYS A 24 -4.11 -7.42 -8.56
C LYS A 24 -3.04 -6.43 -8.10
N LEU A 25 -3.19 -5.82 -6.92
CA LEU A 25 -2.28 -4.81 -6.38
C LEU A 25 -0.83 -5.30 -6.27
N LEU A 26 -0.59 -6.42 -5.57
CA LEU A 26 0.75 -7.01 -5.48
C LEU A 26 1.25 -7.49 -6.86
N GLU A 27 0.35 -8.00 -7.69
CA GLU A 27 0.64 -8.56 -9.02
C GLU A 27 1.02 -7.45 -10.03
N ALA A 28 0.50 -6.23 -9.86
CA ALA A 28 0.76 -5.09 -10.72
C ALA A 28 2.15 -4.48 -10.45
N MET A 29 2.56 -4.31 -9.19
CA MET A 29 3.89 -3.80 -8.83
C MET A 29 5.02 -4.61 -9.49
N ALA A 30 4.88 -5.95 -9.51
CA ALA A 30 5.86 -6.84 -10.11
C ALA A 30 6.21 -6.48 -11.57
N GLU A 31 5.28 -5.93 -12.34
CA GLU A 31 5.51 -5.54 -13.73
C GLU A 31 6.35 -4.28 -13.85
N GLU A 32 6.10 -3.24 -13.05
CA GLU A 32 6.96 -2.05 -13.05
C GLU A 32 8.34 -2.34 -12.44
N LEU A 33 8.40 -3.18 -11.40
CA LEU A 33 9.69 -3.69 -10.93
C LEU A 33 10.44 -4.41 -12.08
N LYS A 34 9.73 -5.20 -12.92
CA LYS A 34 10.32 -5.91 -14.07
C LYS A 34 10.79 -4.94 -15.18
N ARG A 35 10.08 -3.83 -15.42
CA ARG A 35 10.49 -2.76 -16.38
C ARG A 35 11.80 -2.08 -15.99
N GLN A 36 12.09 -2.03 -14.69
CA GLN A 36 13.37 -1.54 -14.13
C GLN A 36 14.51 -2.56 -14.22
N GLY A 37 14.22 -3.81 -14.62
CA GLY A 37 15.20 -4.88 -14.82
C GLY A 37 15.56 -5.62 -13.53
N LYS A 38 14.70 -5.56 -12.49
CA LYS A 38 14.90 -6.26 -11.22
C LYS A 38 14.80 -7.78 -11.41
N SER A 39 15.36 -8.53 -10.46
CA SER A 39 15.44 -10.00 -10.50
C SER A 39 14.12 -10.66 -10.06
N PRO A 40 13.82 -11.88 -10.54
CA PRO A 40 12.59 -12.60 -10.19
C PRO A 40 12.49 -12.90 -8.69
N ASP A 41 13.63 -13.09 -8.00
CA ASP A 41 13.70 -13.26 -6.54
C ASP A 41 13.24 -12.00 -5.79
N GLU A 42 13.73 -10.82 -6.20
CA GLU A 42 13.38 -9.53 -5.58
C GLU A 42 11.91 -9.16 -5.86
N ILE A 43 11.44 -9.44 -7.08
CA ILE A 43 10.04 -9.26 -7.47
C ILE A 43 9.12 -10.16 -6.62
N GLN A 44 9.44 -11.45 -6.52
CA GLN A 44 8.65 -12.40 -5.74
C GLN A 44 8.58 -11.99 -4.26
N LYS A 45 9.73 -11.65 -3.66
CA LYS A 45 9.81 -11.17 -2.28
C LYS A 45 9.04 -9.85 -2.08
N ALA A 46 9.04 -8.95 -3.06
CA ALA A 46 8.25 -7.72 -3.00
C ALA A 46 6.73 -7.99 -3.00
N LYS A 47 6.23 -8.91 -3.85
CA LYS A 47 4.81 -9.34 -3.81
C LYS A 47 4.44 -9.88 -2.43
N ASP A 48 5.27 -10.77 -1.89
CA ASP A 48 5.05 -11.38 -0.57
C ASP A 48 5.11 -10.36 0.57
N GLU A 49 6.01 -9.37 0.50
CA GLU A 49 6.10 -8.31 1.52
C GLU A 49 4.79 -7.54 1.57
N VAL A 50 4.33 -7.07 0.42
CA VAL A 50 3.08 -6.26 0.34
C VAL A 50 1.90 -7.07 0.87
N LYS A 51 1.78 -8.34 0.47
CA LYS A 51 0.75 -9.29 0.90
C LYS A 51 0.79 -9.56 2.40
N THR A 52 1.96 -9.90 2.94
CA THR A 52 2.11 -10.25 4.36
C THR A 52 1.97 -9.03 5.26
N LYS A 53 2.42 -7.85 4.81
CA LYS A 53 2.23 -6.57 5.52
C LYS A 53 0.74 -6.26 5.72
N VAL A 54 -0.07 -6.31 4.66
CA VAL A 54 -1.52 -6.05 4.77
C VAL A 54 -2.25 -7.17 5.50
N GLU A 55 -1.84 -8.43 5.34
CA GLU A 55 -2.46 -9.56 6.04
C GLU A 55 -2.27 -9.48 7.56
N GLN A 56 -1.05 -9.21 8.02
CA GLN A 56 -0.79 -9.03 9.45
C GLN A 56 -1.50 -7.79 10.01
N ALA A 57 -1.71 -6.75 9.21
CA ALA A 57 -2.52 -5.60 9.62
C ALA A 57 -4.00 -5.96 9.76
N ILE A 58 -4.62 -6.56 8.74
CA ILE A 58 -6.04 -6.94 8.73
C ILE A 58 -6.34 -7.92 9.87
N ARG A 59 -5.45 -8.88 10.16
CA ARG A 59 -5.55 -9.82 11.29
C ARG A 59 -5.62 -9.15 12.65
N GLU A 60 -4.99 -8.00 12.82
CA GLU A 60 -5.08 -7.19 14.02
C GLU A 60 -6.41 -6.42 14.08
N TRP A 61 -6.80 -5.70 13.02
CA TRP A 61 -8.07 -4.95 13.03
C TRP A 61 -9.27 -5.85 13.33
N LYS A 62 -9.28 -7.07 12.75
CA LYS A 62 -10.39 -8.01 12.92
C LYS A 62 -10.56 -8.53 14.35
N GLN A 63 -9.48 -8.54 15.15
CA GLN A 63 -9.51 -8.86 16.58
C GLN A 63 -9.71 -7.61 17.48
N GLY A 64 -10.06 -6.48 16.85
CA GLY A 64 -10.31 -5.19 17.50
C GLY A 64 -9.06 -4.31 17.65
N ASN A 65 -7.93 -4.70 17.04
CA ASN A 65 -6.63 -4.02 17.18
C ASN A 65 -6.37 -3.04 16.03
N GLU A 66 -7.22 -2.02 15.92
CA GLU A 66 -7.15 -0.96 14.89
C GLU A 66 -5.78 -0.29 14.83
N GLU A 67 -5.25 0.06 16.00
CA GLU A 67 -3.97 0.76 16.17
C GLU A 67 -2.79 -0.05 15.60
N GLN A 68 -2.75 -1.37 15.83
CA GLN A 68 -1.72 -2.25 15.29
C GLN A 68 -1.88 -2.44 13.77
N ALA A 69 -3.12 -2.49 13.29
CA ALA A 69 -3.46 -2.65 11.89
C ALA A 69 -3.07 -1.43 11.05
N ARG A 70 -3.50 -0.21 11.45
CA ARG A 70 -3.16 1.00 10.70
C ARG A 70 -1.65 1.27 10.73
N LYS A 71 -0.95 0.89 11.82
CA LYS A 71 0.52 0.96 11.94
C LYS A 71 1.19 0.08 10.89
N ASP A 72 0.78 -1.19 10.77
CA ASP A 72 1.41 -2.12 9.83
C ASP A 72 1.06 -1.79 8.37
N MET A 73 -0.11 -1.18 8.12
CA MET A 73 -0.45 -0.62 6.81
C MET A 73 0.33 0.67 6.51
N ARG A 74 0.57 1.57 7.48
CA ARG A 74 1.36 2.81 7.29
C ARG A 74 2.72 2.55 6.64
N LYS A 75 3.40 1.45 7.02
CA LYS A 75 4.71 1.08 6.46
C LYS A 75 4.63 0.76 4.96
N VAL A 76 3.48 0.26 4.50
CA VAL A 76 3.12 0.01 3.10
C VAL A 76 2.73 1.32 2.38
N LEU A 77 1.96 2.22 3.00
CA LEU A 77 1.56 3.52 2.40
C LEU A 77 2.76 4.33 1.90
N LYS A 78 3.84 4.32 2.68
CA LYS A 78 5.09 5.03 2.37
C LYS A 78 6.06 4.22 1.49
N SER A 79 5.86 2.91 1.39
CA SER A 79 6.72 2.00 0.63
C SER A 79 6.77 2.34 -0.88
N PRO A 80 7.92 2.22 -1.56
CA PRO A 80 7.99 2.39 -3.01
C PRO A 80 7.24 1.28 -3.75
N ALA A 81 7.23 0.05 -3.20
CA ALA A 81 6.48 -1.08 -3.76
C ALA A 81 4.99 -0.77 -3.92
N PHE A 82 4.37 -0.13 -2.92
CA PHE A 82 2.95 0.20 -2.97
C PHE A 82 2.65 1.34 -3.95
N LYS A 83 3.59 2.30 -4.07
CA LYS A 83 3.54 3.31 -5.14
C LYS A 83 3.63 2.68 -6.53
N GLN A 84 4.49 1.66 -6.74
CA GLN A 84 4.50 0.96 -8.03
C GLN A 84 3.21 0.19 -8.27
N ALA A 85 2.68 -0.49 -7.26
CA ALA A 85 1.44 -1.25 -7.36
C ALA A 85 0.27 -0.41 -7.89
N VAL A 86 0.06 0.75 -7.28
CA VAL A 86 -1.03 1.66 -7.66
C VAL A 86 -0.74 2.35 -8.99
N LYS A 87 0.53 2.66 -9.29
CA LYS A 87 0.90 3.31 -10.55
C LYS A 87 0.67 2.41 -11.77
N VAL A 88 0.94 1.11 -11.65
CA VAL A 88 0.75 0.14 -12.74
C VAL A 88 -0.74 -0.06 -13.06
N MET A 89 -1.60 -0.11 -12.03
CA MET A 89 -3.05 -0.19 -12.22
C MET A 89 -3.69 1.14 -12.67
N GLU A 90 -3.15 2.30 -12.26
CA GLU A 90 -3.64 3.62 -12.69
C GLU A 90 -3.42 3.88 -14.19
N GLU A 91 -2.38 3.29 -14.79
CA GLU A 91 -2.16 3.31 -16.25
C GLU A 91 -3.24 2.52 -17.02
N GLN A 92 -3.74 1.43 -16.44
CA GLN A 92 -4.70 0.51 -17.06
C GLN A 92 -6.17 0.89 -16.81
N GLU A 93 -6.48 1.36 -15.60
CA GLU A 93 -7.81 1.78 -15.16
C GLU A 93 -7.74 3.20 -14.55
N PRO A 94 -7.61 4.26 -15.37
CA PRO A 94 -7.41 5.62 -14.88
C PRO A 94 -8.65 6.21 -14.20
N ASN A 95 -9.86 5.75 -14.55
CA ASN A 95 -11.12 6.19 -13.97
C ASN A 95 -11.65 5.25 -12.87
N ASN A 96 -10.83 4.32 -12.35
CA ASN A 96 -11.26 3.34 -11.36
C ASN A 96 -11.49 4.01 -9.99
N PRO A 97 -12.68 3.87 -9.35
CA PRO A 97 -12.88 4.33 -7.99
C PRO A 97 -11.93 3.61 -7.01
N GLU A 98 -11.67 2.32 -7.23
CA GLU A 98 -10.80 1.53 -6.35
C GLU A 98 -9.32 1.90 -6.48
N VAL A 99 -8.88 2.44 -7.63
CA VAL A 99 -7.52 2.97 -7.78
C VAL A 99 -7.45 4.38 -7.21
N GLN A 100 -8.35 5.28 -7.63
CA GLN A 100 -8.25 6.69 -7.26
C GLN A 100 -8.48 6.92 -5.77
N GLU A 101 -9.38 6.16 -5.13
CA GLU A 101 -9.59 6.28 -3.68
C GLU A 101 -8.39 5.74 -2.87
N LEU A 102 -7.73 4.68 -3.34
CA LEU A 102 -6.53 4.14 -2.72
C LEU A 102 -5.32 5.08 -2.94
N LYS A 103 -5.13 5.57 -4.18
CA LYS A 103 -4.05 6.51 -4.53
C LYS A 103 -4.16 7.80 -3.72
N LYS A 104 -5.38 8.35 -3.56
CA LYS A 104 -5.64 9.56 -2.76
C LYS A 104 -5.23 9.38 -1.31
N ALA A 105 -5.45 8.20 -0.71
CA ALA A 105 -5.02 7.92 0.66
C ALA A 105 -3.49 8.09 0.83
N MET A 106 -2.71 7.53 -0.10
CA MET A 106 -1.24 7.69 -0.16
C MET A 106 -0.79 9.12 -0.50
N GLU A 107 -1.34 9.71 -1.56
CA GLU A 107 -1.00 11.07 -2.01
C GLU A 107 -1.27 12.14 -0.94
N GLU A 108 -2.31 11.97 -0.12
CA GLU A 108 -2.57 12.82 1.05
C GLU A 108 -1.61 12.53 2.22
N ALA A 109 -1.29 11.25 2.49
CA ALA A 109 -0.31 10.85 3.51
C ALA A 109 1.11 11.37 3.19
N GLU A 110 1.47 11.46 1.91
CA GLU A 110 2.74 12.02 1.39
C GLU A 110 2.93 13.50 1.75
N ARG A 111 1.83 14.22 1.99
CA ARG A 111 1.80 15.61 2.49
C ARG A 111 1.50 15.72 3.99
N GLY A 112 0.83 14.72 4.57
CA GLY A 112 0.54 14.61 6.01
C GLY A 112 1.74 14.17 6.86
N SER A 113 2.75 13.54 6.26
CA SER A 113 4.04 13.18 6.88
C SER A 113 5.16 13.12 5.83
N LEU A 114 6.39 13.45 6.24
CA LEU A 114 7.61 13.38 5.42
C LEU A 114 8.63 12.46 6.12
N GLU A 115 8.63 11.18 5.73
CA GLU A 115 9.47 10.13 6.32
C GLU A 115 10.65 9.76 5.41
N HIS A 116 11.88 9.95 5.89
CA HIS A 116 13.13 9.53 5.24
C HIS A 116 14.03 8.83 6.28
N HIS A 117 14.33 7.55 6.07
CA HIS A 117 15.25 6.77 6.93
C HIS A 117 15.88 5.57 6.19
N HIS A 118 15.05 4.74 5.56
CA HIS A 118 15.45 3.58 4.74
C HIS A 118 14.65 3.52 3.42
N HIS A 119 15.21 2.89 2.39
CA HIS A 119 14.56 2.68 1.08
C HIS A 119 15.04 1.38 0.39
N HIS A 120 14.12 0.71 -0.33
CA HIS A 120 14.38 -0.47 -1.18
C HIS A 120 15.17 -1.60 -0.47
N HIS A 121 14.78 -1.92 0.77
CA HIS A 121 15.37 -2.95 1.66
C HIS A 121 16.90 -2.83 1.84
N GLY A 1 2.80 15.01 12.19
CA GLY A 1 2.27 14.32 13.38
C GLY A 1 1.51 13.06 12.97
N ASP A 2 0.23 12.99 13.32
CA ASP A 2 -0.64 11.82 13.13
C ASP A 2 -1.59 11.90 11.92
N GLU A 3 -1.49 12.96 11.09
CA GLU A 3 -2.30 13.14 9.89
C GLU A 3 -2.17 11.98 8.86
N ALA A 4 -0.97 11.43 8.71
CA ALA A 4 -0.68 10.32 7.80
C ALA A 4 -1.20 8.97 8.33
N GLU A 5 -1.32 8.87 9.64
CA GLU A 5 -1.66 7.61 10.34
C GLU A 5 -3.14 7.23 10.16
N LYS A 6 -4.01 8.24 10.17
CA LYS A 6 -5.45 8.16 9.85
C LYS A 6 -5.70 7.68 8.42
N GLN A 7 -4.88 8.11 7.45
CA GLN A 7 -5.00 7.69 6.05
C GLN A 7 -4.71 6.19 5.85
N ALA A 8 -3.81 5.62 6.66
CA ALA A 8 -3.49 4.20 6.60
C ALA A 8 -4.70 3.31 6.92
N GLU A 9 -5.54 3.71 7.88
CA GLU A 9 -6.82 3.05 8.18
C GLU A 9 -7.74 2.95 6.95
N ARG A 10 -7.77 4.01 6.11
CA ARG A 10 -8.65 4.13 4.93
C ARG A 10 -8.20 3.25 3.77
N ALA A 11 -6.90 3.14 3.56
CA ALA A 11 -6.33 2.17 2.62
C ALA A 11 -6.43 0.72 3.13
N LEU A 12 -6.29 0.50 4.45
CA LEU A 12 -6.35 -0.81 5.10
C LEU A 12 -7.73 -1.45 4.88
N GLU A 13 -8.81 -0.70 5.10
CA GLU A 13 -10.17 -1.19 4.91
C GLU A 13 -10.52 -1.44 3.43
N LEU A 14 -9.94 -0.68 2.50
CA LEU A 14 -10.14 -0.87 1.05
C LEU A 14 -9.59 -2.24 0.60
N VAL A 15 -8.35 -2.56 0.98
CA VAL A 15 -7.73 -3.86 0.60
C VAL A 15 -8.35 -5.04 1.33
N ARG A 16 -8.94 -4.80 2.51
CA ARG A 16 -9.71 -5.80 3.28
C ARG A 16 -11.03 -6.15 2.62
N LYS A 17 -11.80 -5.15 2.18
CA LYS A 17 -13.14 -5.32 1.59
C LYS A 17 -13.08 -5.76 0.13
N SER A 18 -12.03 -5.35 -0.57
CA SER A 18 -11.73 -5.76 -1.96
C SER A 18 -10.45 -6.61 -2.04
N PRO A 19 -10.51 -7.92 -1.71
CA PRO A 19 -9.35 -8.81 -1.86
C PRO A 19 -8.95 -9.05 -3.33
N ASP A 20 -9.85 -8.81 -4.29
CA ASP A 20 -9.54 -8.89 -5.73
C ASP A 20 -8.67 -7.72 -6.18
N LEU A 21 -8.89 -6.54 -5.59
CA LEU A 21 -8.05 -5.35 -5.74
C LEU A 21 -6.65 -5.65 -5.21
N LEU A 22 -6.57 -6.26 -4.02
CA LEU A 22 -5.29 -6.65 -3.43
C LEU A 22 -4.55 -7.68 -4.30
N LYS A 23 -5.26 -8.70 -4.80
CA LYS A 23 -4.69 -9.77 -5.63
C LYS A 23 -4.09 -9.26 -6.94
N LYS A 24 -4.68 -8.21 -7.52
CA LYS A 24 -4.07 -7.48 -8.65
C LYS A 24 -2.98 -6.50 -8.24
N LEU A 25 -3.06 -5.92 -7.04
CA LEU A 25 -2.13 -4.89 -6.57
C LEU A 25 -0.69 -5.38 -6.47
N LEU A 26 -0.44 -6.47 -5.72
CA LEU A 26 0.89 -7.08 -5.67
C LEU A 26 1.34 -7.59 -7.05
N GLU A 27 0.41 -8.06 -7.88
CA GLU A 27 0.69 -8.58 -9.22
C GLU A 27 1.03 -7.48 -10.25
N ALA A 28 0.49 -6.26 -10.07
CA ALA A 28 0.75 -5.10 -10.90
C ALA A 28 2.12 -4.50 -10.61
N MET A 29 2.50 -4.41 -9.32
CA MET A 29 3.81 -3.95 -8.86
C MET A 29 4.99 -4.66 -9.54
N ALA A 30 4.85 -5.97 -9.76
CA ALA A 30 5.84 -6.81 -10.41
C ALA A 30 6.22 -6.34 -11.83
N GLU A 31 5.29 -5.72 -12.56
CA GLU A 31 5.51 -5.25 -13.92
C GLU A 31 6.41 -4.02 -13.96
N GLU A 32 6.21 -3.05 -13.08
CA GLU A 32 7.10 -1.88 -12.97
C GLU A 32 8.44 -2.25 -12.32
N LEU A 33 8.44 -3.18 -11.36
CA LEU A 33 9.69 -3.77 -10.87
C LEU A 33 10.49 -4.44 -12.02
N LYS A 34 9.80 -5.16 -12.92
CA LYS A 34 10.41 -5.75 -14.13
C LYS A 34 10.93 -4.69 -15.11
N ARG A 35 10.26 -3.54 -15.29
CA ARG A 35 10.78 -2.39 -16.08
C ARG A 35 12.12 -1.86 -15.58
N GLN A 36 12.35 -1.96 -14.27
CA GLN A 36 13.61 -1.58 -13.61
C GLN A 36 14.73 -2.63 -13.73
N GLY A 37 14.42 -3.80 -14.28
CA GLY A 37 15.37 -4.87 -14.58
C GLY A 37 15.59 -5.83 -13.40
N LYS A 38 14.67 -5.84 -12.42
CA LYS A 38 14.69 -6.78 -11.28
C LYS A 38 14.57 -8.24 -11.74
N SER A 39 14.99 -9.12 -10.84
CA SER A 39 14.90 -10.58 -10.97
C SER A 39 13.56 -11.12 -10.45
N PRO A 40 13.14 -12.31 -10.91
CA PRO A 40 12.00 -13.04 -10.34
C PRO A 40 12.09 -13.19 -8.81
N ASP A 41 13.29 -13.31 -8.24
CA ASP A 41 13.51 -13.39 -6.79
C ASP A 41 13.17 -12.07 -6.07
N GLU A 42 13.65 -10.92 -6.57
CA GLU A 42 13.34 -9.60 -6.00
C GLU A 42 11.85 -9.26 -6.14
N ILE A 43 11.28 -9.59 -7.30
CA ILE A 43 9.86 -9.39 -7.59
C ILE A 43 9.00 -10.22 -6.65
N GLN A 44 9.27 -11.52 -6.54
CA GLN A 44 8.54 -12.43 -5.65
C GLN A 44 8.59 -11.95 -4.19
N LYS A 45 9.79 -11.58 -3.70
CA LYS A 45 9.97 -11.05 -2.35
C LYS A 45 9.20 -9.75 -2.12
N ALA A 46 9.15 -8.85 -3.12
CA ALA A 46 8.34 -7.64 -3.06
C ALA A 46 6.83 -7.95 -2.99
N LYS A 47 6.30 -8.85 -3.85
CA LYS A 47 4.88 -9.26 -3.80
C LYS A 47 4.48 -9.78 -2.42
N ASP A 48 5.27 -10.69 -1.85
CA ASP A 48 4.99 -11.24 -0.52
C ASP A 48 5.16 -10.23 0.61
N GLU A 49 6.11 -9.28 0.53
CA GLU A 49 6.26 -8.29 1.62
C GLU A 49 5.09 -7.30 1.68
N VAL A 50 4.49 -6.95 0.53
CA VAL A 50 3.24 -6.15 0.49
C VAL A 50 2.07 -6.97 1.04
N LYS A 51 1.90 -8.21 0.55
CA LYS A 51 0.83 -9.13 0.92
C LYS A 51 0.84 -9.45 2.42
N THR A 52 1.99 -9.77 2.98
CA THR A 52 2.11 -10.11 4.41
C THR A 52 1.91 -8.88 5.30
N LYS A 53 2.34 -7.69 4.86
CA LYS A 53 2.09 -6.43 5.57
C LYS A 53 0.61 -6.11 5.70
N VAL A 54 -0.17 -6.20 4.61
CA VAL A 54 -1.61 -5.94 4.67
C VAL A 54 -2.34 -7.04 5.44
N GLU A 55 -1.92 -8.30 5.30
CA GLU A 55 -2.53 -9.43 5.98
C GLU A 55 -2.38 -9.34 7.51
N GLN A 56 -1.17 -9.05 8.00
CA GLN A 56 -0.93 -8.83 9.42
C GLN A 56 -1.67 -7.59 9.96
N ALA A 57 -1.87 -6.55 9.15
CA ALA A 57 -2.70 -5.41 9.53
C ALA A 57 -4.19 -5.79 9.64
N ILE A 58 -4.74 -6.50 8.64
CA ILE A 58 -6.16 -6.90 8.62
C ILE A 58 -6.46 -7.86 9.79
N ARG A 59 -5.54 -8.79 10.09
CA ARG A 59 -5.64 -9.72 11.24
C ARG A 59 -5.77 -9.02 12.58
N GLU A 60 -5.17 -7.83 12.73
CA GLU A 60 -5.32 -6.99 13.90
C GLU A 60 -6.66 -6.25 13.92
N TRP A 61 -7.06 -5.59 12.83
CA TRP A 61 -8.35 -4.89 12.80
C TRP A 61 -9.53 -5.83 13.11
N LYS A 62 -9.48 -7.06 12.58
CA LYS A 62 -10.55 -8.05 12.76
C LYS A 62 -10.71 -8.54 14.21
N GLN A 63 -9.65 -8.47 15.02
CA GLN A 63 -9.69 -8.75 16.46
C GLN A 63 -9.93 -7.49 17.31
N GLY A 64 -10.32 -6.38 16.65
CA GLY A 64 -10.61 -5.08 17.26
C GLY A 64 -9.39 -4.16 17.41
N ASN A 65 -8.26 -4.53 16.83
CA ASN A 65 -6.98 -3.82 16.97
C ASN A 65 -6.73 -2.85 15.80
N GLU A 66 -7.61 -1.86 15.64
CA GLU A 66 -7.52 -0.81 14.62
C GLU A 66 -6.16 -0.10 14.63
N GLU A 67 -5.70 0.24 15.83
CA GLU A 67 -4.45 0.96 16.08
C GLU A 67 -3.22 0.19 15.58
N GLN A 68 -3.21 -1.15 15.72
CA GLN A 68 -2.13 -2.00 15.20
C GLN A 68 -2.26 -2.22 13.68
N ALA A 69 -3.49 -2.29 13.16
CA ALA A 69 -3.77 -2.43 11.73
C ALA A 69 -3.30 -1.19 10.93
N ARG A 70 -3.72 0.02 11.34
CA ARG A 70 -3.31 1.27 10.68
C ARG A 70 -1.81 1.55 10.81
N LYS A 71 -1.15 1.05 11.86
CA LYS A 71 0.30 1.07 12.06
C LYS A 71 1.02 0.17 11.06
N ASP A 72 0.61 -1.09 10.89
CA ASP A 72 1.24 -1.99 9.91
C ASP A 72 0.95 -1.57 8.46
N MET A 73 -0.26 -1.05 8.17
CA MET A 73 -0.59 -0.49 6.87
C MET A 73 0.20 0.81 6.57
N ARG A 74 0.44 1.70 7.56
CA ARG A 74 1.27 2.92 7.38
C ARG A 74 2.63 2.62 6.74
N LYS A 75 3.27 1.50 7.11
CA LYS A 75 4.59 1.09 6.57
C LYS A 75 4.53 0.84 5.06
N VAL A 76 3.39 0.35 4.58
CA VAL A 76 3.04 0.16 3.17
C VAL A 76 2.64 1.48 2.48
N LEU A 77 1.89 2.37 3.15
CA LEU A 77 1.51 3.69 2.58
C LEU A 77 2.75 4.50 2.17
N LYS A 78 3.83 4.46 2.97
CA LYS A 78 5.09 5.15 2.66
C LYS A 78 5.98 4.39 1.68
N SER A 79 5.80 3.06 1.56
CA SER A 79 6.71 2.20 0.80
C SER A 79 6.68 2.49 -0.70
N PRO A 80 7.85 2.63 -1.36
CA PRO A 80 7.94 3.02 -2.76
C PRO A 80 7.43 1.92 -3.68
N ALA A 81 7.57 0.65 -3.26
CA ALA A 81 7.03 -0.51 -3.97
C ALA A 81 5.50 -0.41 -4.12
N PHE A 82 4.80 0.04 -3.08
CA PHE A 82 3.34 0.17 -3.09
C PHE A 82 2.87 1.29 -4.04
N LYS A 83 3.66 2.37 -4.16
CA LYS A 83 3.45 3.40 -5.18
C LYS A 83 3.57 2.83 -6.59
N GLN A 84 4.51 1.91 -6.85
CA GLN A 84 4.62 1.25 -8.16
C GLN A 84 3.40 0.36 -8.45
N ALA A 85 2.92 -0.37 -7.44
CA ALA A 85 1.71 -1.18 -7.52
C ALA A 85 0.47 -0.40 -8.00
N VAL A 86 0.18 0.74 -7.36
CA VAL A 86 -0.97 1.58 -7.72
C VAL A 86 -0.74 2.30 -9.04
N LYS A 87 0.50 2.68 -9.37
CA LYS A 87 0.80 3.37 -10.64
C LYS A 87 0.49 2.49 -11.86
N VAL A 88 0.79 1.19 -11.79
CA VAL A 88 0.56 0.24 -12.89
C VAL A 88 -0.93 0.06 -13.16
N MET A 89 -1.76 -0.02 -12.12
CA MET A 89 -3.23 -0.07 -12.27
C MET A 89 -3.86 1.28 -12.65
N GLU A 90 -3.31 2.42 -12.19
CA GLU A 90 -3.79 3.76 -12.54
C GLU A 90 -3.51 4.13 -14.01
N GLU A 91 -2.43 3.61 -14.60
CA GLU A 91 -2.16 3.75 -16.04
C GLU A 91 -3.18 3.00 -16.91
N GLN A 92 -3.65 1.83 -16.46
CA GLN A 92 -4.63 1.00 -17.17
C GLN A 92 -6.07 1.49 -16.96
N GLU A 93 -6.43 1.82 -15.72
CA GLU A 93 -7.76 2.28 -15.30
C GLU A 93 -7.67 3.59 -14.49
N PRO A 94 -7.55 4.76 -15.16
CA PRO A 94 -7.39 6.05 -14.49
C PRO A 94 -8.67 6.53 -13.80
N ASN A 95 -9.83 6.09 -14.26
CA ASN A 95 -11.14 6.45 -13.69
C ASN A 95 -11.70 5.38 -12.73
N ASN A 96 -10.88 4.40 -12.29
CA ASN A 96 -11.36 3.33 -11.42
C ASN A 96 -11.65 3.87 -10.00
N PRO A 97 -12.83 3.65 -9.42
CA PRO A 97 -13.11 4.06 -8.05
C PRO A 97 -12.18 3.36 -7.05
N GLU A 98 -11.87 2.07 -7.26
CA GLU A 98 -11.01 1.31 -6.34
C GLU A 98 -9.53 1.69 -6.45
N VAL A 99 -9.08 2.18 -7.61
CA VAL A 99 -7.72 2.74 -7.76
C VAL A 99 -7.65 4.11 -7.09
N GLN A 100 -8.58 5.01 -7.39
CA GLN A 100 -8.56 6.37 -6.85
C GLN A 100 -8.80 6.40 -5.34
N GLU A 101 -9.66 5.54 -4.79
CA GLU A 101 -9.89 5.48 -3.34
C GLU A 101 -8.64 4.99 -2.58
N LEU A 102 -7.85 4.09 -3.17
CA LEU A 102 -6.57 3.64 -2.63
C LEU A 102 -5.48 4.71 -2.81
N LYS A 103 -5.30 5.25 -4.03
CA LYS A 103 -4.24 6.22 -4.34
C LYS A 103 -4.40 7.52 -3.54
N LYS A 104 -5.62 8.02 -3.39
CA LYS A 104 -5.89 9.28 -2.65
C LYS A 104 -5.55 9.17 -1.16
N ALA A 105 -5.64 7.98 -0.55
CA ALA A 105 -5.14 7.76 0.80
C ALA A 105 -3.61 7.98 0.87
N MET A 106 -2.84 7.42 -0.06
CA MET A 106 -1.39 7.58 -0.17
C MET A 106 -0.97 9.01 -0.53
N GLU A 107 -1.55 9.60 -1.57
CA GLU A 107 -1.29 10.97 -2.02
C GLU A 107 -1.47 12.01 -0.91
N GLU A 108 -2.44 11.83 -0.01
CA GLU A 108 -2.60 12.65 1.20
C GLU A 108 -1.63 12.26 2.34
N ALA A 109 -1.34 10.96 2.55
CA ALA A 109 -0.40 10.50 3.58
C ALA A 109 1.05 10.97 3.32
N GLU A 110 1.45 11.06 2.05
CA GLU A 110 2.77 11.53 1.61
C GLU A 110 3.09 12.96 2.08
N ARG A 111 2.03 13.79 2.23
CA ARG A 111 2.11 15.18 2.71
C ARG A 111 2.27 15.29 4.24
N GLY A 112 2.13 14.20 4.98
CA GLY A 112 2.42 14.13 6.42
C GLY A 112 3.93 14.15 6.73
N SER A 113 4.30 14.29 8.01
CA SER A 113 5.70 14.42 8.43
C SER A 113 6.52 13.12 8.28
N LEU A 114 5.90 11.96 8.55
CA LEU A 114 6.47 10.61 8.37
C LEU A 114 7.90 10.43 8.91
N GLU A 115 8.19 10.99 10.09
CA GLU A 115 9.48 10.87 10.77
C GLU A 115 9.65 9.52 11.51
N HIS A 116 10.91 9.11 11.72
CA HIS A 116 11.26 7.82 12.35
C HIS A 116 12.25 7.95 13.53
N HIS A 117 12.93 9.09 13.69
CA HIS A 117 13.74 9.48 14.85
C HIS A 117 14.71 8.38 15.36
N HIS A 118 15.58 7.89 14.47
CA HIS A 118 16.63 6.91 14.79
C HIS A 118 17.71 7.49 15.74
N HIS A 119 18.52 6.61 16.34
CA HIS A 119 19.60 6.98 17.28
C HIS A 119 20.96 6.39 16.85
N HIS A 120 22.04 7.15 17.06
CA HIS A 120 23.42 6.75 16.73
C HIS A 120 24.48 7.46 17.60
N HIS A 121 24.28 8.75 17.91
CA HIS A 121 25.17 9.61 18.70
C HIS A 121 24.40 10.39 19.79
N GLY A 1 -1.17 16.45 12.97
CA GLY A 1 -1.11 15.55 14.14
C GLY A 1 -1.62 14.17 13.78
N ASP A 2 -0.74 13.15 13.77
CA ASP A 2 -1.03 11.74 13.46
C ASP A 2 -1.80 11.54 12.13
N GLU A 3 -1.48 12.32 11.11
CA GLU A 3 -2.10 12.21 9.77
C GLU A 3 -1.76 10.87 9.09
N ALA A 4 -0.50 10.45 9.10
CA ALA A 4 -0.06 9.20 8.45
C ALA A 4 -0.77 7.97 9.04
N GLU A 5 -1.12 8.02 10.33
CA GLU A 5 -1.90 6.98 11.02
C GLU A 5 -3.36 6.92 10.51
N LYS A 6 -3.99 8.09 10.31
CA LYS A 6 -5.38 8.18 9.80
C LYS A 6 -5.48 7.79 8.32
N GLN A 7 -4.53 8.22 7.49
CA GLN A 7 -4.46 7.82 6.08
C GLN A 7 -4.23 6.32 5.89
N ALA A 8 -3.43 5.69 6.77
CA ALA A 8 -3.18 4.26 6.71
C ALA A 8 -4.47 3.44 6.87
N GLU A 9 -5.36 3.83 7.79
CA GLU A 9 -6.65 3.16 7.99
C GLU A 9 -7.54 3.19 6.72
N ARG A 10 -7.53 4.31 5.96
CA ARG A 10 -8.32 4.48 4.72
C ARG A 10 -7.88 3.55 3.59
N ALA A 11 -6.58 3.31 3.46
CA ALA A 11 -6.05 2.30 2.55
C ALA A 11 -6.27 0.87 3.07
N LEU A 12 -6.13 0.65 4.40
CA LEU A 12 -6.26 -0.64 5.08
C LEU A 12 -7.67 -1.22 4.87
N GLU A 13 -8.70 -0.40 5.02
CA GLU A 13 -10.09 -0.82 4.81
C GLU A 13 -10.39 -1.12 3.33
N LEU A 14 -9.79 -0.38 2.39
CA LEU A 14 -10.09 -0.55 0.96
C LEU A 14 -9.60 -1.94 0.47
N VAL A 15 -8.37 -2.33 0.85
CA VAL A 15 -7.81 -3.65 0.48
C VAL A 15 -8.49 -4.82 1.21
N ARG A 16 -9.14 -4.54 2.35
CA ARG A 16 -10.00 -5.48 3.10
C ARG A 16 -11.34 -5.69 2.42
N LYS A 17 -11.98 -4.62 1.94
CA LYS A 17 -13.33 -4.64 1.35
C LYS A 17 -13.29 -5.15 -0.09
N SER A 18 -12.20 -4.88 -0.81
CA SER A 18 -11.94 -5.40 -2.15
C SER A 18 -10.67 -6.27 -2.18
N PRO A 19 -10.76 -7.58 -1.87
CA PRO A 19 -9.64 -8.51 -2.07
C PRO A 19 -9.31 -8.70 -3.56
N ASP A 20 -10.25 -8.43 -4.47
CA ASP A 20 -10.02 -8.48 -5.93
C ASP A 20 -9.14 -7.32 -6.40
N LEU A 21 -9.17 -6.18 -5.70
CA LEU A 21 -8.24 -5.06 -5.88
C LEU A 21 -6.84 -5.47 -5.44
N LEU A 22 -6.74 -6.13 -4.29
CA LEU A 22 -5.48 -6.54 -3.66
C LEU A 22 -4.74 -7.60 -4.49
N LYS A 23 -5.45 -8.60 -5.00
CA LYS A 23 -4.88 -9.71 -5.79
C LYS A 23 -4.21 -9.25 -7.08
N LYS A 24 -4.71 -8.17 -7.69
CA LYS A 24 -4.03 -7.47 -8.78
C LYS A 24 -2.97 -6.47 -8.31
N LEU A 25 -3.12 -5.88 -7.14
CA LEU A 25 -2.23 -4.84 -6.59
C LEU A 25 -0.78 -5.33 -6.47
N LEU A 26 -0.54 -6.44 -5.75
CA LEU A 26 0.80 -7.03 -5.64
C LEU A 26 1.32 -7.49 -7.02
N GLU A 27 0.43 -7.98 -7.88
CA GLU A 27 0.76 -8.51 -9.21
C GLU A 27 1.10 -7.40 -10.23
N ALA A 28 0.54 -6.21 -10.06
CA ALA A 28 0.78 -5.03 -10.89
C ALA A 28 2.16 -4.41 -10.60
N MET A 29 2.55 -4.30 -9.32
CA MET A 29 3.86 -3.79 -8.91
C MET A 29 5.02 -4.53 -9.59
N ALA A 30 4.93 -5.87 -9.66
CA ALA A 30 5.93 -6.73 -10.28
C ALA A 30 6.31 -6.31 -11.72
N GLU A 31 5.37 -5.73 -12.47
CA GLU A 31 5.59 -5.29 -13.84
C GLU A 31 6.50 -4.05 -13.89
N GLU A 32 6.27 -3.06 -13.02
CA GLU A 32 7.15 -1.88 -12.94
C GLU A 32 8.48 -2.19 -12.27
N LEU A 33 8.49 -3.03 -11.23
CA LEU A 33 9.76 -3.53 -10.68
C LEU A 33 10.58 -4.28 -11.76
N LYS A 34 9.94 -4.99 -12.68
CA LYS A 34 10.60 -5.62 -13.84
C LYS A 34 11.09 -4.61 -14.88
N ARG A 35 10.38 -3.49 -15.11
CA ARG A 35 10.88 -2.35 -15.93
C ARG A 35 12.16 -1.73 -15.37
N GLN A 36 12.31 -1.76 -14.05
CA GLN A 36 13.52 -1.34 -13.33
C GLN A 36 14.66 -2.38 -13.35
N GLY A 37 14.41 -3.56 -13.90
CA GLY A 37 15.40 -4.60 -14.17
C GLY A 37 15.66 -5.51 -12.97
N LYS A 38 14.77 -5.50 -11.97
CA LYS A 38 14.86 -6.39 -10.80
C LYS A 38 14.75 -7.87 -11.19
N SER A 39 15.31 -8.72 -10.32
CA SER A 39 15.34 -10.17 -10.48
C SER A 39 14.04 -10.83 -10.02
N PRO A 40 13.69 -12.02 -10.53
CA PRO A 40 12.41 -12.68 -10.20
C PRO A 40 12.29 -13.03 -8.72
N ASP A 41 13.41 -13.27 -8.03
CA ASP A 41 13.47 -13.46 -6.57
C ASP A 41 13.12 -12.17 -5.80
N GLU A 42 13.62 -11.02 -6.26
CA GLU A 42 13.35 -9.71 -5.66
C GLU A 42 11.88 -9.31 -5.84
N ILE A 43 11.38 -9.55 -7.05
CA ILE A 43 9.97 -9.33 -7.42
C ILE A 43 9.05 -10.20 -6.59
N GLN A 44 9.32 -11.51 -6.51
CA GLN A 44 8.53 -12.47 -5.72
C GLN A 44 8.49 -12.06 -4.24
N LYS A 45 9.65 -11.72 -3.67
CA LYS A 45 9.76 -11.20 -2.31
C LYS A 45 8.94 -9.93 -2.13
N ALA A 46 9.02 -8.97 -3.05
CA ALA A 46 8.25 -7.73 -2.98
C ALA A 46 6.73 -7.97 -3.00
N LYS A 47 6.21 -8.88 -3.85
CA LYS A 47 4.80 -9.29 -3.83
C LYS A 47 4.37 -9.82 -2.46
N ASP A 48 5.14 -10.76 -1.90
CA ASP A 48 4.84 -11.34 -0.59
C ASP A 48 4.99 -10.36 0.56
N GLU A 49 5.90 -9.39 0.51
CA GLU A 49 6.02 -8.35 1.54
C GLU A 49 4.73 -7.52 1.61
N VAL A 50 4.23 -7.09 0.47
CA VAL A 50 2.98 -6.30 0.39
C VAL A 50 1.80 -7.14 0.91
N LYS A 51 1.66 -8.39 0.44
CA LYS A 51 0.61 -9.34 0.78
C LYS A 51 0.61 -9.66 2.28
N THR A 52 1.77 -9.98 2.85
CA THR A 52 1.87 -10.33 4.27
C THR A 52 1.68 -9.10 5.17
N LYS A 53 2.13 -7.92 4.75
CA LYS A 53 1.89 -6.66 5.48
C LYS A 53 0.40 -6.32 5.58
N VAL A 54 -0.36 -6.41 4.48
CA VAL A 54 -1.80 -6.11 4.53
C VAL A 54 -2.57 -7.20 5.27
N GLU A 55 -2.15 -8.47 5.14
CA GLU A 55 -2.78 -9.59 5.83
C GLU A 55 -2.66 -9.45 7.35
N GLN A 56 -1.45 -9.24 7.87
CA GLN A 56 -1.26 -9.02 9.30
C GLN A 56 -2.00 -7.77 9.79
N ALA A 57 -2.07 -6.70 8.99
CA ALA A 57 -2.81 -5.50 9.36
C ALA A 57 -4.32 -5.78 9.46
N ILE A 58 -4.91 -6.43 8.45
CA ILE A 58 -6.35 -6.73 8.45
C ILE A 58 -6.70 -7.69 9.58
N ARG A 59 -5.86 -8.71 9.84
CA ARG A 59 -6.03 -9.68 10.93
C ARG A 59 -6.04 -9.02 12.31
N GLU A 60 -5.32 -7.91 12.48
CA GLU A 60 -5.37 -7.08 13.67
C GLU A 60 -6.67 -6.30 13.77
N TRP A 61 -7.09 -5.61 12.71
CA TRP A 61 -8.37 -4.87 12.71
C TRP A 61 -9.56 -5.80 12.99
N LYS A 62 -9.54 -7.01 12.41
CA LYS A 62 -10.62 -8.00 12.57
C LYS A 62 -10.81 -8.48 14.02
N GLN A 63 -9.73 -8.51 14.80
CA GLN A 63 -9.75 -8.80 16.24
C GLN A 63 -9.94 -7.55 17.11
N GLY A 64 -10.32 -6.43 16.50
CA GLY A 64 -10.58 -5.13 17.13
C GLY A 64 -9.35 -4.24 17.30
N ASN A 65 -8.20 -4.62 16.72
CA ASN A 65 -6.91 -3.98 16.97
C ASN A 65 -6.57 -2.89 15.92
N GLU A 66 -7.46 -1.92 15.78
CA GLU A 66 -7.38 -0.87 14.74
C GLU A 66 -6.05 -0.12 14.77
N GLU A 67 -5.50 0.08 15.97
CA GLU A 67 -4.23 0.78 16.22
C GLU A 67 -3.00 0.00 15.72
N GLN A 68 -3.01 -1.34 15.79
CA GLN A 68 -1.94 -2.17 15.21
C GLN A 68 -2.10 -2.27 13.69
N ALA A 69 -3.34 -2.49 13.24
CA ALA A 69 -3.69 -2.64 11.82
C ALA A 69 -3.25 -1.43 10.99
N ARG A 70 -3.56 -0.21 11.45
CA ARG A 70 -3.09 1.00 10.78
C ARG A 70 -1.56 1.14 10.79
N LYS A 71 -0.87 0.60 11.81
CA LYS A 71 0.59 0.69 11.96
C LYS A 71 1.29 -0.14 10.88
N ASP A 72 0.84 -1.37 10.66
CA ASP A 72 1.41 -2.25 9.64
C ASP A 72 1.06 -1.78 8.21
N MET A 73 -0.15 -1.23 8.00
CA MET A 73 -0.49 -0.58 6.74
C MET A 73 0.31 0.72 6.51
N ARG A 74 0.58 1.53 7.54
CA ARG A 74 1.43 2.74 7.43
C ARG A 74 2.80 2.44 6.81
N LYS A 75 3.40 1.29 7.12
CA LYS A 75 4.70 0.89 6.53
C LYS A 75 4.61 0.67 5.02
N VAL A 76 3.48 0.14 4.58
CA VAL A 76 3.10 -0.06 3.17
C VAL A 76 2.77 1.27 2.48
N LEU A 77 2.12 2.22 3.15
CA LEU A 77 1.84 3.57 2.60
C LEU A 77 3.14 4.32 2.23
N LYS A 78 4.21 4.17 3.03
CA LYS A 78 5.53 4.78 2.76
C LYS A 78 6.39 3.93 1.82
N SER A 79 6.12 2.63 1.72
CA SER A 79 6.91 1.69 0.91
C SER A 79 6.77 1.96 -0.60
N PRO A 80 7.87 1.99 -1.37
CA PRO A 80 7.84 2.38 -2.79
C PRO A 80 7.14 1.34 -3.68
N ALA A 81 7.21 0.06 -3.32
CA ALA A 81 6.51 -1.02 -4.02
C ALA A 81 5.00 -0.76 -4.11
N PHE A 82 4.39 -0.23 -3.04
CA PHE A 82 2.96 0.04 -3.01
C PHE A 82 2.57 1.22 -3.92
N LYS A 83 3.45 2.22 -4.03
CA LYS A 83 3.32 3.30 -5.02
C LYS A 83 3.42 2.74 -6.44
N GLN A 84 4.35 1.82 -6.72
CA GLN A 84 4.47 1.20 -8.05
C GLN A 84 3.24 0.32 -8.37
N ALA A 85 2.69 -0.38 -7.39
CA ALA A 85 1.46 -1.16 -7.54
C ALA A 85 0.28 -0.31 -8.04
N VAL A 86 -0.02 0.78 -7.34
CA VAL A 86 -1.15 1.67 -7.67
C VAL A 86 -0.90 2.42 -8.97
N LYS A 87 0.35 2.75 -9.28
CA LYS A 87 0.72 3.45 -10.51
C LYS A 87 0.43 2.61 -11.76
N VAL A 88 0.72 1.30 -11.71
CA VAL A 88 0.52 0.36 -12.83
C VAL A 88 -0.97 0.16 -13.12
N MET A 89 -1.81 0.05 -12.09
CA MET A 89 -3.26 -0.05 -12.25
C MET A 89 -3.92 1.28 -12.62
N GLU A 90 -3.41 2.43 -12.19
CA GLU A 90 -3.94 3.76 -12.56
C GLU A 90 -3.72 4.09 -14.05
N GLU A 91 -2.65 3.59 -14.67
CA GLU A 91 -2.45 3.68 -16.13
C GLU A 91 -3.52 2.92 -16.93
N GLN A 92 -4.01 1.80 -16.39
CA GLN A 92 -4.97 0.90 -17.03
C GLN A 92 -6.43 1.28 -16.73
N GLU A 93 -6.71 1.68 -15.48
CA GLU A 93 -8.04 2.05 -14.97
C GLU A 93 -7.98 3.44 -14.30
N PRO A 94 -7.83 4.53 -15.08
CA PRO A 94 -7.63 5.88 -14.53
C PRO A 94 -8.85 6.44 -13.80
N ASN A 95 -10.06 6.00 -14.18
CA ASN A 95 -11.31 6.41 -13.57
C ASN A 95 -11.87 5.38 -12.55
N ASN A 96 -11.04 4.44 -12.08
CA ASN A 96 -11.48 3.40 -11.15
C ASN A 96 -11.79 4.00 -9.76
N PRO A 97 -12.99 3.84 -9.19
CA PRO A 97 -13.25 4.26 -7.81
C PRO A 97 -12.34 3.55 -6.82
N GLU A 98 -12.02 2.28 -7.05
CA GLU A 98 -11.15 1.49 -6.16
C GLU A 98 -9.69 1.93 -6.24
N VAL A 99 -9.19 2.36 -7.42
CA VAL A 99 -7.84 2.91 -7.54
C VAL A 99 -7.80 4.31 -6.94
N GLN A 100 -8.73 5.19 -7.30
CA GLN A 100 -8.72 6.57 -6.83
C GLN A 100 -8.93 6.68 -5.31
N GLU A 101 -9.72 5.80 -4.69
CA GLU A 101 -9.88 5.78 -3.23
C GLU A 101 -8.59 5.33 -2.52
N LEU A 102 -7.89 4.32 -3.05
CA LEU A 102 -6.59 3.86 -2.53
C LEU A 102 -5.49 4.92 -2.74
N LYS A 103 -5.39 5.43 -3.98
CA LYS A 103 -4.42 6.44 -4.43
C LYS A 103 -4.56 7.74 -3.65
N LYS A 104 -5.78 8.24 -3.40
CA LYS A 104 -5.97 9.47 -2.59
C LYS A 104 -5.54 9.31 -1.14
N ALA A 105 -5.69 8.12 -0.53
CA ALA A 105 -5.17 7.86 0.82
C ALA A 105 -3.64 8.02 0.86
N MET A 106 -2.93 7.44 -0.11
CA MET A 106 -1.47 7.58 -0.29
C MET A 106 -1.03 9.01 -0.66
N GLU A 107 -1.66 9.59 -1.67
CA GLU A 107 -1.33 10.93 -2.20
C GLU A 107 -1.42 12.01 -1.11
N GLU A 108 -2.45 11.96 -0.28
CA GLU A 108 -2.63 12.84 0.88
C GLU A 108 -1.67 12.51 2.05
N ALA A 109 -1.26 11.24 2.23
CA ALA A 109 -0.22 10.86 3.19
C ALA A 109 1.18 11.35 2.75
N GLU A 110 1.47 11.34 1.45
CA GLU A 110 2.75 11.76 0.86
C GLU A 110 2.93 13.29 0.92
N ARG A 111 1.82 14.02 0.79
CA ARG A 111 1.74 15.47 1.05
C ARG A 111 1.73 15.81 2.56
N GLY A 112 1.29 14.86 3.40
CA GLY A 112 1.40 14.88 4.85
C GLY A 112 2.75 14.36 5.37
N SER A 113 2.75 13.74 6.56
CA SER A 113 3.95 13.22 7.22
C SER A 113 4.48 11.92 6.59
N LEU A 114 5.79 11.88 6.32
CA LEU A 114 6.53 10.69 5.85
C LEU A 114 7.60 10.20 6.84
N GLU A 115 7.82 10.91 7.95
CA GLU A 115 8.84 10.60 8.95
C GLU A 115 8.50 9.38 9.83
N HIS A 116 9.53 8.74 10.39
CA HIS A 116 9.44 7.70 11.42
C HIS A 116 10.74 7.64 12.24
N HIS A 117 10.67 7.12 13.47
CA HIS A 117 11.82 6.99 14.38
C HIS A 117 11.73 5.77 15.31
N HIS A 118 10.53 5.43 15.79
CA HIS A 118 10.28 4.23 16.60
C HIS A 118 10.42 2.94 15.76
N HIS A 119 11.09 1.93 16.33
CA HIS A 119 11.41 0.63 15.72
C HIS A 119 12.30 0.70 14.45
N HIS A 120 12.84 -0.45 14.04
CA HIS A 120 13.73 -0.60 12.87
C HIS A 120 13.00 -0.53 11.51
N HIS A 121 11.67 -0.72 11.50
CA HIS A 121 10.82 -0.86 10.30
C HIS A 121 9.66 0.14 10.32
N GLY A 1 1.67 14.85 10.97
CA GLY A 1 1.61 14.18 12.28
C GLY A 1 0.74 12.93 12.22
N ASP A 2 -0.29 12.85 13.06
CA ASP A 2 -1.11 11.63 13.24
C ASP A 2 -2.23 11.41 12.19
N GLU A 3 -2.48 12.39 11.32
CA GLU A 3 -3.47 12.24 10.25
C GLU A 3 -3.06 11.20 9.21
N ALA A 4 -1.75 11.03 8.95
CA ALA A 4 -1.21 10.02 8.04
C ALA A 4 -1.52 8.59 8.51
N GLU A 5 -1.80 8.42 9.80
CA GLU A 5 -2.19 7.12 10.38
C GLU A 5 -3.67 6.81 10.07
N LYS A 6 -4.55 7.81 10.06
CA LYS A 6 -5.93 7.69 9.53
C LYS A 6 -5.95 7.50 8.00
N GLN A 7 -5.00 8.06 7.24
CA GLN A 7 -4.84 7.71 5.83
C GLN A 7 -4.50 6.22 5.64
N ALA A 8 -3.68 5.65 6.54
CA ALA A 8 -3.42 4.22 6.56
C ALA A 8 -4.68 3.40 6.91
N GLU A 9 -5.48 3.85 7.88
CA GLU A 9 -6.77 3.22 8.26
C GLU A 9 -7.74 3.13 7.05
N ARG A 10 -7.82 4.19 6.24
CA ARG A 10 -8.68 4.27 5.04
C ARG A 10 -8.23 3.33 3.93
N ALA A 11 -6.92 3.25 3.69
CA ALA A 11 -6.35 2.28 2.75
C ALA A 11 -6.44 0.83 3.25
N LEU A 12 -6.32 0.61 4.57
CA LEU A 12 -6.34 -0.71 5.23
C LEU A 12 -7.70 -1.36 5.05
N GLU A 13 -8.79 -0.62 5.28
CA GLU A 13 -10.14 -1.13 5.09
C GLU A 13 -10.49 -1.35 3.61
N LEU A 14 -9.96 -0.55 2.68
CA LEU A 14 -10.17 -0.74 1.23
C LEU A 14 -9.60 -2.09 0.77
N VAL A 15 -8.35 -2.40 1.10
CA VAL A 15 -7.70 -3.67 0.70
C VAL A 15 -8.28 -4.90 1.42
N ARG A 16 -8.92 -4.70 2.58
CA ARG A 16 -9.65 -5.72 3.33
C ARG A 16 -11.00 -6.06 2.70
N LYS A 17 -11.77 -5.05 2.29
CA LYS A 17 -13.14 -5.21 1.76
C LYS A 17 -13.12 -5.65 0.29
N SER A 18 -12.08 -5.25 -0.44
CA SER A 18 -11.78 -5.73 -1.79
C SER A 18 -10.48 -6.55 -1.79
N PRO A 19 -10.50 -7.84 -1.38
CA PRO A 19 -9.30 -8.68 -1.40
C PRO A 19 -8.79 -8.97 -2.82
N ASP A 20 -9.65 -8.87 -3.85
CA ASP A 20 -9.25 -9.00 -5.25
C ASP A 20 -8.50 -7.76 -5.77
N LEU A 21 -8.78 -6.57 -5.20
CA LEU A 21 -8.01 -5.34 -5.42
C LEU A 21 -6.59 -5.51 -4.87
N LEU A 22 -6.48 -6.16 -3.71
CA LEU A 22 -5.17 -6.48 -3.14
C LEU A 22 -4.43 -7.54 -3.98
N LYS A 23 -5.14 -8.57 -4.45
CA LYS A 23 -4.60 -9.67 -5.28
C LYS A 23 -3.99 -9.19 -6.60
N LYS A 24 -4.52 -8.11 -7.18
CA LYS A 24 -3.91 -7.43 -8.33
C LYS A 24 -2.84 -6.42 -7.95
N LEU A 25 -2.92 -5.77 -6.78
CA LEU A 25 -1.96 -4.76 -6.32
C LEU A 25 -0.53 -5.33 -6.23
N LEU A 26 -0.30 -6.43 -5.49
CA LEU A 26 1.03 -7.04 -5.42
C LEU A 26 1.49 -7.54 -6.80
N GLU A 27 0.57 -8.06 -7.61
CA GLU A 27 0.83 -8.59 -8.95
C GLU A 27 1.16 -7.49 -9.98
N ALA A 28 0.61 -6.29 -9.79
CA ALA A 28 0.81 -5.12 -10.64
C ALA A 28 2.18 -4.47 -10.39
N MET A 29 2.60 -4.31 -9.13
CA MET A 29 3.94 -3.81 -8.78
C MET A 29 5.06 -4.65 -9.43
N ALA A 30 4.90 -5.98 -9.45
CA ALA A 30 5.86 -6.89 -10.07
C ALA A 30 6.16 -6.53 -11.53
N GLU A 31 5.17 -6.01 -12.27
CA GLU A 31 5.34 -5.60 -13.65
C GLU A 31 6.18 -4.31 -13.76
N GLU A 32 5.96 -3.34 -12.89
CA GLU A 32 6.79 -2.13 -12.86
C GLU A 32 8.22 -2.42 -12.38
N LEU A 33 8.38 -3.27 -11.36
CA LEU A 33 9.71 -3.75 -11.00
C LEU A 33 10.39 -4.47 -12.19
N LYS A 34 9.63 -5.24 -12.99
CA LYS A 34 10.15 -5.90 -14.21
C LYS A 34 10.51 -4.91 -15.31
N ARG A 35 9.77 -3.81 -15.49
CA ARG A 35 10.08 -2.69 -16.41
C ARG A 35 11.39 -1.98 -16.08
N GLN A 36 11.74 -1.94 -14.80
CA GLN A 36 13.07 -1.50 -14.30
C GLN A 36 14.17 -2.56 -14.42
N GLY A 37 13.84 -3.80 -14.75
CA GLY A 37 14.78 -4.89 -15.05
C GLY A 37 15.21 -5.70 -13.83
N LYS A 38 14.43 -5.68 -12.73
CA LYS A 38 14.72 -6.47 -11.52
C LYS A 38 14.62 -7.98 -11.77
N SER A 39 15.24 -8.75 -10.89
CA SER A 39 15.27 -10.23 -10.92
C SER A 39 13.99 -10.85 -10.35
N PRO A 40 13.61 -12.07 -10.79
CA PRO A 40 12.41 -12.76 -10.32
C PRO A 40 12.42 -13.01 -8.80
N ASP A 41 13.59 -13.20 -8.20
CA ASP A 41 13.75 -13.35 -6.75
C ASP A 41 13.39 -12.07 -5.98
N GLU A 42 13.86 -10.91 -6.43
CA GLU A 42 13.59 -9.61 -5.81
C GLU A 42 12.11 -9.22 -6.01
N ILE A 43 11.55 -9.52 -7.17
CA ILE A 43 10.12 -9.33 -7.48
C ILE A 43 9.26 -10.20 -6.56
N GLN A 44 9.58 -11.49 -6.44
CA GLN A 44 8.87 -12.42 -5.56
C GLN A 44 8.89 -11.93 -4.10
N LYS A 45 10.06 -11.53 -3.60
CA LYS A 45 10.22 -10.96 -2.26
C LYS A 45 9.42 -9.67 -2.07
N ALA A 46 9.34 -8.82 -3.10
CA ALA A 46 8.51 -7.61 -3.08
C ALA A 46 7.01 -7.92 -3.02
N LYS A 47 6.49 -8.89 -3.80
CA LYS A 47 5.07 -9.31 -3.72
C LYS A 47 4.72 -9.78 -2.31
N ASP A 48 5.53 -10.65 -1.73
CA ASP A 48 5.31 -11.17 -0.38
C ASP A 48 5.46 -10.10 0.72
N GLU A 49 6.35 -9.11 0.58
CA GLU A 49 6.52 -8.08 1.61
C GLU A 49 5.32 -7.10 1.68
N VAL A 50 4.64 -6.84 0.55
CA VAL A 50 3.38 -6.09 0.51
C VAL A 50 2.25 -6.94 1.10
N LYS A 51 2.14 -8.20 0.67
CA LYS A 51 1.11 -9.17 1.07
C LYS A 51 1.14 -9.45 2.57
N THR A 52 2.32 -9.72 3.12
CA THR A 52 2.47 -10.03 4.55
C THR A 52 2.20 -8.79 5.41
N LYS A 53 2.57 -7.59 4.94
CA LYS A 53 2.25 -6.34 5.62
C LYS A 53 0.75 -6.06 5.72
N VAL A 54 0.00 -6.18 4.62
CA VAL A 54 -1.47 -6.02 4.67
C VAL A 54 -2.14 -7.13 5.47
N GLU A 55 -1.64 -8.36 5.39
CA GLU A 55 -2.19 -9.50 6.14
C GLU A 55 -2.02 -9.31 7.65
N GLN A 56 -0.81 -8.99 8.12
CA GLN A 56 -0.59 -8.71 9.54
C GLN A 56 -1.40 -7.49 10.01
N ALA A 57 -1.63 -6.48 9.15
CA ALA A 57 -2.49 -5.36 9.50
C ALA A 57 -3.96 -5.78 9.66
N ILE A 58 -4.52 -6.49 8.66
CA ILE A 58 -5.93 -6.92 8.69
C ILE A 58 -6.18 -7.90 9.84
N ARG A 59 -5.24 -8.81 10.11
CA ARG A 59 -5.31 -9.76 11.24
C ARG A 59 -5.34 -9.08 12.60
N GLU A 60 -4.75 -7.89 12.74
CA GLU A 60 -4.88 -7.07 13.93
C GLU A 60 -6.25 -6.40 14.00
N TRP A 61 -6.71 -5.74 12.93
CA TRP A 61 -8.05 -5.12 12.94
C TRP A 61 -9.15 -6.13 13.25
N LYS A 62 -9.05 -7.34 12.69
CA LYS A 62 -10.03 -8.42 12.86
C LYS A 62 -10.16 -8.89 14.31
N GLN A 63 -9.10 -8.77 15.11
CA GLN A 63 -9.09 -9.07 16.56
C GLN A 63 -9.39 -7.83 17.43
N GLY A 64 -9.85 -6.73 16.80
CA GLY A 64 -10.21 -5.46 17.42
C GLY A 64 -9.05 -4.46 17.53
N ASN A 65 -7.90 -4.76 16.91
CA ASN A 65 -6.67 -3.97 17.02
C ASN A 65 -6.50 -3.01 15.82
N GLU A 66 -7.46 -2.10 15.64
CA GLU A 66 -7.43 -1.04 14.60
C GLU A 66 -6.11 -0.25 14.64
N GLU A 67 -5.68 0.08 15.86
CA GLU A 67 -4.46 0.85 16.13
C GLU A 67 -3.20 0.16 15.60
N GLN A 68 -3.08 -1.17 15.72
CA GLN A 68 -1.94 -1.92 15.19
C GLN A 68 -2.05 -2.12 13.67
N ALA A 69 -3.29 -2.30 13.17
CA ALA A 69 -3.57 -2.45 11.75
C ALA A 69 -3.15 -1.21 10.96
N ARG A 70 -3.54 -0.02 11.42
CA ARG A 70 -3.14 1.24 10.76
C ARG A 70 -1.63 1.48 10.83
N LYS A 71 -0.93 1.00 11.87
CA LYS A 71 0.54 1.09 11.98
C LYS A 71 1.24 0.22 10.93
N ASP A 72 0.83 -1.05 10.76
CA ASP A 72 1.42 -1.94 9.76
C ASP A 72 1.10 -1.48 8.32
N MET A 73 -0.12 -1.00 8.07
CA MET A 73 -0.48 -0.39 6.78
C MET A 73 0.28 0.92 6.53
N ARG A 74 0.52 1.77 7.55
CA ARG A 74 1.29 3.02 7.42
C ARG A 74 2.68 2.82 6.81
N LYS A 75 3.35 1.70 7.13
CA LYS A 75 4.67 1.40 6.53
C LYS A 75 4.57 1.14 5.03
N VAL A 76 3.47 0.54 4.60
CA VAL A 76 3.12 0.24 3.20
C VAL A 76 2.72 1.51 2.44
N LEU A 77 1.97 2.43 3.05
CA LEU A 77 1.60 3.72 2.42
C LEU A 77 2.83 4.50 1.92
N LYS A 78 3.93 4.46 2.68
CA LYS A 78 5.20 5.14 2.35
C LYS A 78 6.21 4.26 1.61
N SER A 79 6.09 2.93 1.72
CA SER A 79 6.98 1.98 1.02
C SER A 79 6.85 2.12 -0.50
N PRO A 80 7.97 2.20 -1.25
CA PRO A 80 7.94 2.53 -2.67
C PRO A 80 7.23 1.48 -3.51
N ALA A 81 7.31 0.19 -3.15
CA ALA A 81 6.63 -0.90 -3.84
C ALA A 81 5.13 -0.68 -3.97
N PHE A 82 4.49 -0.07 -2.96
CA PHE A 82 3.05 0.19 -2.98
C PHE A 82 2.68 1.33 -3.94
N LYS A 83 3.56 2.33 -4.07
CA LYS A 83 3.47 3.36 -5.11
C LYS A 83 3.61 2.73 -6.50
N GLN A 84 4.52 1.76 -6.69
CA GLN A 84 4.65 1.06 -7.98
C GLN A 84 3.42 0.19 -8.26
N ALA A 85 2.82 -0.44 -7.25
CA ALA A 85 1.58 -1.20 -7.37
C ALA A 85 0.43 -0.36 -7.92
N VAL A 86 0.14 0.79 -7.28
CA VAL A 86 -0.96 1.67 -7.66
C VAL A 86 -0.69 2.33 -9.01
N LYS A 87 0.58 2.62 -9.34
CA LYS A 87 0.94 3.29 -10.60
C LYS A 87 0.56 2.44 -11.83
N VAL A 88 0.78 1.12 -11.81
CA VAL A 88 0.43 0.25 -12.96
C VAL A 88 -1.07 0.07 -13.13
N MET A 89 -1.82 -0.10 -12.04
CA MET A 89 -3.29 -0.15 -12.12
C MET A 89 -3.89 1.20 -12.55
N GLU A 90 -3.25 2.34 -12.23
CA GLU A 90 -3.66 3.66 -12.72
C GLU A 90 -3.38 3.87 -14.22
N GLU A 91 -2.30 3.29 -14.76
CA GLU A 91 -2.02 3.27 -16.21
C GLU A 91 -3.10 2.50 -16.99
N GLN A 92 -3.56 1.37 -16.44
CA GLN A 92 -4.56 0.49 -17.07
C GLN A 92 -5.99 1.00 -16.89
N GLU A 93 -6.34 1.45 -15.69
CA GLU A 93 -7.68 1.88 -15.28
C GLU A 93 -7.62 3.28 -14.64
N PRO A 94 -7.49 4.36 -15.43
CA PRO A 94 -7.31 5.72 -14.91
C PRO A 94 -8.58 6.28 -14.25
N ASN A 95 -9.77 5.81 -14.65
CA ASN A 95 -11.06 6.25 -14.10
C ASN A 95 -11.58 5.32 -12.98
N ASN A 96 -10.76 4.40 -12.47
CA ASN A 96 -11.20 3.39 -11.48
C ASN A 96 -11.48 4.04 -10.11
N PRO A 97 -12.68 3.91 -9.51
CA PRO A 97 -12.93 4.39 -8.15
C PRO A 97 -12.02 3.70 -7.14
N GLU A 98 -11.73 2.41 -7.32
CA GLU A 98 -10.88 1.64 -6.41
C GLU A 98 -9.39 1.99 -6.54
N VAL A 99 -8.93 2.48 -7.70
CA VAL A 99 -7.56 2.99 -7.82
C VAL A 99 -7.49 4.40 -7.26
N GLN A 100 -8.39 5.30 -7.70
CA GLN A 100 -8.30 6.72 -7.32
C GLN A 100 -8.53 6.94 -5.82
N GLU A 101 -9.42 6.15 -5.18
CA GLU A 101 -9.62 6.29 -3.73
C GLU A 101 -8.43 5.76 -2.90
N LEU A 102 -7.74 4.72 -3.39
CA LEU A 102 -6.51 4.21 -2.77
C LEU A 102 -5.34 5.18 -3.00
N LYS A 103 -5.17 5.66 -4.25
CA LYS A 103 -4.15 6.65 -4.64
C LYS A 103 -4.27 7.92 -3.80
N LYS A 104 -5.49 8.42 -3.63
CA LYS A 104 -5.79 9.62 -2.82
C LYS A 104 -5.32 9.48 -1.38
N ALA A 105 -5.54 8.32 -0.76
CA ALA A 105 -5.07 8.05 0.61
C ALA A 105 -3.54 8.17 0.72
N MET A 106 -2.79 7.58 -0.22
CA MET A 106 -1.33 7.70 -0.32
C MET A 106 -0.85 9.11 -0.65
N GLU A 107 -1.43 9.76 -1.67
CA GLU A 107 -1.08 11.13 -2.07
C GLU A 107 -1.19 12.12 -0.90
N GLU A 108 -2.14 11.94 0.02
CA GLU A 108 -2.19 12.68 1.29
C GLU A 108 -1.19 12.17 2.34
N ALA A 109 -1.05 10.85 2.55
CA ALA A 109 -0.14 10.27 3.55
C ALA A 109 1.34 10.63 3.33
N GLU A 110 1.76 10.75 2.06
CA GLU A 110 3.10 11.15 1.64
C GLU A 110 3.47 12.57 2.12
N ARG A 111 2.45 13.44 2.29
CA ARG A 111 2.57 14.84 2.72
C ARG A 111 2.25 15.03 4.21
N GLY A 112 1.43 14.15 4.79
CA GLY A 112 1.09 14.11 6.22
C GLY A 112 2.22 13.57 7.12
N SER A 113 3.18 12.86 6.53
CA SER A 113 4.45 12.43 7.14
C SER A 113 5.65 12.76 6.23
N LEU A 114 6.79 12.08 6.40
CA LEU A 114 8.01 12.24 5.59
C LEU A 114 8.68 13.64 5.66
N GLU A 115 8.33 14.46 6.66
CA GLU A 115 8.87 15.81 6.88
C GLU A 115 9.84 15.86 8.07
N HIS A 116 10.90 16.69 7.96
CA HIS A 116 12.03 16.81 8.91
C HIS A 116 12.89 15.54 9.10
N HIS A 117 14.08 15.73 9.68
CA HIS A 117 15.18 14.75 9.81
C HIS A 117 15.76 14.25 8.47
N HIS A 118 16.99 13.72 8.51
CA HIS A 118 17.74 13.23 7.34
C HIS A 118 18.74 12.13 7.71
N HIS A 119 19.17 11.33 6.72
CA HIS A 119 20.17 10.28 6.82
C HIS A 119 21.55 10.74 6.30
N HIS A 120 22.50 9.81 6.12
CA HIS A 120 23.90 10.08 5.73
C HIS A 120 24.04 10.48 4.24
N HIS A 121 23.66 11.72 3.92
CA HIS A 121 23.77 12.38 2.61
C HIS A 121 23.19 11.55 1.44
N GLY A 1 0.66 16.11 14.55
CA GLY A 1 1.28 15.42 13.40
C GLY A 1 1.01 13.93 13.47
N ASP A 2 -0.10 13.48 12.89
CA ASP A 2 -0.61 12.10 12.97
C ASP A 2 -1.66 11.74 11.90
N GLU A 3 -1.99 12.67 11.02
CA GLU A 3 -2.94 12.47 9.91
C GLU A 3 -2.54 11.31 8.98
N ALA A 4 -1.25 11.17 8.67
CA ALA A 4 -0.73 10.12 7.78
C ALA A 4 -0.91 8.70 8.36
N GLU A 5 -1.06 8.58 9.68
CA GLU A 5 -1.37 7.31 10.34
C GLU A 5 -2.82 6.87 10.10
N LYS A 6 -3.77 7.80 10.14
CA LYS A 6 -5.18 7.57 9.79
C LYS A 6 -5.40 7.36 8.28
N GLN A 7 -4.59 7.97 7.39
CA GLN A 7 -4.61 7.62 5.97
C GLN A 7 -4.32 6.12 5.72
N ALA A 8 -3.45 5.52 6.54
CA ALA A 8 -3.23 4.08 6.50
C ALA A 8 -4.49 3.27 6.86
N GLU A 9 -5.29 3.73 7.84
CA GLU A 9 -6.58 3.11 8.19
C GLU A 9 -7.57 3.11 7.00
N ARG A 10 -7.55 4.17 6.18
CA ARG A 10 -8.41 4.32 4.98
C ARG A 10 -7.99 3.43 3.82
N ALA A 11 -6.70 3.35 3.56
CA ALA A 11 -6.14 2.39 2.62
C ALA A 11 -6.31 0.93 3.10
N LEU A 12 -6.22 0.69 4.41
CA LEU A 12 -6.36 -0.63 5.04
C LEU A 12 -7.79 -1.16 4.82
N GLU A 13 -8.81 -0.36 5.15
CA GLU A 13 -10.21 -0.79 5.06
C GLU A 13 -10.62 -1.09 3.61
N LEU A 14 -10.04 -0.36 2.64
CA LEU A 14 -10.25 -0.64 1.22
C LEU A 14 -9.68 -2.03 0.86
N VAL A 15 -8.41 -2.30 1.14
CA VAL A 15 -7.82 -3.61 0.74
C VAL A 15 -8.41 -4.78 1.54
N ARG A 16 -8.93 -4.52 2.76
CA ARG A 16 -9.68 -5.49 3.56
C ARG A 16 -11.02 -5.86 2.93
N LYS A 17 -11.78 -4.86 2.46
CA LYS A 17 -13.14 -5.06 1.89
C LYS A 17 -13.10 -5.53 0.45
N SER A 18 -12.07 -5.13 -0.29
CA SER A 18 -11.78 -5.59 -1.66
C SER A 18 -10.49 -6.42 -1.71
N PRO A 19 -10.52 -7.72 -1.33
CA PRO A 19 -9.36 -8.61 -1.46
C PRO A 19 -9.00 -8.91 -2.92
N ASP A 20 -9.95 -8.75 -3.86
CA ASP A 20 -9.71 -8.90 -5.30
C ASP A 20 -8.86 -7.74 -5.85
N LEU A 21 -9.07 -6.53 -5.34
CA LEU A 21 -8.22 -5.35 -5.59
C LEU A 21 -6.80 -5.63 -5.08
N LEU A 22 -6.67 -6.23 -3.90
CA LEU A 22 -5.37 -6.56 -3.32
C LEU A 22 -4.63 -7.61 -4.16
N LYS A 23 -5.34 -8.64 -4.65
CA LYS A 23 -4.80 -9.73 -5.49
C LYS A 23 -4.22 -9.22 -6.81
N LYS A 24 -4.80 -8.18 -7.42
CA LYS A 24 -4.21 -7.49 -8.56
C LYS A 24 -3.13 -6.49 -8.17
N LEU A 25 -3.20 -5.88 -6.99
CA LEU A 25 -2.27 -4.83 -6.55
C LEU A 25 -0.82 -5.33 -6.43
N LEU A 26 -0.58 -6.40 -5.66
CA LEU A 26 0.77 -7.02 -5.60
C LEU A 26 1.22 -7.52 -6.98
N GLU A 27 0.28 -8.00 -7.81
CA GLU A 27 0.55 -8.53 -9.15
C GLU A 27 0.89 -7.43 -10.17
N ALA A 28 0.35 -6.21 -10.00
CA ALA A 28 0.63 -5.05 -10.82
C ALA A 28 2.02 -4.46 -10.49
N MET A 29 2.38 -4.41 -9.20
CA MET A 29 3.69 -3.94 -8.72
C MET A 29 4.87 -4.64 -9.40
N ALA A 30 4.74 -5.94 -9.64
CA ALA A 30 5.75 -6.77 -10.30
C ALA A 30 6.13 -6.27 -11.70
N GLU A 31 5.18 -5.69 -12.44
CA GLU A 31 5.41 -5.21 -13.80
C GLU A 31 6.28 -3.96 -13.83
N GLU A 32 6.05 -3.00 -12.92
CA GLU A 32 6.92 -1.83 -12.82
C GLU A 32 8.28 -2.15 -12.19
N LEU A 33 8.31 -3.06 -11.20
CA LEU A 33 9.59 -3.59 -10.70
C LEU A 33 10.39 -4.28 -11.83
N LYS A 34 9.72 -4.92 -12.79
CA LYS A 34 10.34 -5.47 -13.99
C LYS A 34 10.82 -4.39 -14.99
N ARG A 35 10.12 -3.26 -15.15
CA ARG A 35 10.59 -2.09 -15.93
C ARG A 35 11.83 -1.43 -15.31
N GLN A 36 11.94 -1.53 -13.98
CA GLN A 36 13.10 -1.10 -13.18
C GLN A 36 14.29 -2.09 -13.26
N GLY A 37 14.09 -3.26 -13.88
CA GLY A 37 15.13 -4.24 -14.18
C GLY A 37 15.43 -5.21 -13.03
N LYS A 38 14.52 -5.34 -12.06
CA LYS A 38 14.68 -6.27 -10.93
C LYS A 38 14.61 -7.73 -11.37
N SER A 39 15.17 -8.62 -10.56
CA SER A 39 15.16 -10.07 -10.78
C SER A 39 13.85 -10.71 -10.29
N PRO A 40 13.42 -11.86 -10.85
CA PRO A 40 12.14 -12.48 -10.51
C PRO A 40 12.08 -12.93 -9.04
N ASP A 41 13.22 -13.24 -8.41
CA ASP A 41 13.32 -13.54 -6.98
C ASP A 41 13.00 -12.31 -6.11
N GLU A 42 13.50 -11.14 -6.50
CA GLU A 42 13.27 -9.85 -5.82
C GLU A 42 11.80 -9.43 -5.93
N ILE A 43 11.26 -9.57 -7.13
CA ILE A 43 9.86 -9.32 -7.47
C ILE A 43 8.95 -10.24 -6.65
N GLN A 44 9.20 -11.54 -6.65
CA GLN A 44 8.41 -12.52 -5.88
C GLN A 44 8.41 -12.18 -4.39
N LYS A 45 9.58 -11.87 -3.82
CA LYS A 45 9.71 -11.46 -2.41
C LYS A 45 8.95 -10.16 -2.14
N ALA A 46 9.02 -9.17 -3.04
CA ALA A 46 8.27 -7.91 -2.92
C ALA A 46 6.75 -8.14 -2.89
N LYS A 47 6.20 -8.97 -3.79
CA LYS A 47 4.76 -9.34 -3.76
C LYS A 47 4.35 -9.89 -2.41
N ASP A 48 5.08 -10.88 -1.88
CA ASP A 48 4.78 -11.47 -0.58
C ASP A 48 4.95 -10.51 0.60
N GLU A 49 5.92 -9.59 0.57
CA GLU A 49 6.05 -8.54 1.60
C GLU A 49 4.79 -7.68 1.68
N VAL A 50 4.27 -7.24 0.53
CA VAL A 50 3.03 -6.43 0.47
C VAL A 50 1.82 -7.24 0.96
N LYS A 51 1.68 -8.48 0.50
CA LYS A 51 0.62 -9.42 0.85
C LYS A 51 0.62 -9.72 2.36
N THR A 52 1.78 -10.03 2.94
CA THR A 52 1.88 -10.37 4.37
C THR A 52 1.71 -9.13 5.25
N LYS A 53 2.17 -7.95 4.81
CA LYS A 53 1.94 -6.68 5.53
C LYS A 53 0.46 -6.33 5.67
N VAL A 54 -0.34 -6.42 4.59
CA VAL A 54 -1.78 -6.15 4.67
C VAL A 54 -2.50 -7.22 5.48
N GLU A 55 -2.09 -8.49 5.36
CA GLU A 55 -2.72 -9.62 6.06
C GLU A 55 -2.51 -9.54 7.56
N GLN A 56 -1.29 -9.26 8.02
CA GLN A 56 -0.98 -9.06 9.43
C GLN A 56 -1.69 -7.82 10.00
N ALA A 57 -1.89 -6.76 9.20
CA ALA A 57 -2.71 -5.61 9.60
C ALA A 57 -4.19 -6.00 9.79
N ILE A 58 -4.80 -6.61 8.78
CA ILE A 58 -6.22 -7.01 8.82
C ILE A 58 -6.49 -7.98 9.97
N ARG A 59 -5.56 -8.91 10.26
CA ARG A 59 -5.63 -9.83 11.41
C ARG A 59 -5.67 -9.14 12.77
N GLU A 60 -5.05 -7.97 12.90
CA GLU A 60 -5.13 -7.13 14.09
C GLU A 60 -6.45 -6.36 14.15
N TRP A 61 -6.86 -5.69 13.06
CA TRP A 61 -8.13 -4.94 13.06
C TRP A 61 -9.33 -5.83 13.41
N LYS A 62 -9.35 -7.06 12.86
CA LYS A 62 -10.47 -7.98 13.05
C LYS A 62 -10.63 -8.45 14.50
N GLN A 63 -9.55 -8.48 15.28
CA GLN A 63 -9.56 -8.76 16.72
C GLN A 63 -9.74 -7.49 17.59
N GLY A 64 -10.11 -6.38 16.95
CA GLY A 64 -10.36 -5.08 17.57
C GLY A 64 -9.12 -4.18 17.68
N ASN A 65 -8.00 -4.57 17.06
CA ASN A 65 -6.71 -3.89 17.20
C ASN A 65 -6.45 -2.93 16.01
N GLU A 66 -7.34 -1.95 15.82
CA GLU A 66 -7.25 -0.92 14.77
C GLU A 66 -5.88 -0.24 14.76
N GLU A 67 -5.40 0.13 15.94
CA GLU A 67 -4.15 0.86 16.13
C GLU A 67 -2.90 0.08 15.66
N GLN A 68 -2.90 -1.24 15.81
CA GLN A 68 -1.83 -2.10 15.26
C GLN A 68 -1.99 -2.32 13.75
N ALA A 69 -3.25 -2.44 13.27
CA ALA A 69 -3.56 -2.65 11.87
C ALA A 69 -3.17 -1.45 10.98
N ARG A 70 -3.61 -0.24 11.34
CA ARG A 70 -3.23 0.98 10.60
C ARG A 70 -1.73 1.25 10.68
N LYS A 71 -1.03 0.79 11.74
CA LYS A 71 0.43 0.84 11.87
C LYS A 71 1.11 -0.09 10.87
N ASP A 72 0.67 -1.34 10.74
CA ASP A 72 1.30 -2.26 9.78
C ASP A 72 0.96 -1.94 8.32
N MET A 73 -0.18 -1.30 8.06
CA MET A 73 -0.49 -0.70 6.74
C MET A 73 0.34 0.58 6.49
N ARG A 74 0.62 1.41 7.51
CA ARG A 74 1.54 2.58 7.40
C ARG A 74 2.91 2.21 6.81
N LYS A 75 3.46 1.03 7.13
CA LYS A 75 4.73 0.52 6.52
C LYS A 75 4.64 0.45 5.00
N VAL A 76 3.50 -0.01 4.50
CA VAL A 76 3.14 -0.14 3.08
C VAL A 76 2.83 1.21 2.44
N LEU A 77 2.17 2.14 3.14
CA LEU A 77 1.93 3.50 2.63
C LEU A 77 3.23 4.26 2.35
N LYS A 78 4.26 4.10 3.19
CA LYS A 78 5.57 4.73 2.97
C LYS A 78 6.44 3.93 1.99
N SER A 79 6.21 2.62 1.86
CA SER A 79 7.02 1.74 1.02
C SER A 79 6.88 2.09 -0.47
N PRO A 80 7.99 2.31 -1.21
CA PRO A 80 7.94 2.84 -2.57
C PRO A 80 7.40 1.81 -3.57
N ALA A 81 7.58 0.52 -3.29
CA ALA A 81 7.03 -0.57 -4.09
C ALA A 81 5.49 -0.48 -4.19
N PHE A 82 4.82 -0.09 -3.10
CA PHE A 82 3.36 0.03 -3.08
C PHE A 82 2.85 1.18 -3.96
N LYS A 83 3.61 2.29 -4.03
CA LYS A 83 3.37 3.37 -4.99
C LYS A 83 3.49 2.87 -6.43
N GLN A 84 4.44 1.96 -6.72
CA GLN A 84 4.55 1.34 -8.05
C GLN A 84 3.34 0.43 -8.35
N ALA A 85 2.85 -0.33 -7.36
CA ALA A 85 1.64 -1.15 -7.47
C ALA A 85 0.42 -0.34 -7.93
N VAL A 86 0.14 0.78 -7.25
CA VAL A 86 -0.98 1.69 -7.60
C VAL A 86 -0.75 2.37 -8.94
N LYS A 87 0.49 2.73 -9.28
CA LYS A 87 0.80 3.38 -10.55
C LYS A 87 0.52 2.48 -11.76
N VAL A 88 0.82 1.18 -11.67
CA VAL A 88 0.58 0.21 -12.75
C VAL A 88 -0.91 0.00 -13.01
N MET A 89 -1.72 -0.07 -11.96
CA MET A 89 -3.19 -0.12 -12.12
C MET A 89 -3.78 1.21 -12.59
N GLU A 90 -3.22 2.37 -12.20
CA GLU A 90 -3.66 3.68 -12.69
C GLU A 90 -3.31 3.91 -14.18
N GLU A 91 -2.19 3.35 -14.67
CA GLU A 91 -1.82 3.37 -16.09
C GLU A 91 -2.86 2.65 -16.97
N GLN A 92 -3.45 1.55 -16.47
CA GLN A 92 -4.44 0.74 -17.16
C GLN A 92 -5.87 1.26 -16.98
N GLU A 93 -6.22 1.65 -15.75
CA GLU A 93 -7.57 2.07 -15.34
C GLU A 93 -7.50 3.44 -14.60
N PRO A 94 -7.36 4.57 -15.33
CA PRO A 94 -7.18 5.88 -14.71
C PRO A 94 -8.46 6.40 -14.04
N ASN A 95 -9.64 6.01 -14.53
CA ASN A 95 -10.94 6.41 -13.98
C ASN A 95 -11.51 5.39 -12.96
N ASN A 96 -10.70 4.45 -12.47
CA ASN A 96 -11.19 3.38 -11.58
C ASN A 96 -11.53 3.94 -10.20
N PRO A 97 -12.75 3.74 -9.65
CA PRO A 97 -13.06 4.13 -8.28
C PRO A 97 -12.14 3.42 -7.27
N GLU A 98 -11.82 2.14 -7.50
CA GLU A 98 -10.98 1.37 -6.58
C GLU A 98 -9.49 1.74 -6.67
N VAL A 99 -9.00 2.25 -7.81
CA VAL A 99 -7.65 2.81 -7.89
C VAL A 99 -7.62 4.18 -7.21
N GLN A 100 -8.54 5.07 -7.59
CA GLN A 100 -8.53 6.45 -7.09
C GLN A 100 -8.80 6.54 -5.59
N GLU A 101 -9.65 5.68 -5.04
CA GLU A 101 -9.91 5.66 -3.58
C GLU A 101 -8.70 5.14 -2.78
N LEU A 102 -7.90 4.24 -3.35
CA LEU A 102 -6.62 3.80 -2.77
C LEU A 102 -5.57 4.91 -2.94
N LYS A 103 -5.37 5.42 -4.16
CA LYS A 103 -4.39 6.43 -4.54
C LYS A 103 -4.51 7.68 -3.68
N LYS A 104 -5.74 8.19 -3.51
CA LYS A 104 -6.02 9.40 -2.71
C LYS A 104 -5.64 9.25 -1.24
N ALA A 105 -5.77 8.06 -0.65
CA ALA A 105 -5.32 7.81 0.71
C ALA A 105 -3.79 8.01 0.84
N MET A 106 -3.02 7.47 -0.11
CA MET A 106 -1.56 7.57 -0.13
C MET A 106 -1.08 8.97 -0.52
N GLU A 107 -1.62 9.53 -1.61
CA GLU A 107 -1.30 10.88 -2.08
C GLU A 107 -1.50 11.94 -0.99
N GLU A 108 -2.57 11.88 -0.19
CA GLU A 108 -2.77 12.80 0.94
C GLU A 108 -1.84 12.51 2.13
N ALA A 109 -1.45 11.25 2.36
CA ALA A 109 -0.42 10.90 3.35
C ALA A 109 0.97 11.44 2.96
N GLU A 110 1.32 11.38 1.68
CA GLU A 110 2.63 11.75 1.14
C GLU A 110 2.99 13.22 1.41
N ARG A 111 1.99 14.10 1.41
CA ARG A 111 2.12 15.53 1.72
C ARG A 111 2.45 15.83 3.20
N GLY A 112 2.29 14.87 4.11
CA GLY A 112 2.37 15.07 5.56
C GLY A 112 2.88 13.87 6.36
N SER A 113 3.69 12.99 5.75
CA SER A 113 4.21 11.76 6.39
C SER A 113 5.21 12.05 7.52
N LEU A 114 5.18 11.21 8.56
CA LEU A 114 6.03 11.33 9.74
C LEU A 114 7.37 10.62 9.52
N GLU A 115 8.40 11.42 9.21
CA GLU A 115 9.81 11.02 9.04
C GLU A 115 10.71 11.84 10.00
N HIS A 116 10.68 11.47 11.27
CA HIS A 116 11.25 12.24 12.39
C HIS A 116 12.75 12.59 12.27
N HIS A 117 13.59 11.63 11.84
CA HIS A 117 15.07 11.71 11.79
C HIS A 117 15.76 12.06 13.13
N HIS A 118 17.11 11.98 13.15
CA HIS A 118 17.96 12.46 14.24
C HIS A 118 19.33 12.92 13.69
N HIS A 119 19.75 14.14 14.05
CA HIS A 119 20.91 14.87 13.50
C HIS A 119 20.86 15.13 11.97
N HIS A 120 21.73 16.03 11.48
CA HIS A 120 21.90 16.36 10.06
C HIS A 120 23.38 16.55 9.63
N HIS A 121 24.33 16.18 10.50
CA HIS A 121 25.77 16.37 10.35
C HIS A 121 26.56 15.17 10.91
N GLY A 1 3.81 14.56 10.95
CA GLY A 1 3.37 14.01 12.25
C GLY A 1 2.94 12.56 12.10
N ASP A 2 1.71 12.24 12.52
CA ASP A 2 1.11 10.90 12.47
C ASP A 2 -0.07 10.79 11.47
N GLU A 3 -0.21 11.75 10.56
CA GLU A 3 -1.19 11.73 9.48
C GLU A 3 -1.15 10.44 8.64
N ALA A 4 0.04 9.85 8.43
CA ALA A 4 0.20 8.58 7.71
C ALA A 4 -0.58 7.43 8.37
N GLU A 5 -0.82 7.52 9.68
CA GLU A 5 -1.63 6.56 10.46
C GLU A 5 -3.13 6.76 10.25
N LYS A 6 -3.56 8.02 10.19
CA LYS A 6 -4.94 8.41 9.82
C LYS A 6 -5.28 7.97 8.38
N GLN A 7 -4.34 8.13 7.45
CA GLN A 7 -4.46 7.66 6.06
C GLN A 7 -4.35 6.15 5.91
N ALA A 8 -3.59 5.48 6.79
CA ALA A 8 -3.47 4.02 6.78
C ALA A 8 -4.81 3.33 7.00
N GLU A 9 -5.66 3.85 7.89
CA GLU A 9 -7.04 3.39 8.10
C GLU A 9 -7.87 3.42 6.80
N ARG A 10 -7.70 4.48 6.00
CA ARG A 10 -8.46 4.74 4.75
C ARG A 10 -8.11 3.74 3.64
N ALA A 11 -6.82 3.44 3.48
CA ALA A 11 -6.34 2.43 2.54
C ALA A 11 -6.52 1.00 3.06
N LEU A 12 -6.43 0.77 4.37
CA LEU A 12 -6.56 -0.55 5.00
C LEU A 12 -7.96 -1.12 4.70
N GLU A 13 -8.99 -0.31 4.93
CA GLU A 13 -10.38 -0.74 4.72
C GLU A 13 -10.69 -1.03 3.25
N LEU A 14 -10.04 -0.31 2.31
CA LEU A 14 -10.18 -0.55 0.87
C LEU A 14 -9.66 -1.96 0.51
N VAL A 15 -8.45 -2.32 0.95
CA VAL A 15 -7.86 -3.64 0.66
C VAL A 15 -8.50 -4.77 1.48
N ARG A 16 -9.07 -4.46 2.65
CA ARG A 16 -9.84 -5.40 3.47
C ARG A 16 -11.17 -5.79 2.80
N LYS A 17 -11.90 -4.83 2.26
CA LYS A 17 -13.23 -5.05 1.65
C LYS A 17 -13.13 -5.62 0.24
N SER A 18 -12.07 -5.26 -0.48
CA SER A 18 -11.77 -5.77 -1.83
C SER A 18 -10.46 -6.58 -1.84
N PRO A 19 -10.48 -7.86 -1.44
CA PRO A 19 -9.28 -8.72 -1.49
C PRO A 19 -8.83 -9.02 -2.93
N ASP A 20 -9.72 -8.91 -3.91
CA ASP A 20 -9.41 -9.02 -5.34
C ASP A 20 -8.61 -7.81 -5.85
N LEU A 21 -8.88 -6.61 -5.32
CA LEU A 21 -8.09 -5.40 -5.54
C LEU A 21 -6.67 -5.59 -4.98
N LEU A 22 -6.55 -6.25 -3.83
CA LEU A 22 -5.25 -6.56 -3.25
C LEU A 22 -4.48 -7.59 -4.08
N LYS A 23 -5.14 -8.67 -4.54
CA LYS A 23 -4.54 -9.74 -5.36
C LYS A 23 -3.94 -9.25 -6.68
N LYS A 24 -4.50 -8.19 -7.28
CA LYS A 24 -3.91 -7.47 -8.41
C LYS A 24 -2.87 -6.44 -8.01
N LEU A 25 -2.98 -5.81 -6.85
CA LEU A 25 -2.06 -4.76 -6.39
C LEU A 25 -0.60 -5.24 -6.28
N LEU A 26 -0.34 -6.32 -5.53
CA LEU A 26 1.01 -6.88 -5.44
C LEU A 26 1.50 -7.38 -6.81
N GLU A 27 0.58 -7.93 -7.63
CA GLU A 27 0.88 -8.47 -8.95
C GLU A 27 1.16 -7.37 -10.01
N ALA A 28 0.59 -6.19 -9.83
CA ALA A 28 0.81 -5.01 -10.65
C ALA A 28 2.20 -4.39 -10.38
N MET A 29 2.60 -4.24 -9.11
CA MET A 29 3.93 -3.73 -8.74
C MET A 29 5.08 -4.50 -9.41
N ALA A 30 4.95 -5.83 -9.49
CA ALA A 30 5.89 -6.69 -10.19
C ALA A 30 6.18 -6.27 -11.63
N GLU A 31 5.18 -5.71 -12.35
CA GLU A 31 5.38 -5.23 -13.71
C GLU A 31 6.27 -3.97 -13.74
N GLU A 32 6.07 -3.03 -12.80
CA GLU A 32 6.93 -1.85 -12.70
C GLU A 32 8.33 -2.21 -12.19
N LEU A 33 8.46 -3.09 -11.19
CA LEU A 33 9.77 -3.58 -10.78
C LEU A 33 10.52 -4.25 -11.96
N LYS A 34 9.82 -5.00 -12.82
CA LYS A 34 10.40 -5.60 -14.04
C LYS A 34 10.84 -4.53 -15.06
N ARG A 35 10.10 -3.42 -15.22
CA ARG A 35 10.48 -2.24 -16.03
C ARG A 35 11.77 -1.55 -15.55
N GLN A 36 12.04 -1.61 -14.25
CA GLN A 36 13.32 -1.20 -13.63
C GLN A 36 14.45 -2.24 -13.78
N GLY A 37 14.14 -3.45 -14.23
CA GLY A 37 15.11 -4.51 -14.56
C GLY A 37 15.39 -5.49 -13.42
N LYS A 38 14.54 -5.53 -12.38
CA LYS A 38 14.69 -6.48 -11.25
C LYS A 38 14.46 -7.94 -11.69
N SER A 39 15.01 -8.86 -10.91
CA SER A 39 14.89 -10.31 -11.13
C SER A 39 13.62 -10.89 -10.48
N PRO A 40 13.05 -12.00 -11.01
CA PRO A 40 11.80 -12.57 -10.52
C PRO A 40 11.86 -13.02 -9.04
N ASP A 41 13.06 -13.38 -8.54
CA ASP A 41 13.28 -13.70 -7.13
C ASP A 41 13.10 -12.46 -6.22
N GLU A 42 13.61 -11.30 -6.64
CA GLU A 42 13.49 -10.02 -5.92
C GLU A 42 12.05 -9.55 -5.91
N ILE A 43 11.41 -9.66 -7.07
CA ILE A 43 9.99 -9.32 -7.29
C ILE A 43 9.10 -10.20 -6.43
N GLN A 44 9.31 -11.51 -6.40
CA GLN A 44 8.55 -12.44 -5.56
C GLN A 44 8.64 -12.05 -4.08
N LYS A 45 9.84 -11.73 -3.59
CA LYS A 45 10.07 -11.25 -2.23
C LYS A 45 9.31 -9.93 -1.97
N ALA A 46 9.36 -8.99 -2.90
CA ALA A 46 8.61 -7.73 -2.80
C ALA A 46 7.09 -7.93 -2.75
N LYS A 47 6.50 -8.79 -3.59
CA LYS A 47 5.07 -9.14 -3.53
C LYS A 47 4.67 -9.66 -2.16
N ASP A 48 5.48 -10.54 -1.57
CA ASP A 48 5.24 -11.08 -0.24
C ASP A 48 5.38 -10.05 0.90
N GLU A 49 6.23 -9.02 0.77
CA GLU A 49 6.27 -7.91 1.75
C GLU A 49 4.92 -7.20 1.81
N VAL A 50 4.36 -6.84 0.65
CA VAL A 50 3.08 -6.12 0.56
C VAL A 50 1.95 -7.00 1.10
N LYS A 51 1.90 -8.26 0.65
CA LYS A 51 0.93 -9.29 1.05
C LYS A 51 0.96 -9.54 2.55
N THR A 52 2.13 -9.79 3.12
CA THR A 52 2.24 -10.13 4.55
C THR A 52 1.93 -8.92 5.43
N LYS A 53 2.26 -7.71 4.97
CA LYS A 53 1.90 -6.46 5.66
C LYS A 53 0.38 -6.24 5.73
N VAL A 54 -0.35 -6.38 4.62
CA VAL A 54 -1.82 -6.20 4.63
C VAL A 54 -2.53 -7.35 5.36
N GLU A 55 -2.03 -8.58 5.21
CA GLU A 55 -2.62 -9.77 5.83
C GLU A 55 -2.53 -9.70 7.35
N GLN A 56 -1.35 -9.39 7.89
CA GLN A 56 -1.19 -9.20 9.34
C GLN A 56 -1.98 -7.98 9.85
N ALA A 57 -2.14 -6.92 9.05
CA ALA A 57 -2.94 -5.76 9.44
C ALA A 57 -4.43 -6.11 9.57
N ILE A 58 -5.03 -6.70 8.52
CA ILE A 58 -6.45 -7.05 8.50
C ILE A 58 -6.77 -8.07 9.61
N ARG A 59 -5.89 -9.04 9.87
CA ARG A 59 -6.04 -10.02 10.98
C ARG A 59 -6.10 -9.39 12.36
N GLU A 60 -5.44 -8.26 12.57
CA GLU A 60 -5.51 -7.47 13.79
C GLU A 60 -6.80 -6.66 13.87
N TRP A 61 -7.19 -5.92 12.83
CA TRP A 61 -8.43 -5.13 12.86
C TRP A 61 -9.66 -6.02 13.12
N LYS A 62 -9.70 -7.20 12.50
CA LYS A 62 -10.85 -8.11 12.62
C LYS A 62 -11.05 -8.66 14.04
N GLN A 63 -9.97 -8.78 14.81
CA GLN A 63 -10.00 -9.13 16.25
C GLN A 63 -10.17 -7.92 17.18
N GLY A 64 -10.50 -6.76 16.61
CA GLY A 64 -10.73 -5.49 17.30
C GLY A 64 -9.46 -4.65 17.50
N ASN A 65 -8.34 -5.03 16.90
CA ASN A 65 -7.03 -4.40 17.11
C ASN A 65 -6.72 -3.36 16.01
N GLU A 66 -7.56 -2.32 15.94
CA GLU A 66 -7.44 -1.23 14.94
C GLU A 66 -6.05 -0.59 14.93
N GLU A 67 -5.54 -0.29 16.12
CA GLU A 67 -4.23 0.36 16.31
C GLU A 67 -3.10 -0.47 15.68
N GLN A 68 -3.09 -1.79 15.86
CA GLN A 68 -2.06 -2.65 15.27
C GLN A 68 -2.23 -2.78 13.75
N ALA A 69 -3.48 -2.83 13.28
CA ALA A 69 -3.80 -2.93 11.85
C ALA A 69 -3.38 -1.71 11.04
N ARG A 70 -3.81 -0.51 11.47
CA ARG A 70 -3.44 0.75 10.78
C ARG A 70 -1.93 1.01 10.88
N LYS A 71 -1.26 0.56 11.94
CA LYS A 71 0.20 0.65 12.12
C LYS A 71 0.96 -0.23 11.13
N ASP A 72 0.52 -1.46 10.86
CA ASP A 72 1.11 -2.30 9.82
C ASP A 72 0.84 -1.76 8.40
N MET A 73 -0.38 -1.25 8.12
CA MET A 73 -0.68 -0.61 6.84
C MET A 73 0.07 0.72 6.65
N ARG A 74 0.28 1.50 7.71
CA ARG A 74 1.11 2.74 7.71
C ARG A 74 2.49 2.52 7.11
N LYS A 75 3.13 1.36 7.36
CA LYS A 75 4.44 1.04 6.79
C LYS A 75 4.37 0.89 5.26
N VAL A 76 3.27 0.33 4.77
CA VAL A 76 2.94 0.13 3.35
C VAL A 76 2.60 1.45 2.65
N LEU A 77 1.88 2.38 3.29
CA LEU A 77 1.60 3.72 2.73
C LEU A 77 2.89 4.48 2.38
N LYS A 78 3.93 4.36 3.23
CA LYS A 78 5.23 5.01 3.00
C LYS A 78 6.18 4.16 2.14
N SER A 79 5.98 2.85 2.08
CA SER A 79 6.83 1.93 1.31
C SER A 79 6.73 2.19 -0.20
N PRO A 80 7.85 2.23 -0.94
CA PRO A 80 7.84 2.63 -2.35
C PRO A 80 7.15 1.61 -3.25
N ALA A 81 7.26 0.31 -2.94
CA ALA A 81 6.61 -0.77 -3.69
C ALA A 81 5.10 -0.56 -3.84
N PHE A 82 4.44 0.01 -2.82
CA PHE A 82 3.01 0.25 -2.85
C PHE A 82 2.62 1.38 -3.81
N LYS A 83 3.48 2.40 -3.94
CA LYS A 83 3.35 3.42 -4.99
C LYS A 83 3.53 2.79 -6.38
N GLN A 84 4.44 1.82 -6.55
CA GLN A 84 4.63 1.13 -7.84
C GLN A 84 3.43 0.23 -8.17
N ALA A 85 2.80 -0.40 -7.18
CA ALA A 85 1.55 -1.15 -7.35
C ALA A 85 0.40 -0.28 -7.90
N VAL A 86 0.12 0.83 -7.22
CA VAL A 86 -1.00 1.71 -7.57
C VAL A 86 -0.73 2.44 -8.88
N LYS A 87 0.54 2.76 -9.17
CA LYS A 87 0.90 3.44 -10.42
C LYS A 87 0.60 2.58 -11.64
N VAL A 88 0.86 1.27 -11.58
CA VAL A 88 0.62 0.32 -12.68
C VAL A 88 -0.88 0.16 -12.97
N MET A 89 -1.71 0.07 -11.94
CA MET A 89 -3.17 0.00 -12.12
C MET A 89 -3.78 1.35 -12.55
N GLU A 90 -3.20 2.48 -12.15
CA GLU A 90 -3.64 3.82 -12.60
C GLU A 90 -3.23 4.12 -14.05
N GLU A 91 -2.09 3.59 -14.53
CA GLU A 91 -1.70 3.67 -15.95
C GLU A 91 -2.71 2.97 -16.86
N GLN A 92 -3.25 1.82 -16.43
CA GLN A 92 -4.23 1.02 -17.17
C GLN A 92 -5.66 1.55 -17.02
N GLU A 93 -6.06 1.86 -15.79
CA GLU A 93 -7.41 2.31 -15.42
C GLU A 93 -7.35 3.61 -14.59
N PRO A 94 -7.19 4.78 -15.24
CA PRO A 94 -7.05 6.06 -14.54
C PRO A 94 -8.36 6.54 -13.91
N ASN A 95 -9.52 6.12 -14.43
CA ASN A 95 -10.84 6.47 -13.93
C ASN A 95 -11.45 5.38 -13.00
N ASN A 96 -10.66 4.41 -12.54
CA ASN A 96 -11.18 3.32 -11.70
C ASN A 96 -11.55 3.85 -10.30
N PRO A 97 -12.76 3.62 -9.77
CA PRO A 97 -13.13 4.03 -8.42
C PRO A 97 -12.23 3.36 -7.37
N GLU A 98 -11.89 2.08 -7.53
CA GLU A 98 -11.07 1.35 -6.57
C GLU A 98 -9.57 1.73 -6.64
N VAL A 99 -9.09 2.21 -7.79
CA VAL A 99 -7.74 2.77 -7.90
C VAL A 99 -7.72 4.14 -7.24
N GLN A 100 -8.66 5.02 -7.58
CA GLN A 100 -8.68 6.38 -7.04
C GLN A 100 -8.97 6.42 -5.54
N GLU A 101 -9.83 5.54 -5.01
CA GLU A 101 -10.11 5.50 -3.57
C GLU A 101 -8.89 5.02 -2.74
N LEU A 102 -8.03 4.17 -3.31
CA LEU A 102 -6.75 3.77 -2.72
C LEU A 102 -5.70 4.88 -2.90
N LYS A 103 -5.48 5.34 -4.14
CA LYS A 103 -4.48 6.34 -4.53
C LYS A 103 -4.66 7.64 -3.77
N LYS A 104 -5.89 8.14 -3.60
CA LYS A 104 -6.16 9.38 -2.86
C LYS A 104 -5.73 9.31 -1.39
N ALA A 105 -5.83 8.14 -0.74
CA ALA A 105 -5.35 7.97 0.63
C ALA A 105 -3.82 8.14 0.73
N MET A 106 -3.07 7.57 -0.22
CA MET A 106 -1.62 7.76 -0.36
C MET A 106 -1.23 9.18 -0.77
N GLU A 107 -1.87 9.73 -1.81
CA GLU A 107 -1.63 11.09 -2.31
C GLU A 107 -1.76 12.14 -1.19
N GLU A 108 -2.78 11.99 -0.33
CA GLU A 108 -3.03 12.81 0.86
C GLU A 108 -2.04 12.53 2.00
N ALA A 109 -1.51 11.31 2.14
CA ALA A 109 -0.44 10.97 3.09
C ALA A 109 0.92 11.57 2.69
N GLU A 110 1.24 11.57 1.40
CA GLU A 110 2.52 12.05 0.85
C GLU A 110 2.69 13.57 1.01
N ARG A 111 1.57 14.29 1.05
CA ARG A 111 1.48 15.74 1.38
C ARG A 111 1.67 16.08 2.87
N GLY A 112 1.86 15.07 3.73
CA GLY A 112 2.12 15.24 5.16
C GLY A 112 3.47 15.91 5.50
N SER A 113 3.69 16.17 6.79
CA SER A 113 4.94 16.73 7.33
C SER A 113 5.93 15.65 7.81
N LEU A 114 5.50 14.38 7.87
CA LEU A 114 6.37 13.22 8.10
C LEU A 114 7.39 13.09 6.94
N GLU A 115 8.68 13.24 7.26
CA GLU A 115 9.81 12.95 6.35
C GLU A 115 10.98 12.29 7.09
N HIS A 116 11.69 11.39 6.40
CA HIS A 116 12.87 10.68 6.90
C HIS A 116 13.77 10.22 5.73
N HIS A 117 15.08 10.16 5.93
CA HIS A 117 16.07 9.84 4.90
C HIS A 117 17.13 8.84 5.42
N HIS A 118 17.09 7.60 4.91
CA HIS A 118 18.03 6.52 5.23
C HIS A 118 18.20 5.57 4.03
N HIS A 119 18.45 6.14 2.84
CA HIS A 119 18.52 5.41 1.56
C HIS A 119 19.88 4.69 1.38
N HIS A 120 20.14 3.69 2.22
CA HIS A 120 21.38 2.92 2.24
C HIS A 120 21.58 2.04 0.98
N HIS A 121 20.48 1.52 0.43
CA HIS A 121 20.43 0.70 -0.79
C HIS A 121 19.08 0.87 -1.54
N GLY A 1 -0.44 16.09 13.90
CA GLY A 1 -0.90 15.06 14.85
C GLY A 1 -0.64 13.67 14.30
N ASP A 2 -1.70 12.90 14.03
CA ASP A 2 -1.66 11.52 13.52
C ASP A 2 -2.42 11.32 12.20
N GLU A 3 -2.76 12.40 11.49
CA GLU A 3 -3.58 12.35 10.29
C GLU A 3 -2.96 11.49 9.18
N ALA A 4 -1.63 11.53 9.01
CA ALA A 4 -0.90 10.74 8.03
C ALA A 4 -0.91 9.23 8.37
N GLU A 5 -1.02 8.90 9.65
CA GLU A 5 -1.26 7.53 10.16
C GLU A 5 -2.74 7.13 10.00
N LYS A 6 -3.66 8.09 10.07
CA LYS A 6 -5.12 7.89 9.93
C LYS A 6 -5.54 7.56 8.49
N GLN A 7 -4.84 8.10 7.49
CA GLN A 7 -4.98 7.70 6.09
C GLN A 7 -4.72 6.21 5.87
N ALA A 8 -3.80 5.61 6.66
CA ALA A 8 -3.50 4.20 6.57
C ALA A 8 -4.69 3.30 6.94
N GLU A 9 -5.48 3.70 7.94
CA GLU A 9 -6.75 3.03 8.29
C GLU A 9 -7.72 2.98 7.09
N ARG A 10 -7.78 4.05 6.29
CA ARG A 10 -8.65 4.19 5.11
C ARG A 10 -8.24 3.27 3.95
N ALA A 11 -6.94 3.17 3.71
CA ALA A 11 -6.41 2.22 2.72
C ALA A 11 -6.51 0.76 3.20
N LEU A 12 -6.34 0.53 4.51
CA LEU A 12 -6.38 -0.80 5.14
C LEU A 12 -7.77 -1.43 4.99
N GLU A 13 -8.83 -0.67 5.25
CA GLU A 13 -10.20 -1.15 5.07
C GLU A 13 -10.55 -1.40 3.60
N LEU A 14 -10.00 -0.62 2.65
CA LEU A 14 -10.29 -0.79 1.23
C LEU A 14 -9.75 -2.13 0.72
N VAL A 15 -8.49 -2.48 1.06
CA VAL A 15 -7.88 -3.76 0.63
C VAL A 15 -8.49 -4.97 1.35
N ARG A 16 -9.12 -4.75 2.51
CA ARG A 16 -9.93 -5.75 3.22
C ARG A 16 -11.27 -6.03 2.55
N LYS A 17 -11.97 -4.96 2.14
CA LYS A 17 -13.33 -5.03 1.57
C LYS A 17 -13.31 -5.47 0.10
N SER A 18 -12.24 -5.10 -0.61
CA SER A 18 -11.92 -5.60 -1.95
C SER A 18 -10.64 -6.44 -1.92
N PRO A 19 -10.71 -7.72 -1.51
CA PRO A 19 -9.55 -8.62 -1.57
C PRO A 19 -9.11 -8.89 -3.02
N ASP A 20 -10.01 -8.76 -3.99
CA ASP A 20 -9.69 -8.95 -5.41
C ASP A 20 -8.90 -7.76 -5.99
N LEU A 21 -9.05 -6.57 -5.39
CA LEU A 21 -8.20 -5.40 -5.65
C LEU A 21 -6.79 -5.69 -5.14
N LEU A 22 -6.67 -6.30 -3.96
CA LEU A 22 -5.38 -6.63 -3.37
C LEU A 22 -4.65 -7.70 -4.20
N LYS A 23 -5.36 -8.74 -4.67
CA LYS A 23 -4.80 -9.81 -5.52
C LYS A 23 -4.20 -9.32 -6.83
N LYS A 24 -4.74 -8.25 -7.42
CA LYS A 24 -4.12 -7.55 -8.57
C LYS A 24 -3.05 -6.55 -8.16
N LEU A 25 -3.14 -5.95 -6.97
CA LEU A 25 -2.19 -4.92 -6.51
C LEU A 25 -0.76 -5.45 -6.38
N LEU A 26 -0.53 -6.54 -5.62
CA LEU A 26 0.80 -7.16 -5.55
C LEU A 26 1.26 -7.66 -6.93
N GLU A 27 0.32 -8.14 -7.77
CA GLU A 27 0.62 -8.67 -9.10
C GLU A 27 0.96 -7.56 -10.12
N ALA A 28 0.42 -6.35 -9.96
CA ALA A 28 0.67 -5.20 -10.82
C ALA A 28 2.04 -4.58 -10.51
N MET A 29 2.41 -4.49 -9.23
CA MET A 29 3.74 -4.06 -8.76
C MET A 29 4.89 -4.83 -9.44
N ALA A 30 4.72 -6.14 -9.62
CA ALA A 30 5.71 -7.01 -10.27
C ALA A 30 6.04 -6.57 -11.70
N GLU A 31 5.07 -6.04 -12.44
CA GLU A 31 5.27 -5.57 -13.81
C GLU A 31 6.17 -4.33 -13.84
N GLU A 32 5.95 -3.36 -12.95
CA GLU A 32 6.82 -2.17 -12.86
C GLU A 32 8.20 -2.51 -12.30
N LEU A 33 8.31 -3.43 -11.32
CA LEU A 33 9.61 -3.84 -10.81
C LEU A 33 10.47 -4.47 -11.94
N LYS A 34 9.85 -5.18 -12.88
CA LYS A 34 10.52 -5.69 -14.10
C LYS A 34 10.96 -4.58 -15.07
N ARG A 35 10.24 -3.45 -15.16
CA ARG A 35 10.66 -2.25 -15.95
C ARG A 35 11.90 -1.57 -15.35
N GLN A 36 12.05 -1.68 -14.04
CA GLN A 36 13.22 -1.28 -13.25
C GLN A 36 14.38 -2.30 -13.32
N GLY A 37 14.22 -3.36 -14.11
CA GLY A 37 15.24 -4.36 -14.43
C GLY A 37 15.44 -5.42 -13.35
N LYS A 38 14.51 -5.52 -12.39
CA LYS A 38 14.64 -6.43 -11.24
C LYS A 38 14.46 -7.90 -11.63
N SER A 39 14.99 -8.78 -10.80
CA SER A 39 15.00 -10.24 -10.97
C SER A 39 13.72 -10.90 -10.43
N PRO A 40 13.33 -12.07 -10.96
CA PRO A 40 12.13 -12.81 -10.53
C PRO A 40 12.13 -13.13 -9.03
N ASP A 41 13.31 -13.34 -8.41
CA ASP A 41 13.44 -13.56 -6.97
C ASP A 41 13.09 -12.31 -6.14
N GLU A 42 13.59 -11.13 -6.53
CA GLU A 42 13.31 -9.85 -5.87
C GLU A 42 11.84 -9.44 -6.05
N ILE A 43 11.31 -9.68 -7.25
CA ILE A 43 9.90 -9.47 -7.58
C ILE A 43 9.00 -10.37 -6.72
N GLN A 44 9.30 -11.67 -6.67
CA GLN A 44 8.51 -12.62 -5.88
C GLN A 44 8.49 -12.24 -4.39
N LYS A 45 9.67 -11.93 -3.83
CA LYS A 45 9.79 -11.45 -2.45
C LYS A 45 9.01 -10.15 -2.24
N ALA A 46 9.07 -9.18 -3.15
CA ALA A 46 8.29 -7.95 -3.05
C ALA A 46 6.77 -8.20 -2.99
N LYS A 47 6.22 -9.09 -3.84
CA LYS A 47 4.80 -9.48 -3.79
C LYS A 47 4.43 -10.02 -2.39
N ASP A 48 5.22 -10.94 -1.87
CA ASP A 48 5.00 -11.53 -0.54
C ASP A 48 5.13 -10.51 0.60
N GLU A 49 6.07 -9.57 0.51
CA GLU A 49 6.28 -8.52 1.52
C GLU A 49 5.05 -7.62 1.63
N VAL A 50 4.45 -7.23 0.50
CA VAL A 50 3.23 -6.41 0.47
C VAL A 50 2.04 -7.21 1.02
N LYS A 51 1.88 -8.45 0.55
CA LYS A 51 0.81 -9.37 0.95
C LYS A 51 0.84 -9.64 2.45
N THR A 52 2.00 -9.99 3.00
CA THR A 52 2.13 -10.32 4.41
C THR A 52 1.95 -9.09 5.30
N LYS A 53 2.39 -7.90 4.84
CA LYS A 53 2.14 -6.64 5.54
C LYS A 53 0.66 -6.28 5.62
N VAL A 54 -0.10 -6.36 4.52
CA VAL A 54 -1.55 -6.10 4.58
C VAL A 54 -2.29 -7.20 5.34
N GLU A 55 -1.87 -8.46 5.24
CA GLU A 55 -2.50 -9.58 5.94
C GLU A 55 -2.35 -9.44 7.45
N GLN A 56 -1.14 -9.17 7.95
CA GLN A 56 -0.94 -8.91 9.38
C GLN A 56 -1.75 -7.68 9.83
N ALA A 57 -1.84 -6.62 9.02
CA ALA A 57 -2.62 -5.44 9.36
C ALA A 57 -4.12 -5.77 9.46
N ILE A 58 -4.69 -6.47 8.47
CA ILE A 58 -6.11 -6.81 8.48
C ILE A 58 -6.44 -7.77 9.62
N ARG A 59 -5.56 -8.74 9.91
CA ARG A 59 -5.70 -9.68 11.03
C ARG A 59 -5.72 -8.98 12.39
N GLU A 60 -5.04 -7.84 12.53
CA GLU A 60 -5.09 -6.99 13.70
C GLU A 60 -6.42 -6.26 13.79
N TRP A 61 -6.86 -5.60 12.73
CA TRP A 61 -8.16 -4.91 12.71
C TRP A 61 -9.32 -5.88 13.02
N LYS A 62 -9.27 -7.09 12.48
CA LYS A 62 -10.31 -8.11 12.67
C LYS A 62 -10.48 -8.56 14.14
N GLN A 63 -9.39 -8.53 14.92
CA GLN A 63 -9.39 -8.78 16.37
C GLN A 63 -9.61 -7.50 17.21
N GLY A 64 -10.04 -6.42 16.55
CA GLY A 64 -10.35 -5.11 17.14
C GLY A 64 -9.14 -4.17 17.27
N ASN A 65 -7.99 -4.52 16.69
CA ASN A 65 -6.71 -3.83 16.90
C ASN A 65 -6.41 -2.79 15.81
N GLU A 66 -7.34 -1.84 15.62
CA GLU A 66 -7.24 -0.79 14.60
C GLU A 66 -5.90 -0.05 14.65
N GLU A 67 -5.43 0.23 15.86
CA GLU A 67 -4.18 0.93 16.15
C GLU A 67 -2.92 0.18 15.69
N GLN A 68 -2.90 -1.16 15.70
CA GLN A 68 -1.81 -1.94 15.13
C GLN A 68 -1.96 -2.04 13.60
N ALA A 69 -3.19 -2.32 13.14
CA ALA A 69 -3.53 -2.51 11.74
C ALA A 69 -3.16 -1.30 10.85
N ARG A 70 -3.56 -0.09 11.26
CA ARG A 70 -3.20 1.16 10.56
C ARG A 70 -1.68 1.38 10.54
N LYS A 71 -0.99 0.98 11.60
CA LYS A 71 0.47 1.13 11.74
C LYS A 71 1.22 0.19 10.81
N ASP A 72 0.77 -1.05 10.60
CA ASP A 72 1.41 -1.97 9.64
C ASP A 72 1.09 -1.60 8.17
N MET A 73 -0.12 -1.09 7.89
CA MET A 73 -0.46 -0.55 6.56
C MET A 73 0.30 0.74 6.21
N ARG A 74 0.53 1.64 7.18
CA ARG A 74 1.30 2.88 6.99
C ARG A 74 2.67 2.63 6.36
N LYS A 75 3.41 1.63 6.85
CA LYS A 75 4.81 1.43 6.44
C LYS A 75 4.88 1.07 4.94
N VAL A 76 3.89 0.32 4.47
CA VAL A 76 3.62 -0.04 3.07
C VAL A 76 3.21 1.18 2.26
N LEU A 77 2.31 2.02 2.75
CA LEU A 77 1.83 3.22 2.03
C LEU A 77 2.93 4.24 1.72
N LYS A 78 3.96 4.34 2.58
CA LYS A 78 5.15 5.18 2.31
C LYS A 78 6.22 4.44 1.50
N SER A 79 6.23 3.11 1.55
CA SER A 79 7.21 2.27 0.82
C SER A 79 7.04 2.36 -0.71
N PRO A 80 8.12 2.54 -1.50
CA PRO A 80 8.03 2.84 -2.93
C PRO A 80 7.43 1.69 -3.75
N ALA A 81 7.57 0.45 -3.29
CA ALA A 81 6.98 -0.73 -3.89
C ALA A 81 5.45 -0.60 -4.05
N PHE A 82 4.77 -0.04 -3.05
CA PHE A 82 3.31 0.09 -3.05
C PHE A 82 2.85 1.22 -3.99
N LYS A 83 3.66 2.28 -4.13
CA LYS A 83 3.47 3.31 -5.15
C LYS A 83 3.57 2.71 -6.56
N GLN A 84 4.50 1.78 -6.79
CA GLN A 84 4.62 1.09 -8.09
C GLN A 84 3.43 0.16 -8.35
N ALA A 85 2.86 -0.47 -7.32
CA ALA A 85 1.63 -1.25 -7.43
C ALA A 85 0.43 -0.42 -7.93
N VAL A 86 0.17 0.74 -7.30
CA VAL A 86 -0.92 1.65 -7.70
C VAL A 86 -0.62 2.28 -9.06
N LYS A 87 0.64 2.59 -9.38
CA LYS A 87 1.03 3.20 -10.66
C LYS A 87 0.58 2.35 -11.87
N VAL A 88 0.75 1.03 -11.78
CA VAL A 88 0.46 0.10 -12.88
C VAL A 88 -1.04 -0.03 -13.13
N MET A 89 -1.85 -0.05 -12.08
CA MET A 89 -3.31 -0.04 -12.20
C MET A 89 -3.87 1.34 -12.58
N GLU A 90 -3.21 2.44 -12.21
CA GLU A 90 -3.59 3.81 -12.59
C GLU A 90 -3.41 4.07 -14.10
N GLU A 91 -2.43 3.43 -14.75
CA GLU A 91 -2.25 3.52 -16.21
C GLU A 91 -3.33 2.75 -16.98
N GLN A 92 -3.78 1.60 -16.44
CA GLN A 92 -4.79 0.75 -17.08
C GLN A 92 -6.21 1.26 -16.87
N GLU A 93 -6.54 1.65 -15.63
CA GLU A 93 -7.89 2.09 -15.21
C GLU A 93 -7.80 3.46 -14.52
N PRO A 94 -7.63 4.56 -15.27
CA PRO A 94 -7.43 5.91 -14.72
C PRO A 94 -8.67 6.47 -14.03
N ASN A 95 -9.87 6.02 -14.41
CA ASN A 95 -11.14 6.45 -13.81
C ASN A 95 -11.68 5.49 -12.73
N ASN A 96 -10.85 4.53 -12.26
CA ASN A 96 -11.29 3.52 -11.28
C ASN A 96 -11.51 4.17 -9.89
N PRO A 97 -12.68 4.03 -9.25
CA PRO A 97 -12.84 4.44 -7.86
C PRO A 97 -11.90 3.65 -6.94
N GLU A 98 -11.66 2.37 -7.22
CA GLU A 98 -10.78 1.53 -6.41
C GLU A 98 -9.30 1.87 -6.55
N VAL A 99 -8.89 2.50 -7.66
CA VAL A 99 -7.52 3.05 -7.78
C VAL A 99 -7.45 4.43 -7.16
N GLN A 100 -8.36 5.34 -7.54
CA GLN A 100 -8.23 6.74 -7.13
C GLN A 100 -8.47 6.91 -5.62
N GLU A 101 -9.39 6.16 -5.03
CA GLU A 101 -9.62 6.24 -3.57
C GLU A 101 -8.47 5.63 -2.77
N LEU A 102 -7.76 4.62 -3.32
CA LEU A 102 -6.53 4.08 -2.73
C LEU A 102 -5.38 5.09 -2.89
N LYS A 103 -5.17 5.62 -4.11
CA LYS A 103 -4.12 6.60 -4.44
C LYS A 103 -4.19 7.82 -3.53
N LYS A 104 -5.40 8.39 -3.38
CA LYS A 104 -5.67 9.55 -2.51
C LYS A 104 -5.22 9.33 -1.07
N ALA A 105 -5.42 8.13 -0.52
CA ALA A 105 -4.99 7.80 0.84
C ALA A 105 -3.47 7.91 0.99
N MET A 106 -2.71 7.33 0.04
CA MET A 106 -1.24 7.37 0.04
C MET A 106 -0.71 8.80 -0.25
N GLU A 107 -1.25 9.44 -1.29
CA GLU A 107 -0.89 10.80 -1.69
C GLU A 107 -1.05 11.80 -0.53
N GLU A 108 -2.18 11.76 0.20
CA GLU A 108 -2.39 12.63 1.37
C GLU A 108 -1.54 12.23 2.59
N ALA A 109 -1.22 10.94 2.77
CA ALA A 109 -0.31 10.48 3.82
C ALA A 109 1.15 10.94 3.59
N GLU A 110 1.58 11.02 2.33
CA GLU A 110 2.90 11.51 1.93
C GLU A 110 2.98 13.05 2.02
N ARG A 111 1.94 13.75 1.55
CA ARG A 111 1.81 15.22 1.65
C ARG A 111 1.60 15.71 3.10
N GLY A 112 1.08 14.85 3.99
CA GLY A 112 0.90 15.11 5.42
C GLY A 112 2.19 15.16 6.27
N SER A 113 3.38 15.09 5.66
CA SER A 113 4.69 15.12 6.33
C SER A 113 5.11 16.53 6.80
N LEU A 114 4.24 17.19 7.59
CA LEU A 114 4.48 18.53 8.16
C LEU A 114 5.36 18.48 9.42
N GLU A 115 5.41 17.34 10.11
CA GLU A 115 6.12 17.13 11.38
C GLU A 115 7.21 16.06 11.23
N HIS A 116 8.24 16.38 10.45
CA HIS A 116 9.37 15.49 10.14
C HIS A 116 10.72 16.23 10.19
N HIS A 117 11.75 15.54 10.69
CA HIS A 117 13.15 15.99 10.74
C HIS A 117 14.14 14.89 10.31
N HIS A 118 13.98 13.66 10.81
CA HIS A 118 14.83 12.51 10.45
C HIS A 118 14.09 11.16 10.63
N HIS A 119 13.73 10.82 11.88
CA HIS A 119 12.92 9.66 12.25
C HIS A 119 12.22 9.89 13.60
N HIS A 120 11.00 9.37 13.74
CA HIS A 120 10.08 9.66 14.85
C HIS A 120 9.30 8.41 15.31
N HIS A 121 8.82 8.43 16.56
CA HIS A 121 8.10 7.33 17.22
C HIS A 121 6.95 7.87 18.12
N GLY A 1 2.77 14.62 12.38
CA GLY A 1 3.33 13.26 12.23
C GLY A 1 2.42 12.18 12.78
N ASP A 2 1.13 12.21 12.41
CA ASP A 2 0.08 11.26 12.82
C ASP A 2 -1.03 11.09 11.77
N GLU A 3 -1.04 11.95 10.76
CA GLU A 3 -1.90 11.83 9.58
C GLU A 3 -1.64 10.55 8.77
N ALA A 4 -0.40 10.07 8.69
CA ALA A 4 -0.04 8.86 7.93
C ALA A 4 -0.72 7.60 8.49
N GLU A 5 -1.00 7.59 9.80
CA GLU A 5 -1.77 6.54 10.48
C GLU A 5 -3.27 6.61 10.14
N LYS A 6 -3.85 7.82 10.17
CA LYS A 6 -5.26 8.10 9.84
C LYS A 6 -5.57 7.79 8.36
N GLN A 7 -4.67 8.13 7.45
CA GLN A 7 -4.71 7.74 6.04
C GLN A 7 -4.53 6.23 5.82
N ALA A 8 -3.63 5.58 6.59
CA ALA A 8 -3.43 4.14 6.51
C ALA A 8 -4.68 3.34 6.85
N GLU A 9 -5.45 3.81 7.85
CA GLU A 9 -6.73 3.22 8.26
C GLU A 9 -7.73 3.14 7.09
N ARG A 10 -7.73 4.14 6.19
CA ARG A 10 -8.61 4.21 5.01
C ARG A 10 -8.19 3.26 3.88
N ALA A 11 -6.89 3.17 3.63
CA ALA A 11 -6.36 2.20 2.67
C ALA A 11 -6.49 0.74 3.17
N LEU A 12 -6.36 0.52 4.49
CA LEU A 12 -6.45 -0.79 5.14
C LEU A 12 -7.84 -1.41 4.94
N GLU A 13 -8.91 -0.63 5.18
CA GLU A 13 -10.28 -1.10 4.97
C GLU A 13 -10.57 -1.39 3.48
N LEU A 14 -9.98 -0.62 2.55
CA LEU A 14 -10.21 -0.80 1.12
C LEU A 14 -9.66 -2.14 0.62
N VAL A 15 -8.42 -2.48 1.00
CA VAL A 15 -7.80 -3.77 0.61
C VAL A 15 -8.42 -4.97 1.33
N ARG A 16 -9.05 -4.74 2.49
CA ARG A 16 -9.86 -5.74 3.22
C ARG A 16 -11.18 -6.05 2.52
N LYS A 17 -11.87 -5.01 2.06
CA LYS A 17 -13.22 -5.11 1.45
C LYS A 17 -13.16 -5.60 0.01
N SER A 18 -12.07 -5.26 -0.69
CA SER A 18 -11.77 -5.74 -2.04
C SER A 18 -10.48 -6.58 -2.07
N PRO A 19 -10.52 -7.87 -1.67
CA PRO A 19 -9.37 -8.77 -1.78
C PRO A 19 -8.99 -9.07 -3.24
N ASP A 20 -9.90 -8.86 -4.20
CA ASP A 20 -9.61 -8.96 -5.63
C ASP A 20 -8.82 -7.75 -6.15
N LEU A 21 -8.95 -6.59 -5.49
CA LEU A 21 -8.09 -5.42 -5.71
C LEU A 21 -6.68 -5.73 -5.18
N LEU A 22 -6.58 -6.33 -4.00
CA LEU A 22 -5.30 -6.65 -3.38
C LEU A 22 -4.53 -7.71 -4.17
N LYS A 23 -5.22 -8.76 -4.64
CA LYS A 23 -4.64 -9.85 -5.46
C LYS A 23 -4.02 -9.35 -6.77
N LYS A 24 -4.58 -8.29 -7.36
CA LYS A 24 -3.97 -7.60 -8.50
C LYS A 24 -2.90 -6.58 -8.09
N LEU A 25 -3.02 -5.96 -6.92
CA LEU A 25 -2.13 -4.90 -6.43
C LEU A 25 -0.68 -5.38 -6.29
N LEU A 26 -0.42 -6.47 -5.54
CA LEU A 26 0.93 -7.04 -5.45
C LEU A 26 1.44 -7.51 -6.82
N GLU A 27 0.55 -8.03 -7.68
CA GLU A 27 0.86 -8.56 -9.00
C GLU A 27 1.18 -7.45 -10.02
N ALA A 28 0.59 -6.26 -9.87
CA ALA A 28 0.82 -5.10 -10.71
C ALA A 28 2.19 -4.46 -10.41
N MET A 29 2.55 -4.33 -9.12
CA MET A 29 3.89 -3.88 -8.73
C MET A 29 5.01 -4.76 -9.30
N ALA A 30 4.85 -6.09 -9.31
CA ALA A 30 5.84 -7.01 -9.86
C ALA A 30 6.22 -6.67 -11.31
N GLU A 31 5.24 -6.23 -12.11
CA GLU A 31 5.47 -5.80 -13.49
C GLU A 31 6.25 -4.48 -13.53
N GLU A 32 5.94 -3.53 -12.64
CA GLU A 32 6.68 -2.27 -12.57
C GLU A 32 8.11 -2.46 -12.05
N LEU A 33 8.34 -3.36 -11.09
CA LEU A 33 9.70 -3.71 -10.67
C LEU A 33 10.49 -4.35 -11.83
N LYS A 34 9.83 -5.11 -12.72
CA LYS A 34 10.46 -5.63 -13.94
C LYS A 34 10.76 -4.53 -14.97
N ARG A 35 9.97 -3.45 -15.02
CA ARG A 35 10.25 -2.22 -15.81
C ARG A 35 11.42 -1.41 -15.23
N GLN A 36 11.66 -1.51 -13.93
CA GLN A 36 12.87 -0.99 -13.27
C GLN A 36 14.11 -1.88 -13.50
N GLY A 37 13.91 -3.11 -13.98
CA GLY A 37 14.97 -4.07 -14.35
C GLY A 37 15.35 -5.08 -13.26
N LYS A 38 14.48 -5.32 -12.27
CA LYS A 38 14.75 -6.25 -11.15
C LYS A 38 14.73 -7.73 -11.57
N SER A 39 15.30 -8.55 -10.71
CA SER A 39 15.32 -10.02 -10.77
C SER A 39 14.05 -10.66 -10.18
N PRO A 40 13.71 -11.90 -10.60
CA PRO A 40 12.57 -12.66 -10.06
C PRO A 40 12.60 -12.82 -8.53
N ASP A 41 13.79 -12.91 -7.92
CA ASP A 41 13.96 -13.02 -6.46
C ASP A 41 13.54 -11.74 -5.71
N GLU A 42 13.93 -10.56 -6.20
CA GLU A 42 13.51 -9.27 -5.67
C GLU A 42 12.00 -9.07 -5.84
N ILE A 43 11.49 -9.41 -7.03
CA ILE A 43 10.07 -9.26 -7.37
C ILE A 43 9.20 -10.17 -6.47
N GLN A 44 9.56 -11.45 -6.33
CA GLN A 44 8.81 -12.39 -5.51
C GLN A 44 8.74 -11.94 -4.04
N LYS A 45 9.89 -11.54 -3.47
CA LYS A 45 9.97 -11.01 -2.10
C LYS A 45 9.17 -9.71 -1.93
N ALA A 46 9.14 -8.85 -2.95
CA ALA A 46 8.34 -7.64 -2.93
C ALA A 46 6.82 -7.92 -2.92
N LYS A 47 6.33 -8.89 -3.72
CA LYS A 47 4.92 -9.32 -3.66
C LYS A 47 4.55 -9.79 -2.25
N ASP A 48 5.39 -10.64 -1.65
CA ASP A 48 5.19 -11.14 -0.29
C ASP A 48 5.28 -10.05 0.78
N GLU A 49 6.13 -9.04 0.64
CA GLU A 49 6.27 -8.00 1.67
C GLU A 49 5.04 -7.08 1.71
N VAL A 50 4.39 -6.81 0.57
CA VAL A 50 3.09 -6.11 0.53
C VAL A 50 1.99 -7.00 1.10
N LYS A 51 1.91 -8.26 0.65
CA LYS A 51 0.88 -9.23 1.05
C LYS A 51 0.92 -9.52 2.55
N THR A 52 2.09 -9.80 3.10
CA THR A 52 2.24 -10.13 4.52
C THR A 52 1.93 -8.92 5.40
N LYS A 53 2.27 -7.70 4.94
CA LYS A 53 1.93 -6.46 5.63
C LYS A 53 0.42 -6.21 5.69
N VAL A 54 -0.30 -6.35 4.58
CA VAL A 54 -1.77 -6.18 4.60
C VAL A 54 -2.46 -7.32 5.36
N GLU A 55 -1.96 -8.55 5.25
CA GLU A 55 -2.53 -9.71 5.95
C GLU A 55 -2.40 -9.55 7.46
N GLN A 56 -1.20 -9.27 7.98
CA GLN A 56 -1.01 -9.00 9.40
C GLN A 56 -1.81 -7.77 9.86
N ALA A 57 -1.96 -6.73 9.04
CA ALA A 57 -2.77 -5.57 9.38
C ALA A 57 -4.26 -5.94 9.51
N ILE A 58 -4.84 -6.60 8.52
CA ILE A 58 -6.26 -6.98 8.53
C ILE A 58 -6.55 -7.95 9.69
N ARG A 59 -5.64 -8.91 9.94
CA ARG A 59 -5.75 -9.86 11.06
C ARG A 59 -5.74 -9.19 12.43
N GLU A 60 -5.09 -8.03 12.58
CA GLU A 60 -5.18 -7.21 13.78
C GLU A 60 -6.54 -6.48 13.85
N TRP A 61 -6.96 -5.80 12.79
CA TRP A 61 -8.28 -5.11 12.80
C TRP A 61 -9.43 -6.07 13.10
N LYS A 62 -9.38 -7.29 12.54
CA LYS A 62 -10.42 -8.32 12.71
C LYS A 62 -10.58 -8.78 14.17
N GLN A 63 -9.49 -8.73 14.96
CA GLN A 63 -9.50 -9.01 16.41
C GLN A 63 -9.72 -7.76 17.27
N GLY A 64 -10.14 -6.66 16.64
CA GLY A 64 -10.45 -5.37 17.27
C GLY A 64 -9.25 -4.42 17.39
N ASN A 65 -8.12 -4.76 16.78
CA ASN A 65 -6.84 -4.03 16.91
C ASN A 65 -6.64 -3.05 15.74
N GLU A 66 -7.55 -2.09 15.58
CA GLU A 66 -7.49 -1.03 14.54
C GLU A 66 -6.15 -0.29 14.55
N GLU A 67 -5.69 0.05 15.76
CA GLU A 67 -4.44 0.79 15.99
C GLU A 67 -3.20 0.04 15.50
N GLN A 68 -3.15 -1.30 15.62
CA GLN A 68 -2.05 -2.10 15.08
C GLN A 68 -2.19 -2.29 13.56
N ALA A 69 -3.41 -2.47 13.08
CA ALA A 69 -3.71 -2.63 11.65
C ALA A 69 -3.28 -1.42 10.82
N ARG A 70 -3.68 -0.21 11.24
CA ARG A 70 -3.29 1.03 10.58
C ARG A 70 -1.79 1.33 10.70
N LYS A 71 -1.10 0.85 11.75
CA LYS A 71 0.37 0.93 11.87
C LYS A 71 1.07 0.00 10.88
N ASP A 72 0.64 -1.26 10.75
CA ASP A 72 1.22 -2.19 9.77
C ASP A 72 0.94 -1.75 8.32
N MET A 73 -0.27 -1.24 8.04
CA MET A 73 -0.60 -0.63 6.75
C MET A 73 0.19 0.67 6.51
N ARG A 74 0.44 1.51 7.52
CA ARG A 74 1.28 2.74 7.39
C ARG A 74 2.66 2.47 6.80
N LYS A 75 3.29 1.33 7.13
CA LYS A 75 4.60 0.96 6.55
C LYS A 75 4.52 0.74 5.04
N VAL A 76 3.38 0.24 4.58
CA VAL A 76 3.02 0.04 3.17
C VAL A 76 2.65 1.36 2.48
N LEU A 77 1.93 2.27 3.14
CA LEU A 77 1.58 3.59 2.57
C LEU A 77 2.83 4.39 2.15
N LYS A 78 3.92 4.30 2.91
CA LYS A 78 5.19 4.96 2.60
C LYS A 78 6.10 4.14 1.68
N SER A 79 5.89 2.83 1.58
CA SER A 79 6.74 1.93 0.79
C SER A 79 6.68 2.22 -0.72
N PRO A 80 7.83 2.25 -1.43
CA PRO A 80 7.88 2.60 -2.84
C PRO A 80 7.27 1.50 -3.71
N ALA A 81 7.32 0.24 -3.27
CA ALA A 81 6.65 -0.87 -3.94
C ALA A 81 5.13 -0.64 -4.02
N PHE A 82 4.52 -0.07 -2.99
CA PHE A 82 3.08 0.17 -2.97
C PHE A 82 2.68 1.31 -3.90
N LYS A 83 3.52 2.34 -4.03
CA LYS A 83 3.39 3.37 -5.06
C LYS A 83 3.52 2.75 -6.46
N GLN A 84 4.42 1.79 -6.66
CA GLN A 84 4.54 1.09 -7.94
C GLN A 84 3.31 0.23 -8.24
N ALA A 85 2.71 -0.40 -7.22
CA ALA A 85 1.48 -1.18 -7.34
C ALA A 85 0.32 -0.36 -7.89
N VAL A 86 0.03 0.78 -7.25
CA VAL A 86 -1.07 1.67 -7.65
C VAL A 86 -0.77 2.36 -8.98
N LYS A 87 0.50 2.65 -9.29
CA LYS A 87 0.88 3.32 -10.54
C LYS A 87 0.51 2.51 -11.80
N VAL A 88 0.71 1.20 -11.82
CA VAL A 88 0.38 0.37 -13.00
C VAL A 88 -1.12 0.24 -13.19
N MET A 89 -1.87 0.03 -12.12
CA MET A 89 -3.34 -0.03 -12.21
C MET A 89 -3.94 1.34 -12.57
N GLU A 90 -3.31 2.45 -12.19
CA GLU A 90 -3.69 3.81 -12.61
C GLU A 90 -3.38 4.10 -14.09
N GLU A 91 -2.33 3.52 -14.68
CA GLU A 91 -2.07 3.59 -16.13
C GLU A 91 -3.14 2.83 -16.94
N GLN A 92 -3.57 1.66 -16.44
CA GLN A 92 -4.56 0.80 -17.11
C GLN A 92 -5.99 1.30 -16.94
N GLU A 93 -6.36 1.69 -15.72
CA GLU A 93 -7.71 2.15 -15.34
C GLU A 93 -7.63 3.51 -14.60
N PRO A 94 -7.47 4.63 -15.33
CA PRO A 94 -7.32 5.96 -14.74
C PRO A 94 -8.61 6.48 -14.08
N ASN A 95 -9.77 5.97 -14.48
CA ASN A 95 -11.07 6.35 -13.93
C ASN A 95 -11.62 5.37 -12.88
N ASN A 96 -10.83 4.39 -12.42
CA ASN A 96 -11.29 3.38 -11.47
C ASN A 96 -11.54 4.00 -10.08
N PRO A 97 -12.74 3.85 -9.48
CA PRO A 97 -12.99 4.34 -8.12
C PRO A 97 -12.07 3.63 -7.10
N GLU A 98 -11.80 2.33 -7.29
CA GLU A 98 -10.95 1.56 -6.37
C GLU A 98 -9.47 1.93 -6.46
N VAL A 99 -9.02 2.43 -7.62
CA VAL A 99 -7.67 2.98 -7.76
C VAL A 99 -7.59 4.38 -7.16
N GLN A 100 -8.49 5.28 -7.56
CA GLN A 100 -8.41 6.68 -7.15
C GLN A 100 -8.70 6.88 -5.66
N GLU A 101 -9.58 6.07 -5.08
CA GLU A 101 -9.87 6.16 -3.63
C GLU A 101 -8.69 5.65 -2.78
N LEU A 102 -7.94 4.64 -3.25
CA LEU A 102 -6.69 4.24 -2.59
C LEU A 102 -5.57 5.26 -2.84
N LYS A 103 -5.36 5.67 -4.09
CA LYS A 103 -4.26 6.58 -4.47
C LYS A 103 -4.36 7.91 -3.73
N LYS A 104 -5.58 8.43 -3.53
CA LYS A 104 -5.86 9.60 -2.67
C LYS A 104 -5.38 9.41 -1.23
N ALA A 105 -5.60 8.22 -0.64
CA ALA A 105 -5.13 7.93 0.72
C ALA A 105 -3.60 8.05 0.82
N MET A 106 -2.86 7.44 -0.12
CA MET A 106 -1.40 7.56 -0.23
C MET A 106 -0.90 8.97 -0.54
N GLU A 107 -1.40 9.59 -1.61
CA GLU A 107 -0.95 10.90 -2.09
C GLU A 107 -1.15 12.00 -1.02
N GLU A 108 -2.24 11.95 -0.25
CA GLU A 108 -2.49 12.89 0.86
C GLU A 108 -1.65 12.57 2.11
N ALA A 109 -1.32 11.30 2.37
CA ALA A 109 -0.37 10.92 3.43
C ALA A 109 1.07 11.38 3.11
N GLU A 110 1.47 11.28 1.84
CA GLU A 110 2.80 11.65 1.35
C GLU A 110 3.05 13.17 1.42
N ARG A 111 2.03 13.95 1.07
CA ARG A 111 2.01 15.42 1.28
C ARG A 111 1.98 15.81 2.77
N GLY A 112 1.57 14.89 3.65
CA GLY A 112 1.53 15.06 5.09
C GLY A 112 2.90 14.90 5.77
N SER A 113 3.42 13.67 5.84
CA SER A 113 4.60 13.31 6.64
C SER A 113 5.47 12.20 6.03
N LEU A 114 5.89 12.35 4.77
CA LEU A 114 6.89 11.49 4.14
C LEU A 114 8.28 11.70 4.78
N GLU A 115 8.84 10.64 5.39
CA GLU A 115 10.24 10.59 5.85
C GLU A 115 11.21 10.24 4.70
N HIS A 116 12.48 10.60 4.88
CA HIS A 116 13.57 10.38 3.92
C HIS A 116 14.91 9.97 4.59
N HIS A 117 15.06 10.16 5.91
CA HIS A 117 16.29 9.88 6.66
C HIS A 117 16.09 8.72 7.66
N HIS A 118 15.81 7.52 7.13
CA HIS A 118 15.63 6.30 7.93
C HIS A 118 16.94 5.84 8.60
N HIS A 119 18.07 5.98 7.89
CA HIS A 119 19.41 5.47 8.29
C HIS A 119 19.43 3.96 8.58
N HIS A 120 20.52 3.44 9.16
CA HIS A 120 20.75 2.02 9.44
C HIS A 120 21.30 1.81 10.87
N HIS A 121 20.67 2.47 11.86
CA HIS A 121 21.00 2.41 13.29
C HIS A 121 19.71 2.34 14.15
N GLY A 1 -1.30 15.07 16.61
CA GLY A 1 -1.38 15.08 15.14
C GLY A 1 -1.61 13.67 14.62
N ASP A 2 -0.55 13.02 14.11
CA ASP A 2 -0.53 11.63 13.63
C ASP A 2 -1.48 11.32 12.45
N GLU A 3 -2.01 12.35 11.78
CA GLU A 3 -2.98 12.21 10.69
C GLU A 3 -2.43 11.42 9.49
N ALA A 4 -1.14 11.58 9.18
CA ALA A 4 -0.44 10.88 8.10
C ALA A 4 -0.43 9.35 8.29
N GLU A 5 -0.58 8.89 9.54
CA GLU A 5 -0.80 7.46 9.86
C GLU A 5 -2.29 7.08 9.93
N LYS A 6 -3.18 7.97 10.37
CA LYS A 6 -4.64 7.79 10.32
C LYS A 6 -5.16 7.56 8.88
N GLN A 7 -4.54 8.16 7.86
CA GLN A 7 -4.80 7.87 6.45
C GLN A 7 -4.60 6.39 6.08
N ALA A 8 -3.67 5.71 6.75
CA ALA A 8 -3.41 4.30 6.49
C ALA A 8 -4.62 3.41 6.82
N GLU A 9 -5.42 3.79 7.81
CA GLU A 9 -6.72 3.14 8.11
C GLU A 9 -7.66 3.13 6.88
N ARG A 10 -7.67 4.22 6.09
CA ARG A 10 -8.51 4.40 4.89
C ARG A 10 -8.12 3.45 3.75
N ALA A 11 -6.82 3.28 3.53
CA ALA A 11 -6.30 2.32 2.55
C ALA A 11 -6.42 0.87 3.04
N LEU A 12 -6.28 0.64 4.36
CA LEU A 12 -6.37 -0.67 4.99
C LEU A 12 -7.78 -1.25 4.81
N GLU A 13 -8.81 -0.46 5.05
CA GLU A 13 -10.20 -0.90 4.85
C GLU A 13 -10.55 -1.12 3.36
N LEU A 14 -9.95 -0.36 2.43
CA LEU A 14 -10.13 -0.56 0.98
C LEU A 14 -9.64 -1.97 0.57
N VAL A 15 -8.42 -2.36 0.96
CA VAL A 15 -7.86 -3.68 0.61
C VAL A 15 -8.52 -4.84 1.37
N ARG A 16 -9.12 -4.56 2.54
CA ARG A 16 -9.93 -5.50 3.32
C ARG A 16 -11.26 -5.81 2.64
N LYS A 17 -11.96 -4.78 2.16
CA LYS A 17 -13.32 -4.91 1.57
C LYS A 17 -13.24 -5.42 0.13
N SER A 18 -12.17 -5.08 -0.59
CA SER A 18 -11.86 -5.60 -1.92
C SER A 18 -10.55 -6.42 -1.90
N PRO A 19 -10.58 -7.70 -1.47
CA PRO A 19 -9.41 -8.58 -1.57
C PRO A 19 -9.04 -8.91 -3.02
N ASP A 20 -9.97 -8.74 -3.97
CA ASP A 20 -9.71 -8.90 -5.41
C ASP A 20 -8.86 -7.73 -5.96
N LEU A 21 -9.05 -6.52 -5.43
CA LEU A 21 -8.19 -5.35 -5.68
C LEU A 21 -6.78 -5.64 -5.15
N LEU A 22 -6.67 -6.24 -3.97
CA LEU A 22 -5.38 -6.59 -3.39
C LEU A 22 -4.66 -7.66 -4.22
N LYS A 23 -5.40 -8.68 -4.69
CA LYS A 23 -4.88 -9.79 -5.52
C LYS A 23 -4.26 -9.33 -6.85
N LYS A 24 -4.79 -8.25 -7.44
CA LYS A 24 -4.18 -7.59 -8.59
C LYS A 24 -3.08 -6.60 -8.21
N LEU A 25 -3.15 -6.00 -7.02
CA LEU A 25 -2.19 -4.98 -6.55
C LEU A 25 -0.75 -5.53 -6.44
N LEU A 26 -0.54 -6.61 -5.67
CA LEU A 26 0.77 -7.26 -5.58
C LEU A 26 1.23 -7.80 -6.95
N GLU A 27 0.30 -8.23 -7.81
CA GLU A 27 0.58 -8.75 -9.15
C GLU A 27 0.95 -7.64 -10.16
N ALA A 28 0.39 -6.43 -10.00
CA ALA A 28 0.67 -5.26 -10.83
C ALA A 28 2.03 -4.64 -10.49
N MET A 29 2.37 -4.58 -9.21
CA MET A 29 3.66 -4.10 -8.69
C MET A 29 4.87 -4.79 -9.36
N ALA A 30 4.75 -6.09 -9.61
CA ALA A 30 5.79 -6.90 -10.25
C ALA A 30 6.16 -6.42 -11.66
N GLU A 31 5.20 -5.88 -12.40
CA GLU A 31 5.42 -5.38 -13.76
C GLU A 31 6.23 -4.09 -13.74
N GLU A 32 5.92 -3.15 -12.85
CA GLU A 32 6.73 -1.95 -12.66
C GLU A 32 8.10 -2.27 -12.07
N LEU A 33 8.20 -3.23 -11.15
CA LEU A 33 9.51 -3.68 -10.66
C LEU A 33 10.36 -4.28 -11.81
N LYS A 34 9.72 -4.93 -12.80
CA LYS A 34 10.39 -5.37 -14.03
C LYS A 34 10.77 -4.20 -14.98
N ARG A 35 10.02 -3.10 -15.03
CA ARG A 35 10.40 -1.86 -15.78
C ARG A 35 11.66 -1.21 -15.20
N GLN A 36 11.84 -1.35 -13.89
CA GLN A 36 13.03 -0.93 -13.13
C GLN A 36 14.23 -1.90 -13.28
N GLY A 37 14.02 -3.07 -13.89
CA GLY A 37 15.06 -4.05 -14.22
C GLY A 37 15.38 -5.04 -13.10
N LYS A 38 14.47 -5.21 -12.13
CA LYS A 38 14.64 -6.15 -11.02
C LYS A 38 14.61 -7.62 -11.48
N SER A 39 15.16 -8.50 -10.64
CA SER A 39 15.19 -9.95 -10.85
C SER A 39 13.91 -10.62 -10.33
N PRO A 40 13.50 -11.78 -10.89
CA PRO A 40 12.26 -12.46 -10.52
C PRO A 40 12.24 -12.89 -9.04
N ASP A 41 13.40 -13.16 -8.43
CA ASP A 41 13.53 -13.47 -7.01
C ASP A 41 13.17 -12.25 -6.12
N GLU A 42 13.62 -11.06 -6.50
CA GLU A 42 13.32 -9.79 -5.79
C GLU A 42 11.85 -9.46 -5.90
N ILE A 43 11.33 -9.60 -7.13
CA ILE A 43 9.91 -9.37 -7.47
C ILE A 43 9.01 -10.30 -6.67
N GLN A 44 9.30 -11.62 -6.66
CA GLN A 44 8.50 -12.61 -5.95
C GLN A 44 8.44 -12.31 -4.45
N LYS A 45 9.60 -12.00 -3.85
CA LYS A 45 9.71 -11.58 -2.45
C LYS A 45 8.89 -10.31 -2.17
N ALA A 46 8.95 -9.30 -3.06
CA ALA A 46 8.16 -8.08 -2.92
C ALA A 46 6.65 -8.34 -2.89
N LYS A 47 6.12 -9.23 -3.77
CA LYS A 47 4.69 -9.62 -3.74
C LYS A 47 4.27 -10.13 -2.35
N ASP A 48 5.04 -11.06 -1.79
CA ASP A 48 4.77 -11.63 -0.46
C ASP A 48 4.90 -10.61 0.67
N GLU A 49 5.86 -9.70 0.60
CA GLU A 49 6.03 -8.64 1.61
C GLU A 49 4.78 -7.75 1.69
N VAL A 50 4.24 -7.35 0.55
CA VAL A 50 3.01 -6.53 0.50
C VAL A 50 1.81 -7.32 1.02
N LYS A 51 1.64 -8.57 0.58
CA LYS A 51 0.56 -9.49 0.98
C LYS A 51 0.57 -9.72 2.49
N THR A 52 1.73 -10.07 3.05
CA THR A 52 1.84 -10.38 4.49
C THR A 52 1.69 -9.12 5.33
N LYS A 53 2.14 -7.96 4.86
CA LYS A 53 1.96 -6.67 5.55
C LYS A 53 0.49 -6.25 5.62
N VAL A 54 -0.27 -6.32 4.52
CA VAL A 54 -1.72 -6.03 4.57
C VAL A 54 -2.47 -7.07 5.39
N GLU A 55 -2.08 -8.34 5.33
CA GLU A 55 -2.71 -9.40 6.13
C GLU A 55 -2.52 -9.16 7.62
N GLN A 56 -1.27 -8.97 8.10
CA GLN A 56 -1.01 -8.68 9.50
C GLN A 56 -1.72 -7.40 9.98
N ALA A 57 -1.97 -6.43 9.10
CA ALA A 57 -2.80 -5.28 9.42
C ALA A 57 -4.31 -5.63 9.53
N ILE A 58 -4.88 -6.30 8.53
CA ILE A 58 -6.33 -6.62 8.50
C ILE A 58 -6.71 -7.51 9.69
N ARG A 59 -5.86 -8.50 10.03
CA ARG A 59 -6.06 -9.43 11.16
C ARG A 59 -6.16 -8.73 12.51
N GLU A 60 -5.49 -7.57 12.64
CA GLU A 60 -5.59 -6.71 13.80
C GLU A 60 -6.88 -5.89 13.81
N TRP A 61 -7.24 -5.21 12.72
CA TRP A 61 -8.49 -4.44 12.68
C TRP A 61 -9.72 -5.32 12.98
N LYS A 62 -9.73 -6.55 12.46
CA LYS A 62 -10.84 -7.51 12.65
C LYS A 62 -11.04 -7.96 14.10
N GLN A 63 -9.99 -7.91 14.93
CA GLN A 63 -10.05 -8.16 16.38
C GLN A 63 -10.23 -6.86 17.21
N GLY A 64 -10.55 -5.76 16.53
CA GLY A 64 -10.77 -4.43 17.11
C GLY A 64 -9.50 -3.57 17.23
N ASN A 65 -8.38 -4.02 16.66
CA ASN A 65 -7.07 -3.37 16.80
C ASN A 65 -6.77 -2.44 15.60
N GLU A 66 -7.60 -1.39 15.44
CA GLU A 66 -7.46 -0.37 14.39
C GLU A 66 -6.07 0.27 14.38
N GLU A 67 -5.55 0.58 15.57
CA GLU A 67 -4.25 1.23 15.76
C GLU A 67 -3.08 0.36 15.28
N GLN A 68 -3.13 -0.96 15.50
CA GLN A 68 -2.11 -1.90 15.02
C GLN A 68 -2.25 -2.13 13.50
N ALA A 69 -3.48 -2.13 12.98
CA ALA A 69 -3.77 -2.27 11.55
C ALA A 69 -3.24 -1.08 10.74
N ARG A 70 -3.60 0.15 11.13
CA ARG A 70 -3.14 1.37 10.43
C ARG A 70 -1.63 1.59 10.56
N LYS A 71 -1.03 1.15 11.68
CA LYS A 71 0.43 1.10 11.87
C LYS A 71 1.12 0.20 10.84
N ASP A 72 0.66 -1.04 10.64
CA ASP A 72 1.28 -1.95 9.67
C ASP A 72 1.04 -1.51 8.21
N MET A 73 -0.17 -1.01 7.90
CA MET A 73 -0.48 -0.48 6.56
C MET A 73 0.31 0.78 6.22
N ARG A 74 0.55 1.69 7.19
CA ARG A 74 1.36 2.90 7.00
C ARG A 74 2.72 2.58 6.39
N LYS A 75 3.42 1.57 6.91
CA LYS A 75 4.82 1.33 6.54
C LYS A 75 4.93 0.95 5.05
N VAL A 76 3.93 0.22 4.56
CA VAL A 76 3.66 -0.12 3.15
C VAL A 76 3.30 1.12 2.33
N LEU A 77 2.40 1.98 2.83
CA LEU A 77 1.95 3.18 2.10
C LEU A 77 3.07 4.19 1.81
N LYS A 78 4.08 4.29 2.70
CA LYS A 78 5.28 5.09 2.46
C LYS A 78 6.34 4.34 1.64
N SER A 79 6.34 3.01 1.70
CA SER A 79 7.29 2.17 0.96
C SER A 79 7.07 2.27 -0.56
N PRO A 80 8.13 2.45 -1.37
CA PRO A 80 7.99 2.79 -2.80
C PRO A 80 7.30 1.69 -3.61
N ALA A 81 7.49 0.42 -3.23
CA ALA A 81 6.89 -0.73 -3.90
C ALA A 81 5.35 -0.61 -4.01
N PHE A 82 4.69 -0.05 -3.00
CA PHE A 82 3.24 0.09 -2.98
C PHE A 82 2.76 1.18 -3.97
N LYS A 83 3.57 2.24 -4.16
CA LYS A 83 3.34 3.26 -5.20
C LYS A 83 3.48 2.66 -6.60
N GLN A 84 4.45 1.75 -6.80
CA GLN A 84 4.63 1.03 -8.06
C GLN A 84 3.42 0.14 -8.39
N ALA A 85 2.85 -0.54 -7.39
CA ALA A 85 1.63 -1.32 -7.54
C ALA A 85 0.45 -0.50 -8.09
N VAL A 86 0.20 0.67 -7.50
CA VAL A 86 -0.92 1.55 -7.90
C VAL A 86 -0.65 2.23 -9.24
N LYS A 87 0.62 2.51 -9.56
CA LYS A 87 1.01 3.16 -10.82
C LYS A 87 0.59 2.32 -12.04
N VAL A 88 0.81 1.00 -12.03
CA VAL A 88 0.45 0.15 -13.18
C VAL A 88 -1.06 0.02 -13.37
N MET A 89 -1.82 -0.14 -12.29
CA MET A 89 -3.29 -0.19 -12.36
C MET A 89 -3.90 1.17 -12.74
N GLU A 90 -3.27 2.30 -12.40
CA GLU A 90 -3.68 3.64 -12.84
C GLU A 90 -3.42 3.88 -14.33
N GLU A 91 -2.35 3.33 -14.91
CA GLU A 91 -2.12 3.40 -16.37
C GLU A 91 -3.19 2.62 -17.16
N GLN A 92 -3.68 1.49 -16.62
CA GLN A 92 -4.71 0.66 -17.24
C GLN A 92 -6.13 1.20 -17.01
N GLU A 93 -6.43 1.60 -15.77
CA GLU A 93 -7.74 2.06 -15.32
C GLU A 93 -7.63 3.43 -14.59
N PRO A 94 -7.49 4.55 -15.33
CA PRO A 94 -7.19 5.85 -14.74
C PRO A 94 -8.39 6.45 -13.97
N ASN A 95 -9.62 6.11 -14.35
CA ASN A 95 -10.84 6.57 -13.70
C ASN A 95 -11.46 5.52 -12.75
N ASN A 96 -10.68 4.51 -12.30
CA ASN A 96 -11.18 3.46 -11.41
C ASN A 96 -11.45 4.03 -10.01
N PRO A 97 -12.65 3.87 -9.44
CA PRO A 97 -12.91 4.26 -8.05
C PRO A 97 -12.00 3.52 -7.06
N GLU A 98 -11.71 2.24 -7.33
CA GLU A 98 -10.87 1.41 -6.45
C GLU A 98 -9.38 1.75 -6.56
N VAL A 99 -8.92 2.28 -7.71
CA VAL A 99 -7.56 2.83 -7.81
C VAL A 99 -7.51 4.20 -7.15
N GLN A 100 -8.40 5.12 -7.54
CA GLN A 100 -8.32 6.52 -7.09
C GLN A 100 -8.57 6.68 -5.59
N GLU A 101 -9.44 5.86 -4.99
CA GLU A 101 -9.62 5.91 -3.53
C GLU A 101 -8.39 5.39 -2.75
N LEU A 102 -7.70 4.37 -3.29
CA LEU A 102 -6.45 3.86 -2.73
C LEU A 102 -5.31 4.89 -2.92
N LYS A 103 -5.19 5.44 -4.13
CA LYS A 103 -4.19 6.45 -4.52
C LYS A 103 -4.30 7.71 -3.67
N LYS A 104 -5.53 8.20 -3.46
CA LYS A 104 -5.86 9.35 -2.60
C LYS A 104 -5.39 9.16 -1.16
N ALA A 105 -5.60 7.96 -0.60
CA ALA A 105 -5.15 7.64 0.76
C ALA A 105 -3.61 7.66 0.87
N MET A 106 -2.88 7.11 -0.12
CA MET A 106 -1.41 7.19 -0.16
C MET A 106 -0.91 8.63 -0.34
N GLU A 107 -1.42 9.35 -1.34
CA GLU A 107 -1.03 10.73 -1.65
C GLU A 107 -1.21 11.65 -0.43
N GLU A 108 -2.33 11.57 0.28
CA GLU A 108 -2.57 12.39 1.48
C GLU A 108 -1.75 11.92 2.70
N ALA A 109 -1.46 10.60 2.83
CA ALA A 109 -0.52 10.08 3.82
C ALA A 109 0.92 10.57 3.57
N GLU A 110 1.32 10.72 2.31
CA GLU A 110 2.65 11.19 1.90
C GLU A 110 2.80 12.70 2.14
N ARG A 111 1.83 13.50 1.69
CA ARG A 111 1.86 14.97 1.84
C ARG A 111 1.59 15.47 3.27
N GLY A 112 0.88 14.69 4.08
CA GLY A 112 0.68 14.97 5.51
C GLY A 112 1.93 14.78 6.38
N SER A 113 2.98 14.12 5.86
CA SER A 113 4.22 13.83 6.59
C SER A 113 5.17 15.04 6.64
N LEU A 114 5.81 15.26 7.81
CA LEU A 114 6.83 16.29 8.05
C LEU A 114 6.41 17.73 7.68
N GLU A 115 5.12 18.07 7.82
CA GLU A 115 4.59 19.40 7.52
C GLU A 115 5.05 20.45 8.56
N HIS A 116 5.55 21.60 8.10
CA HIS A 116 5.96 22.74 8.93
C HIS A 116 6.06 24.05 8.12
N HIS A 117 5.19 25.01 8.45
CA HIS A 117 5.23 26.43 8.02
C HIS A 117 5.35 26.70 6.49
N HIS A 118 4.91 25.78 5.61
CA HIS A 118 4.89 26.02 4.17
C HIS A 118 3.72 26.93 3.75
N HIS A 119 3.96 27.80 2.75
CA HIS A 119 2.98 28.76 2.20
C HIS A 119 2.44 28.37 0.80
N HIS A 120 2.88 27.23 0.26
CA HIS A 120 2.54 26.74 -1.09
C HIS A 120 2.16 25.25 -1.05
N HIS A 121 1.43 24.78 -2.07
CA HIS A 121 0.95 23.40 -2.23
C HIS A 121 1.25 22.84 -3.64
N GLY A 1 1.65 15.39 13.31
CA GLY A 1 0.99 14.64 14.40
C GLY A 1 0.78 13.19 13.99
N ASP A 2 -0.48 12.76 13.93
CA ASP A 2 -0.90 11.38 13.58
C ASP A 2 -1.82 11.30 12.35
N GLU A 3 -1.95 12.37 11.57
CA GLU A 3 -2.85 12.43 10.41
C GLU A 3 -2.48 11.42 9.31
N ALA A 4 -1.18 11.16 9.10
CA ALA A 4 -0.70 10.15 8.16
C ALA A 4 -1.05 8.72 8.63
N GLU A 5 -1.23 8.52 9.94
CA GLU A 5 -1.67 7.24 10.51
C GLU A 5 -3.19 7.04 10.31
N LYS A 6 -3.98 8.11 10.39
CA LYS A 6 -5.43 8.10 10.06
C LYS A 6 -5.69 7.74 8.59
N GLN A 7 -4.85 8.19 7.66
CA GLN A 7 -4.91 7.78 6.25
C GLN A 7 -4.64 6.29 6.03
N ALA A 8 -3.77 5.69 6.85
CA ALA A 8 -3.48 4.27 6.76
C ALA A 8 -4.69 3.37 7.05
N GLU A 9 -5.56 3.79 7.98
CA GLU A 9 -6.87 3.17 8.22
C GLU A 9 -7.73 3.09 6.94
N ARG A 10 -7.67 4.13 6.10
CA ARG A 10 -8.48 4.28 4.86
C ARG A 10 -8.00 3.39 3.73
N ALA A 11 -6.68 3.34 3.54
CA ALA A 11 -6.09 2.40 2.59
C ALA A 11 -6.23 0.94 3.07
N LEU A 12 -6.19 0.71 4.39
CA LEU A 12 -6.33 -0.61 5.00
C LEU A 12 -7.73 -1.16 4.73
N GLU A 13 -8.76 -0.37 5.02
CA GLU A 13 -10.15 -0.82 4.87
C GLU A 13 -10.52 -1.08 3.40
N LEU A 14 -9.95 -0.33 2.45
CA LEU A 14 -10.10 -0.60 1.02
C LEU A 14 -9.57 -2.00 0.65
N VAL A 15 -8.33 -2.32 1.02
CA VAL A 15 -7.72 -3.63 0.68
C VAL A 15 -8.31 -4.79 1.50
N ARG A 16 -8.85 -4.51 2.70
CA ARG A 16 -9.55 -5.48 3.55
C ARG A 16 -10.89 -5.92 2.95
N LYS A 17 -11.70 -4.95 2.48
CA LYS A 17 -13.04 -5.18 1.93
C LYS A 17 -12.98 -5.70 0.49
N SER A 18 -11.96 -5.28 -0.27
CA SER A 18 -11.69 -5.75 -1.62
C SER A 18 -10.38 -6.58 -1.68
N PRO A 19 -10.38 -7.86 -1.27
CA PRO A 19 -9.22 -8.73 -1.45
C PRO A 19 -8.94 -9.03 -2.94
N ASP A 20 -9.92 -8.86 -3.83
CA ASP A 20 -9.75 -8.99 -5.28
C ASP A 20 -8.93 -7.83 -5.86
N LEU A 21 -9.04 -6.63 -5.27
CA LEU A 21 -8.18 -5.49 -5.54
C LEU A 21 -6.75 -5.78 -5.07
N LEU A 22 -6.60 -6.39 -3.88
CA LEU A 22 -5.28 -6.70 -3.33
C LEU A 22 -4.55 -7.76 -4.17
N LYS A 23 -5.27 -8.80 -4.62
CA LYS A 23 -4.75 -9.89 -5.47
C LYS A 23 -4.17 -9.41 -6.81
N LYS A 24 -4.70 -8.32 -7.38
CA LYS A 24 -4.10 -7.61 -8.53
C LYS A 24 -3.06 -6.59 -8.13
N LEU A 25 -3.15 -6.00 -6.94
CA LEU A 25 -2.23 -4.95 -6.46
C LEU A 25 -0.78 -5.45 -6.34
N LEU A 26 -0.52 -6.54 -5.60
CA LEU A 26 0.83 -7.14 -5.55
C LEU A 26 1.29 -7.59 -6.93
N GLU A 27 0.37 -8.12 -7.76
CA GLU A 27 0.67 -8.66 -9.08
C GLU A 27 0.99 -7.55 -10.10
N ALA A 28 0.41 -6.36 -9.94
CA ALA A 28 0.64 -5.19 -10.78
C ALA A 28 2.01 -4.55 -10.49
N MET A 29 2.43 -4.45 -9.22
CA MET A 29 3.76 -3.92 -8.87
C MET A 29 4.89 -4.65 -9.61
N ALA A 30 4.84 -5.99 -9.66
CA ALA A 30 5.87 -6.80 -10.30
C ALA A 30 6.18 -6.39 -11.75
N GLU A 31 5.18 -5.90 -12.49
CA GLU A 31 5.34 -5.48 -13.87
C GLU A 31 6.12 -4.17 -13.98
N GLU A 32 5.91 -3.23 -13.07
CA GLU A 32 6.71 -2.00 -12.98
C GLU A 32 8.09 -2.26 -12.34
N LEU A 33 8.16 -3.14 -11.34
CA LEU A 33 9.42 -3.54 -10.71
C LEU A 33 10.34 -4.22 -11.75
N LYS A 34 9.76 -4.95 -12.71
CA LYS A 34 10.46 -5.53 -13.87
C LYS A 34 11.00 -4.49 -14.86
N ARG A 35 10.30 -3.35 -15.07
CA ARG A 35 10.80 -2.21 -15.89
C ARG A 35 12.05 -1.57 -15.28
N GLN A 36 12.13 -1.59 -13.96
CA GLN A 36 13.25 -1.09 -13.16
C GLN A 36 14.45 -2.06 -13.14
N GLY A 37 14.29 -3.23 -13.76
CA GLY A 37 15.35 -4.20 -14.05
C GLY A 37 15.60 -5.22 -12.95
N LYS A 38 14.68 -5.35 -11.98
CA LYS A 38 14.83 -6.31 -10.87
C LYS A 38 14.74 -7.78 -11.33
N SER A 39 15.30 -8.66 -10.51
CA SER A 39 15.32 -10.11 -10.72
C SER A 39 14.00 -10.78 -10.29
N PRO A 40 13.64 -11.93 -10.89
CA PRO A 40 12.40 -12.64 -10.57
C PRO A 40 12.30 -13.05 -9.09
N ASP A 41 13.44 -13.35 -8.44
CA ASP A 41 13.51 -13.64 -7.01
C ASP A 41 13.14 -12.43 -6.13
N GLU A 42 13.66 -11.24 -6.46
CA GLU A 42 13.39 -10.00 -5.73
C GLU A 42 11.96 -9.53 -5.95
N ILE A 43 11.44 -9.68 -7.18
CA ILE A 43 10.04 -9.42 -7.53
C ILE A 43 9.11 -10.33 -6.71
N GLN A 44 9.38 -11.64 -6.69
CA GLN A 44 8.54 -12.61 -5.97
C GLN A 44 8.52 -12.29 -4.46
N LYS A 45 9.70 -12.03 -3.88
CA LYS A 45 9.86 -11.63 -2.48
C LYS A 45 9.14 -10.31 -2.16
N ALA A 46 9.17 -9.33 -3.07
CA ALA A 46 8.46 -8.06 -2.92
C ALA A 46 6.94 -8.26 -2.87
N LYS A 47 6.36 -9.08 -3.76
CA LYS A 47 4.92 -9.43 -3.73
C LYS A 47 4.51 -10.03 -2.38
N ASP A 48 5.30 -10.96 -1.86
CA ASP A 48 5.05 -11.54 -0.53
C ASP A 48 5.20 -10.52 0.60
N GLU A 49 6.10 -9.55 0.51
CA GLU A 49 6.28 -8.52 1.53
C GLU A 49 5.03 -7.62 1.57
N VAL A 50 4.49 -7.22 0.42
CA VAL A 50 3.26 -6.40 0.36
C VAL A 50 2.06 -7.18 0.91
N LYS A 51 1.91 -8.45 0.49
CA LYS A 51 0.84 -9.36 0.90
C LYS A 51 0.88 -9.64 2.39
N THR A 52 2.05 -9.97 2.94
CA THR A 52 2.18 -10.28 4.37
C THR A 52 2.02 -9.03 5.24
N LYS A 53 2.48 -7.86 4.78
CA LYS A 53 2.26 -6.58 5.46
C LYS A 53 0.77 -6.26 5.64
N VAL A 54 -0.02 -6.33 4.56
CA VAL A 54 -1.48 -6.09 4.65
C VAL A 54 -2.20 -7.18 5.43
N GLU A 55 -1.77 -8.43 5.32
CA GLU A 55 -2.37 -9.54 6.07
C GLU A 55 -2.16 -9.38 7.58
N GLN A 56 -0.95 -9.09 8.03
CA GLN A 56 -0.69 -8.83 9.46
C GLN A 56 -1.46 -7.59 9.95
N ALA A 57 -1.67 -6.58 9.11
CA ALA A 57 -2.52 -5.45 9.48
C ALA A 57 -4.00 -5.84 9.63
N ILE A 58 -4.59 -6.48 8.61
CA ILE A 58 -6.01 -6.88 8.64
C ILE A 58 -6.27 -7.86 9.80
N ARG A 59 -5.36 -8.80 10.07
CA ARG A 59 -5.45 -9.75 11.18
C ARG A 59 -5.45 -9.08 12.55
N GLU A 60 -4.80 -7.93 12.70
CA GLU A 60 -4.88 -7.10 13.90
C GLU A 60 -6.21 -6.36 13.98
N TRP A 61 -6.66 -5.69 12.92
CA TRP A 61 -7.96 -4.99 12.93
C TRP A 61 -9.12 -5.95 13.21
N LYS A 62 -9.08 -7.16 12.65
CA LYS A 62 -10.14 -8.17 12.80
C LYS A 62 -10.33 -8.62 14.25
N GLN A 63 -9.26 -8.60 15.05
CA GLN A 63 -9.27 -8.85 16.50
C GLN A 63 -9.51 -7.58 17.35
N GLY A 64 -9.92 -6.49 16.70
CA GLY A 64 -10.24 -5.19 17.29
C GLY A 64 -9.05 -4.23 17.40
N ASN A 65 -7.89 -4.57 16.83
CA ASN A 65 -6.63 -3.84 17.05
C ASN A 65 -6.35 -2.79 15.97
N GLU A 66 -7.29 -1.86 15.78
CA GLU A 66 -7.26 -0.84 14.71
C GLU A 66 -5.94 -0.07 14.67
N GLU A 67 -5.43 0.31 15.84
CA GLU A 67 -4.20 1.08 15.97
C GLU A 67 -2.94 0.33 15.53
N GLN A 68 -2.89 -1.00 15.67
CA GLN A 68 -1.79 -1.85 15.18
C GLN A 68 -1.94 -2.08 13.67
N ALA A 69 -3.16 -2.32 13.22
CA ALA A 69 -3.50 -2.57 11.83
C ALA A 69 -3.13 -1.38 10.93
N ARG A 70 -3.60 -0.18 11.27
CA ARG A 70 -3.27 1.04 10.51
C ARG A 70 -1.76 1.33 10.55
N LYS A 71 -1.09 1.00 11.66
CA LYS A 71 0.36 1.15 11.81
C LYS A 71 1.13 0.24 10.83
N ASP A 72 0.70 -1.00 10.60
CA ASP A 72 1.37 -1.87 9.62
C ASP A 72 1.05 -1.47 8.15
N MET A 73 -0.16 -0.98 7.87
CA MET A 73 -0.51 -0.43 6.55
C MET A 73 0.26 0.87 6.24
N ARG A 74 0.48 1.74 7.22
CA ARG A 74 1.30 2.95 7.08
C ARG A 74 2.69 2.64 6.50
N LYS A 75 3.36 1.59 6.99
CA LYS A 75 4.73 1.29 6.57
C LYS A 75 4.82 0.90 5.09
N VAL A 76 3.74 0.31 4.57
CA VAL A 76 3.48 0.00 3.16
C VAL A 76 3.15 1.25 2.35
N LEU A 77 2.32 2.16 2.87
CA LEU A 77 1.95 3.41 2.18
C LEU A 77 3.14 4.33 1.86
N LYS A 78 4.18 4.35 2.71
CA LYS A 78 5.45 5.05 2.41
C LYS A 78 6.32 4.26 1.43
N SER A 79 6.20 2.94 1.41
CA SER A 79 7.12 2.05 0.69
C SER A 79 6.90 2.09 -0.83
N PRO A 80 7.98 2.14 -1.65
CA PRO A 80 7.89 2.39 -3.09
C PRO A 80 7.19 1.28 -3.87
N ALA A 81 7.24 0.03 -3.38
CA ALA A 81 6.52 -1.10 -3.97
C ALA A 81 5.01 -0.83 -4.05
N PHE A 82 4.44 -0.16 -3.06
CA PHE A 82 3.00 0.13 -3.02
C PHE A 82 2.61 1.25 -4.00
N LYS A 83 3.51 2.23 -4.20
CA LYS A 83 3.38 3.25 -5.24
C LYS A 83 3.46 2.63 -6.63
N GLN A 84 4.37 1.67 -6.84
CA GLN A 84 4.50 0.94 -8.10
C GLN A 84 3.25 0.09 -8.38
N ALA A 85 2.69 -0.55 -7.36
CA ALA A 85 1.44 -1.31 -7.49
C ALA A 85 0.29 -0.45 -8.03
N VAL A 86 0.05 0.72 -7.43
CA VAL A 86 -1.05 1.60 -7.84
C VAL A 86 -0.76 2.27 -9.17
N LYS A 87 0.51 2.54 -9.49
CA LYS A 87 0.92 3.17 -10.75
C LYS A 87 0.45 2.37 -11.97
N VAL A 88 0.65 1.05 -11.96
CA VAL A 88 0.31 0.20 -13.14
C VAL A 88 -1.20 0.06 -13.32
N MET A 89 -1.96 -0.11 -12.24
CA MET A 89 -3.42 -0.15 -12.31
C MET A 89 -4.01 1.23 -12.70
N GLU A 90 -3.37 2.33 -12.32
CA GLU A 90 -3.76 3.69 -12.74
C GLU A 90 -3.52 3.94 -14.24
N GLU A 91 -2.44 3.41 -14.83
CA GLU A 91 -2.22 3.52 -16.28
C GLU A 91 -3.29 2.78 -17.09
N GLN A 92 -3.78 1.64 -16.58
CA GLN A 92 -4.82 0.84 -17.22
C GLN A 92 -6.23 1.42 -17.00
N GLU A 93 -6.53 1.81 -15.75
CA GLU A 93 -7.82 2.37 -15.32
C GLU A 93 -7.63 3.70 -14.54
N PRO A 94 -7.53 4.84 -15.23
CA PRO A 94 -7.22 6.14 -14.61
C PRO A 94 -8.42 6.75 -13.86
N ASN A 95 -9.64 6.31 -14.16
CA ASN A 95 -10.88 6.73 -13.50
C ASN A 95 -11.52 5.61 -12.64
N ASN A 96 -10.74 4.61 -12.22
CA ASN A 96 -11.24 3.52 -11.37
C ASN A 96 -11.52 4.06 -9.94
N PRO A 97 -12.69 3.84 -9.34
CA PRO A 97 -12.96 4.25 -7.97
C PRO A 97 -12.03 3.56 -6.97
N GLU A 98 -11.73 2.26 -7.16
CA GLU A 98 -10.86 1.51 -6.26
C GLU A 98 -9.38 1.88 -6.40
N VAL A 99 -8.95 2.38 -7.58
CA VAL A 99 -7.61 2.96 -7.75
C VAL A 99 -7.56 4.35 -7.15
N GLN A 100 -8.49 5.24 -7.50
CA GLN A 100 -8.41 6.66 -7.12
C GLN A 100 -8.67 6.87 -5.63
N GLU A 101 -9.52 6.07 -5.00
CA GLU A 101 -9.69 6.15 -3.53
C GLU A 101 -8.43 5.69 -2.79
N LEU A 102 -7.73 4.67 -3.31
CA LEU A 102 -6.47 4.17 -2.76
C LEU A 102 -5.32 5.16 -3.00
N LYS A 103 -5.18 5.69 -4.23
CA LYS A 103 -4.15 6.68 -4.60
C LYS A 103 -4.28 7.95 -3.76
N LYS A 104 -5.52 8.43 -3.56
CA LYS A 104 -5.79 9.60 -2.69
C LYS A 104 -5.43 9.33 -1.22
N ALA A 105 -5.69 8.13 -0.70
CA ALA A 105 -5.27 7.75 0.65
C ALA A 105 -3.73 7.76 0.80
N MET A 106 -3.00 7.26 -0.19
CA MET A 106 -1.53 7.35 -0.25
C MET A 106 -1.04 8.81 -0.38
N GLU A 107 -1.54 9.55 -1.36
CA GLU A 107 -1.19 10.96 -1.58
C GLU A 107 -1.37 11.83 -0.33
N GLU A 108 -2.51 11.73 0.36
CA GLU A 108 -2.75 12.51 1.59
C GLU A 108 -1.81 12.12 2.74
N ALA A 109 -1.37 10.86 2.81
CA ALA A 109 -0.32 10.42 3.73
C ALA A 109 1.07 10.95 3.30
N GLU A 110 1.39 10.91 2.01
CA GLU A 110 2.67 11.32 1.42
C GLU A 110 2.94 12.83 1.63
N ARG A 111 1.91 13.67 1.43
CA ARG A 111 1.99 15.13 1.62
C ARG A 111 1.85 15.57 3.09
N GLY A 112 1.67 14.62 4.02
CA GLY A 112 1.74 14.82 5.48
C GLY A 112 3.04 14.29 6.09
N SER A 113 3.54 13.15 5.58
CA SER A 113 4.73 12.43 6.03
C SER A 113 6.04 13.00 5.43
N LEU A 114 6.30 14.29 5.69
CA LEU A 114 7.48 15.00 5.18
C LEU A 114 8.76 14.48 5.85
N GLU A 115 9.55 13.71 5.10
CA GLU A 115 10.83 13.12 5.51
C GLU A 115 12.04 14.00 5.17
N HIS A 116 13.19 13.71 5.79
CA HIS A 116 14.51 14.25 5.45
C HIS A 116 15.41 13.13 4.92
N HIS A 117 14.97 12.51 3.81
CA HIS A 117 15.52 11.28 3.24
C HIS A 117 15.55 10.11 4.26
N HIS A 118 16.46 9.14 4.09
CA HIS A 118 16.76 8.08 5.06
C HIS A 118 15.56 7.15 5.42
N HIS A 119 14.65 6.91 4.48
CA HIS A 119 13.51 6.00 4.65
C HIS A 119 13.93 4.52 4.82
N HIS A 120 13.10 3.75 5.53
CA HIS A 120 13.23 2.29 5.66
C HIS A 120 12.29 1.58 4.67
N HIS A 121 12.78 0.52 4.01
CA HIS A 121 12.17 -0.16 2.85
C HIS A 121 12.00 0.73 1.60
N GLY A 1 0.99 15.17 14.35
CA GLY A 1 0.26 14.25 15.25
C GLY A 1 0.08 12.88 14.60
N ASP A 2 -1.17 12.44 14.46
CA ASP A 2 -1.56 11.13 13.91
C ASP A 2 -2.34 11.22 12.58
N GLU A 3 -2.34 12.37 11.91
CA GLU A 3 -3.12 12.59 10.68
C GLU A 3 -2.66 11.73 9.49
N ALA A 4 -1.37 11.37 9.44
CA ALA A 4 -0.82 10.43 8.45
C ALA A 4 -1.24 8.98 8.75
N GLU A 5 -1.53 8.66 10.01
CA GLU A 5 -1.98 7.33 10.43
C GLU A 5 -3.47 7.10 10.10
N LYS A 6 -4.32 8.13 10.26
CA LYS A 6 -5.72 8.14 9.79
C LYS A 6 -5.85 7.72 8.31
N GLN A 7 -4.91 8.13 7.45
CA GLN A 7 -4.89 7.73 6.03
C GLN A 7 -4.65 6.23 5.82
N ALA A 8 -3.88 5.61 6.72
CA ALA A 8 -3.65 4.18 6.69
C ALA A 8 -4.88 3.37 7.08
N GLU A 9 -5.70 3.84 8.01
CA GLU A 9 -7.02 3.23 8.30
C GLU A 9 -7.90 3.20 7.03
N ARG A 10 -7.85 4.27 6.23
CA ARG A 10 -8.67 4.49 5.02
C ARG A 10 -8.26 3.58 3.87
N ALA A 11 -6.96 3.39 3.67
CA ALA A 11 -6.41 2.44 2.70
C ALA A 11 -6.55 0.97 3.18
N LEU A 12 -6.40 0.73 4.50
CA LEU A 12 -6.46 -0.60 5.10
C LEU A 12 -7.84 -1.21 4.87
N GLU A 13 -8.90 -0.46 5.18
CA GLU A 13 -10.28 -0.95 5.02
C GLU A 13 -10.59 -1.29 3.55
N LEU A 14 -10.01 -0.57 2.59
CA LEU A 14 -10.23 -0.82 1.18
C LEU A 14 -9.62 -2.17 0.76
N VAL A 15 -8.37 -2.44 1.14
CA VAL A 15 -7.70 -3.72 0.82
C VAL A 15 -8.24 -4.90 1.65
N ARG A 16 -8.83 -4.62 2.81
CA ARG A 16 -9.55 -5.61 3.63
C ARG A 16 -10.87 -6.05 2.98
N LYS A 17 -11.64 -5.08 2.47
CA LYS A 17 -12.99 -5.33 1.91
C LYS A 17 -12.95 -5.89 0.50
N SER A 18 -11.94 -5.51 -0.28
CA SER A 18 -11.62 -6.12 -1.58
C SER A 18 -10.28 -6.85 -1.56
N PRO A 19 -10.25 -8.15 -1.21
CA PRO A 19 -9.06 -8.98 -1.37
C PRO A 19 -8.71 -9.21 -2.85
N ASP A 20 -9.61 -8.91 -3.80
CA ASP A 20 -9.32 -8.95 -5.24
C ASP A 20 -8.60 -7.69 -5.74
N LEU A 21 -8.95 -6.51 -5.20
CA LEU A 21 -8.18 -5.26 -5.42
C LEU A 21 -6.74 -5.47 -4.92
N LEU A 22 -6.59 -6.18 -3.80
CA LEU A 22 -5.30 -6.51 -3.22
C LEU A 22 -4.56 -7.57 -4.05
N LYS A 23 -5.26 -8.61 -4.52
CA LYS A 23 -4.71 -9.68 -5.38
C LYS A 23 -4.10 -9.14 -6.68
N LYS A 24 -4.65 -8.06 -7.22
CA LYS A 24 -4.04 -7.35 -8.36
C LYS A 24 -2.93 -6.37 -7.96
N LEU A 25 -3.02 -5.75 -6.79
CA LEU A 25 -2.03 -4.77 -6.31
C LEU A 25 -0.61 -5.37 -6.24
N LEU A 26 -0.41 -6.48 -5.51
CA LEU A 26 0.92 -7.12 -5.44
C LEU A 26 1.39 -7.64 -6.82
N GLU A 27 0.43 -8.10 -7.64
CA GLU A 27 0.69 -8.63 -8.99
C GLU A 27 1.05 -7.53 -10.00
N ALA A 28 0.53 -6.31 -9.81
CA ALA A 28 0.77 -5.15 -10.66
C ALA A 28 2.17 -4.54 -10.44
N MET A 29 2.60 -4.36 -9.19
CA MET A 29 3.93 -3.81 -8.87
C MET A 29 5.06 -4.58 -9.55
N ALA A 30 4.95 -5.92 -9.60
CA ALA A 30 5.90 -6.79 -10.28
C ALA A 30 6.15 -6.42 -11.75
N GLU A 31 5.13 -5.93 -12.46
CA GLU A 31 5.25 -5.54 -13.87
C GLU A 31 6.11 -4.29 -14.03
N GLU A 32 6.02 -3.32 -13.12
CA GLU A 32 6.92 -2.17 -13.12
C GLU A 32 8.31 -2.52 -12.57
N LEU A 33 8.42 -3.31 -11.50
CA LEU A 33 9.74 -3.75 -11.01
C LEU A 33 10.58 -4.42 -12.12
N LYS A 34 9.93 -5.19 -13.01
CA LYS A 34 10.56 -5.83 -14.17
C LYS A 34 11.14 -4.81 -15.16
N ARG A 35 10.53 -3.63 -15.32
CA ARG A 35 11.01 -2.52 -16.19
C ARG A 35 12.26 -1.83 -15.66
N GLN A 36 12.50 -1.92 -14.36
CA GLN A 36 13.78 -1.51 -13.74
C GLN A 36 14.92 -2.53 -13.95
N GLY A 37 14.60 -3.72 -14.45
CA GLY A 37 15.56 -4.79 -14.77
C GLY A 37 15.82 -5.76 -13.62
N LYS A 38 14.90 -5.84 -12.65
CA LYS A 38 14.98 -6.77 -11.51
C LYS A 38 14.88 -8.25 -11.94
N SER A 39 15.29 -9.11 -11.04
CA SER A 39 15.20 -10.58 -11.13
C SER A 39 13.86 -11.11 -10.60
N PRO A 40 13.44 -12.30 -11.05
CA PRO A 40 12.29 -13.01 -10.48
C PRO A 40 12.36 -13.16 -8.95
N ASP A 41 13.56 -13.32 -8.38
CA ASP A 41 13.77 -13.42 -6.92
C ASP A 41 13.41 -12.12 -6.17
N GLU A 42 13.86 -10.96 -6.67
CA GLU A 42 13.53 -9.65 -6.09
C GLU A 42 12.04 -9.34 -6.22
N ILE A 43 11.47 -9.66 -7.39
CA ILE A 43 10.05 -9.44 -7.71
C ILE A 43 9.16 -10.30 -6.81
N GLN A 44 9.43 -11.60 -6.71
CA GLN A 44 8.65 -12.53 -5.91
C GLN A 44 8.65 -12.14 -4.43
N LYS A 45 9.82 -11.80 -3.90
CA LYS A 45 9.99 -11.28 -2.54
C LYS A 45 9.16 -10.00 -2.33
N ALA A 46 9.19 -9.05 -3.27
CA ALA A 46 8.42 -7.82 -3.16
C ALA A 46 6.90 -8.07 -3.09
N LYS A 47 6.35 -9.02 -3.87
CA LYS A 47 4.93 -9.43 -3.76
C LYS A 47 4.58 -9.89 -2.34
N ASP A 48 5.41 -10.76 -1.76
CA ASP A 48 5.20 -11.29 -0.41
C ASP A 48 5.30 -10.22 0.68
N GLU A 49 6.19 -9.23 0.54
CA GLU A 49 6.31 -8.14 1.51
C GLU A 49 5.01 -7.35 1.61
N VAL A 50 4.43 -6.98 0.47
CA VAL A 50 3.16 -6.22 0.41
C VAL A 50 2.03 -7.07 1.00
N LYS A 51 1.93 -8.34 0.61
CA LYS A 51 0.91 -9.30 1.03
C LYS A 51 0.95 -9.56 2.53
N THR A 52 2.15 -9.86 3.06
CA THR A 52 2.30 -10.16 4.49
C THR A 52 2.08 -8.91 5.34
N LYS A 53 2.47 -7.72 4.86
CA LYS A 53 2.21 -6.46 5.56
C LYS A 53 0.71 -6.16 5.71
N VAL A 54 -0.07 -6.26 4.62
CA VAL A 54 -1.53 -6.05 4.73
C VAL A 54 -2.20 -7.16 5.55
N GLU A 55 -1.74 -8.40 5.46
CA GLU A 55 -2.28 -9.51 6.24
C GLU A 55 -2.06 -9.33 7.73
N GLN A 56 -0.84 -8.99 8.16
CA GLN A 56 -0.58 -8.73 9.58
C GLN A 56 -1.39 -7.52 10.07
N ALA A 57 -1.60 -6.50 9.23
CA ALA A 57 -2.44 -5.37 9.58
C ALA A 57 -3.90 -5.78 9.78
N ILE A 58 -4.50 -6.46 8.81
CA ILE A 58 -5.92 -6.87 8.87
C ILE A 58 -6.14 -7.83 10.06
N ARG A 59 -5.21 -8.74 10.33
CA ARG A 59 -5.27 -9.65 11.49
C ARG A 59 -5.28 -8.93 12.84
N GLU A 60 -4.64 -7.77 12.94
CA GLU A 60 -4.68 -6.90 14.10
C GLU A 60 -6.03 -6.18 14.20
N TRP A 61 -6.49 -5.57 13.12
CA TRP A 61 -7.80 -4.87 13.12
C TRP A 61 -8.94 -5.84 13.49
N LYS A 62 -8.90 -7.05 12.97
CA LYS A 62 -9.95 -8.07 13.18
C LYS A 62 -10.10 -8.47 14.66
N GLN A 63 -9.00 -8.43 15.42
CA GLN A 63 -8.97 -8.66 16.87
C GLN A 63 -9.18 -7.37 17.69
N GLY A 64 -9.62 -6.29 17.03
CA GLY A 64 -9.91 -4.98 17.61
C GLY A 64 -8.70 -4.04 17.69
N ASN A 65 -7.56 -4.40 17.10
CA ASN A 65 -6.28 -3.70 17.28
C ASN A 65 -6.01 -2.67 16.17
N GLU A 66 -6.97 -1.75 15.97
CA GLU A 66 -6.93 -0.72 14.91
C GLU A 66 -5.61 0.05 14.89
N GLU A 67 -5.12 0.42 16.07
CA GLU A 67 -3.86 1.14 16.28
C GLU A 67 -2.66 0.40 15.66
N GLN A 68 -2.57 -0.92 15.81
CA GLN A 68 -1.48 -1.69 15.21
C GLN A 68 -1.71 -1.90 13.71
N ALA A 69 -2.95 -2.22 13.35
CA ALA A 69 -3.36 -2.52 11.99
C ALA A 69 -3.07 -1.36 11.02
N ARG A 70 -3.55 -0.17 11.34
CA ARG A 70 -3.30 1.00 10.49
C ARG A 70 -1.82 1.43 10.54
N LYS A 71 -1.10 1.19 11.64
CA LYS A 71 0.34 1.45 11.72
C LYS A 71 1.13 0.54 10.77
N ASP A 72 0.77 -0.73 10.62
CA ASP A 72 1.40 -1.64 9.64
C ASP A 72 1.03 -1.30 8.19
N MET A 73 -0.22 -0.87 7.91
CA MET A 73 -0.59 -0.34 6.59
C MET A 73 0.16 0.96 6.26
N ARG A 74 0.41 1.84 7.24
CA ARG A 74 1.22 3.05 7.04
C ARG A 74 2.62 2.73 6.48
N LYS A 75 3.27 1.64 6.94
CA LYS A 75 4.59 1.23 6.44
C LYS A 75 4.55 0.86 4.95
N VAL A 76 3.44 0.26 4.52
CA VAL A 76 3.13 -0.05 3.11
C VAL A 76 2.85 1.22 2.30
N LEU A 77 2.09 2.18 2.85
CA LEU A 77 1.77 3.44 2.15
C LEU A 77 3.00 4.31 1.88
N LYS A 78 4.00 4.26 2.76
CA LYS A 78 5.28 4.96 2.56
C LYS A 78 6.28 4.12 1.73
N SER A 79 6.11 2.80 1.70
CA SER A 79 6.96 1.91 0.89
C SER A 79 6.77 2.17 -0.62
N PRO A 80 7.86 2.20 -1.41
CA PRO A 80 7.80 2.58 -2.82
C PRO A 80 7.13 1.52 -3.68
N ALA A 81 7.22 0.24 -3.30
CA ALA A 81 6.57 -0.87 -4.01
C ALA A 81 5.05 -0.66 -4.14
N PHE A 82 4.41 -0.09 -3.11
CA PHE A 82 2.96 0.13 -3.12
C PHE A 82 2.57 1.24 -4.11
N LYS A 83 3.43 2.26 -4.26
CA LYS A 83 3.30 3.26 -5.33
C LYS A 83 3.46 2.61 -6.72
N GLN A 84 4.35 1.64 -6.89
CA GLN A 84 4.51 0.96 -8.19
C GLN A 84 3.28 0.12 -8.54
N ALA A 85 2.66 -0.55 -7.55
CA ALA A 85 1.41 -1.26 -7.75
C ALA A 85 0.26 -0.35 -8.23
N VAL A 86 0.02 0.75 -7.51
CA VAL A 86 -1.07 1.68 -7.81
C VAL A 86 -0.81 2.44 -9.10
N LYS A 87 0.46 2.70 -9.45
CA LYS A 87 0.81 3.34 -10.71
C LYS A 87 0.47 2.43 -11.91
N VAL A 88 0.80 1.14 -11.82
CA VAL A 88 0.56 0.15 -12.89
C VAL A 88 -0.93 -0.05 -13.15
N MET A 89 -1.73 -0.15 -12.09
CA MET A 89 -3.20 -0.26 -12.21
C MET A 89 -3.86 1.07 -12.62
N GLU A 90 -3.33 2.23 -12.25
CA GLU A 90 -3.83 3.54 -12.70
C GLU A 90 -3.59 3.80 -14.19
N GLU A 91 -2.47 3.31 -14.75
CA GLU A 91 -2.23 3.37 -16.20
C GLU A 91 -3.27 2.58 -17.01
N GLN A 92 -3.79 1.48 -16.44
CA GLN A 92 -4.78 0.61 -17.08
C GLN A 92 -6.22 1.03 -16.80
N GLU A 93 -6.51 1.49 -15.58
CA GLU A 93 -7.83 1.88 -15.08
C GLU A 93 -7.79 3.31 -14.50
N PRO A 94 -7.66 4.36 -15.35
CA PRO A 94 -7.39 5.73 -14.89
C PRO A 94 -8.58 6.38 -14.17
N ASN A 95 -9.81 5.91 -14.44
CA ASN A 95 -11.04 6.40 -13.81
C ASN A 95 -11.59 5.45 -12.73
N ASN A 96 -10.81 4.48 -12.26
CA ASN A 96 -11.28 3.48 -11.30
C ASN A 96 -11.53 4.11 -9.92
N PRO A 97 -12.74 3.99 -9.31
CA PRO A 97 -12.96 4.45 -7.94
C PRO A 97 -12.06 3.71 -6.94
N GLU A 98 -11.82 2.42 -7.15
CA GLU A 98 -10.99 1.59 -6.26
C GLU A 98 -9.49 1.92 -6.36
N VAL A 99 -9.02 2.42 -7.51
CA VAL A 99 -7.64 2.92 -7.65
C VAL A 99 -7.54 4.35 -7.13
N GLN A 100 -8.41 5.25 -7.57
CA GLN A 100 -8.33 6.67 -7.19
C GLN A 100 -8.50 6.86 -5.69
N GLU A 101 -9.39 6.12 -5.03
CA GLU A 101 -9.56 6.26 -3.57
C GLU A 101 -8.36 5.69 -2.78
N LEU A 102 -7.73 4.62 -3.27
CA LEU A 102 -6.49 4.08 -2.70
C LEU A 102 -5.31 5.05 -2.91
N LYS A 103 -5.14 5.55 -4.14
CA LYS A 103 -4.10 6.51 -4.56
C LYS A 103 -4.19 7.81 -3.78
N LYS A 104 -5.38 8.39 -3.65
CA LYS A 104 -5.63 9.63 -2.89
C LYS A 104 -5.28 9.47 -1.40
N ALA A 105 -5.52 8.30 -0.80
CA ALA A 105 -5.12 8.01 0.57
C ALA A 105 -3.58 8.01 0.73
N MET A 106 -2.85 7.37 -0.20
CA MET A 106 -1.37 7.42 -0.23
C MET A 106 -0.84 8.83 -0.47
N GLU A 107 -1.34 9.50 -1.51
CA GLU A 107 -0.93 10.87 -1.88
C GLU A 107 -1.05 11.83 -0.68
N GLU A 108 -2.18 11.80 0.04
CA GLU A 108 -2.41 12.65 1.21
C GLU A 108 -1.61 12.19 2.46
N ALA A 109 -1.32 10.90 2.62
CA ALA A 109 -0.44 10.39 3.68
C ALA A 109 1.02 10.86 3.52
N GLU A 110 1.50 10.95 2.28
CA GLU A 110 2.89 11.32 1.98
C GLU A 110 3.18 12.81 2.28
N ARG A 111 2.20 13.68 2.02
CA ARG A 111 2.25 15.11 2.40
C ARG A 111 1.91 15.35 3.88
N GLY A 112 1.13 14.44 4.49
CA GLY A 112 0.72 14.50 5.90
C GLY A 112 1.77 14.04 6.92
N SER A 113 2.85 13.39 6.48
CA SER A 113 3.94 12.91 7.34
C SER A 113 4.98 14.00 7.61
N LEU A 114 5.15 14.40 8.88
CA LEU A 114 6.08 15.44 9.33
C LEU A 114 7.42 14.82 9.80
N GLU A 115 8.30 14.53 8.85
CA GLU A 115 9.65 14.00 9.12
C GLU A 115 10.58 15.06 9.73
N HIS A 116 11.55 14.63 10.55
CA HIS A 116 12.50 15.44 11.36
C HIS A 116 11.90 16.41 12.40
N HIS A 117 10.66 16.87 12.22
CA HIS A 117 9.98 17.84 13.10
C HIS A 117 9.65 17.26 14.50
N HIS A 118 9.64 15.94 14.66
CA HIS A 118 9.30 15.25 15.92
C HIS A 118 10.25 15.60 17.08
N HIS A 119 11.56 15.69 16.83
CA HIS A 119 12.63 15.87 17.82
C HIS A 119 12.59 14.81 18.97
N HIS A 120 13.39 15.01 20.02
CA HIS A 120 13.37 14.20 21.26
C HIS A 120 13.73 15.03 22.50
N HIS A 121 14.88 15.70 22.49
CA HIS A 121 15.38 16.62 23.53
C HIS A 121 15.92 17.93 22.90
N GLY A 1 3.56 12.45 12.62
CA GLY A 1 2.48 12.28 13.60
C GLY A 1 1.38 11.36 13.08
N ASP A 2 0.12 11.65 13.41
CA ASP A 2 -1.05 10.84 13.05
C ASP A 2 -1.67 11.17 11.68
N GLU A 3 -1.05 12.05 10.90
CA GLU A 3 -1.45 12.31 9.50
C GLU A 3 -1.27 11.09 8.59
N ALA A 4 -0.21 10.30 8.78
CA ALA A 4 0.02 9.04 8.06
C ALA A 4 -0.89 7.92 8.56
N GLU A 5 -1.27 7.99 9.84
CA GLU A 5 -1.95 6.91 10.58
C GLU A 5 -3.44 6.80 10.20
N LYS A 6 -4.17 7.90 10.21
CA LYS A 6 -5.58 7.96 9.78
C LYS A 6 -5.74 7.60 8.29
N GLN A 7 -4.84 8.06 7.43
CA GLN A 7 -4.80 7.70 6.01
C GLN A 7 -4.52 6.21 5.77
N ALA A 8 -3.63 5.61 6.56
CA ALA A 8 -3.36 4.17 6.49
C ALA A 8 -4.60 3.33 6.83
N GLU A 9 -5.39 3.76 7.82
CA GLU A 9 -6.64 3.10 8.21
C GLU A 9 -7.65 2.99 7.05
N ARG A 10 -7.75 4.04 6.21
CA ARG A 10 -8.63 4.10 5.03
C ARG A 10 -8.17 3.17 3.91
N ALA A 11 -6.87 3.11 3.66
CA ALA A 11 -6.29 2.17 2.71
C ALA A 11 -6.36 0.71 3.21
N LEU A 12 -6.22 0.49 4.52
CA LEU A 12 -6.26 -0.82 5.17
C LEU A 12 -7.64 -1.45 5.00
N GLU A 13 -8.70 -0.70 5.28
CA GLU A 13 -10.07 -1.19 5.12
C GLU A 13 -10.46 -1.38 3.63
N LEU A 14 -9.92 -0.58 2.71
CA LEU A 14 -10.13 -0.74 1.26
C LEU A 14 -9.61 -2.11 0.78
N VAL A 15 -8.38 -2.46 1.11
CA VAL A 15 -7.76 -3.75 0.68
C VAL A 15 -8.38 -4.96 1.40
N ARG A 16 -8.99 -4.75 2.57
CA ARG A 16 -9.74 -5.76 3.33
C ARG A 16 -11.11 -6.05 2.72
N LYS A 17 -11.85 -5.00 2.34
CA LYS A 17 -13.21 -5.12 1.79
C LYS A 17 -13.21 -5.53 0.32
N SER A 18 -12.17 -5.12 -0.43
CA SER A 18 -11.89 -5.56 -1.79
C SER A 18 -10.60 -6.40 -1.86
N PRO A 19 -10.64 -7.70 -1.51
CA PRO A 19 -9.47 -8.58 -1.60
C PRO A 19 -9.01 -8.82 -3.04
N ASP A 20 -9.88 -8.62 -4.04
CA ASP A 20 -9.51 -8.72 -5.46
C ASP A 20 -8.73 -7.49 -5.96
N LEU A 21 -8.97 -6.31 -5.36
CA LEU A 21 -8.16 -5.10 -5.56
C LEU A 21 -6.74 -5.33 -5.02
N LEU A 22 -6.64 -6.01 -3.89
CA LEU A 22 -5.34 -6.39 -3.33
C LEU A 22 -4.64 -7.46 -4.21
N LYS A 23 -5.39 -8.45 -4.70
CA LYS A 23 -4.90 -9.54 -5.57
C LYS A 23 -4.30 -9.05 -6.88
N LYS A 24 -4.80 -7.94 -7.42
CA LYS A 24 -4.19 -7.25 -8.56
C LYS A 24 -3.06 -6.29 -8.17
N LEU A 25 -3.11 -5.68 -6.99
CA LEU A 25 -2.10 -4.73 -6.52
C LEU A 25 -0.69 -5.34 -6.46
N LEU A 26 -0.51 -6.46 -5.74
CA LEU A 26 0.80 -7.14 -5.70
C LEU A 26 1.22 -7.63 -7.10
N GLU A 27 0.26 -8.04 -7.93
CA GLU A 27 0.50 -8.55 -9.28
C GLU A 27 0.89 -7.43 -10.27
N ALA A 28 0.37 -6.22 -10.09
CA ALA A 28 0.64 -5.05 -10.93
C ALA A 28 2.01 -4.43 -10.63
N MET A 29 2.39 -4.39 -9.35
CA MET A 29 3.71 -3.96 -8.87
C MET A 29 4.86 -4.69 -9.57
N ALA A 30 4.71 -6.00 -9.79
CA ALA A 30 5.71 -6.86 -10.43
C ALA A 30 6.08 -6.40 -11.85
N GLU A 31 5.12 -5.85 -12.59
CA GLU A 31 5.34 -5.39 -13.96
C GLU A 31 6.25 -4.17 -14.02
N GLU A 32 6.11 -3.24 -13.07
CA GLU A 32 6.99 -2.07 -12.95
C GLU A 32 8.32 -2.37 -12.25
N LEU A 33 8.33 -3.29 -11.27
CA LEU A 33 9.57 -3.83 -10.68
C LEU A 33 10.47 -4.48 -11.74
N LYS A 34 9.90 -5.16 -12.74
CA LYS A 34 10.65 -5.69 -13.89
C LYS A 34 11.32 -4.57 -14.70
N ARG A 35 10.70 -3.39 -14.81
CA ARG A 35 11.25 -2.19 -15.49
C ARG A 35 12.35 -1.49 -14.68
N GLN A 36 12.38 -1.73 -13.37
CA GLN A 36 13.49 -1.31 -12.50
C GLN A 36 14.74 -2.20 -12.63
N GLY A 37 14.60 -3.34 -13.31
CA GLY A 37 15.68 -4.30 -13.60
C GLY A 37 15.85 -5.41 -12.55
N LYS A 38 14.84 -5.65 -11.71
CA LYS A 38 14.87 -6.69 -10.67
C LYS A 38 14.84 -8.11 -11.26
N SER A 39 15.28 -9.08 -10.46
CA SER A 39 15.17 -10.52 -10.73
C SER A 39 13.83 -11.08 -10.26
N PRO A 40 13.32 -12.18 -10.86
CA PRO A 40 12.01 -12.73 -10.52
C PRO A 40 11.89 -13.21 -9.06
N ASP A 41 13.00 -13.58 -8.42
CA ASP A 41 13.05 -13.93 -7.00
C ASP A 41 12.81 -12.71 -6.09
N GLU A 42 13.35 -11.54 -6.46
CA GLU A 42 13.16 -10.27 -5.74
C GLU A 42 11.73 -9.77 -5.90
N ILE A 43 11.22 -9.86 -7.13
CA ILE A 43 9.83 -9.54 -7.49
C ILE A 43 8.87 -10.43 -6.68
N GLN A 44 9.08 -11.74 -6.67
CA GLN A 44 8.26 -12.68 -5.91
C GLN A 44 8.24 -12.33 -4.40
N LYS A 45 9.41 -12.09 -3.81
CA LYS A 45 9.53 -11.67 -2.41
C LYS A 45 8.85 -10.32 -2.15
N ALA A 46 8.91 -9.37 -3.08
CA ALA A 46 8.19 -8.10 -2.98
C ALA A 46 6.66 -8.30 -2.98
N LYS A 47 6.12 -9.14 -3.89
CA LYS A 47 4.68 -9.51 -3.88
C LYS A 47 4.27 -10.09 -2.52
N ASP A 48 5.05 -11.03 -2.00
CA ASP A 48 4.80 -11.63 -0.68
C ASP A 48 4.91 -10.65 0.47
N GLU A 49 5.85 -9.71 0.45
CA GLU A 49 5.94 -8.64 1.45
C GLU A 49 4.66 -7.82 1.49
N VAL A 50 4.22 -7.33 0.33
CA VAL A 50 3.01 -6.50 0.24
C VAL A 50 1.78 -7.28 0.74
N LYS A 51 1.67 -8.55 0.36
CA LYS A 51 0.60 -9.48 0.79
C LYS A 51 0.64 -9.72 2.29
N THR A 52 1.80 -10.04 2.85
CA THR A 52 1.92 -10.33 4.29
C THR A 52 1.79 -9.08 5.16
N LYS A 53 2.26 -7.92 4.67
CA LYS A 53 2.07 -6.61 5.34
C LYS A 53 0.58 -6.28 5.52
N VAL A 54 -0.23 -6.38 4.46
CA VAL A 54 -1.68 -6.16 4.58
C VAL A 54 -2.37 -7.24 5.42
N GLU A 55 -1.95 -8.51 5.29
CA GLU A 55 -2.52 -9.61 6.07
C GLU A 55 -2.29 -9.46 7.57
N GLN A 56 -1.06 -9.18 7.99
CA GLN A 56 -0.78 -8.95 9.41
C GLN A 56 -1.51 -7.70 9.93
N ALA A 57 -1.70 -6.68 9.09
CA ALA A 57 -2.50 -5.52 9.47
C ALA A 57 -3.99 -5.89 9.66
N ILE A 58 -4.60 -6.58 8.69
CA ILE A 58 -6.01 -6.99 8.76
C ILE A 58 -6.25 -7.94 9.94
N ARG A 59 -5.34 -8.90 10.18
CA ARG A 59 -5.40 -9.84 11.31
C ARG A 59 -5.35 -9.15 12.67
N GLU A 60 -4.70 -7.99 12.78
CA GLU A 60 -4.77 -7.14 13.96
C GLU A 60 -6.11 -6.42 14.07
N TRP A 61 -6.58 -5.76 13.00
CA TRP A 61 -7.89 -5.08 13.02
C TRP A 61 -9.03 -6.04 13.41
N LYS A 62 -9.00 -7.26 12.88
CA LYS A 62 -10.02 -8.29 13.11
C LYS A 62 -10.12 -8.73 14.58
N GLN A 63 -9.02 -8.66 15.32
CA GLN A 63 -8.96 -8.92 16.78
C GLN A 63 -9.17 -7.65 17.62
N GLY A 64 -9.61 -6.56 16.99
CA GLY A 64 -9.89 -5.26 17.60
C GLY A 64 -8.68 -4.32 17.68
N ASN A 65 -7.56 -4.68 17.05
CA ASN A 65 -6.28 -3.96 17.14
C ASN A 65 -6.09 -2.99 15.96
N GLU A 66 -7.00 -2.02 15.84
CA GLU A 66 -6.97 -0.97 14.80
C GLU A 66 -5.63 -0.22 14.77
N GLU A 67 -5.13 0.13 15.95
CA GLU A 67 -3.89 0.88 16.16
C GLU A 67 -2.64 0.11 15.68
N GLN A 68 -2.65 -1.23 15.76
CA GLN A 68 -1.60 -2.06 15.14
C GLN A 68 -1.80 -2.19 13.62
N ALA A 69 -3.05 -2.39 13.17
CA ALA A 69 -3.41 -2.58 11.77
C ALA A 69 -3.05 -1.37 10.89
N ARG A 70 -3.49 -0.16 11.28
CA ARG A 70 -3.16 1.06 10.55
C ARG A 70 -1.66 1.35 10.56
N LYS A 71 -0.93 0.95 11.61
CA LYS A 71 0.52 1.15 11.72
C LYS A 71 1.29 0.18 10.83
N ASP A 72 0.88 -1.08 10.71
CA ASP A 72 1.44 -2.03 9.74
C ASP A 72 1.15 -1.61 8.29
N MET A 73 -0.07 -1.13 7.99
CA MET A 73 -0.42 -0.54 6.69
C MET A 73 0.36 0.76 6.41
N ARG A 74 0.63 1.61 7.42
CA ARG A 74 1.43 2.85 7.28
C ARG A 74 2.82 2.61 6.69
N LYS A 75 3.46 1.47 6.99
CA LYS A 75 4.78 1.12 6.40
C LYS A 75 4.68 0.86 4.90
N VAL A 76 3.55 0.31 4.48
CA VAL A 76 3.19 0.07 3.07
C VAL A 76 2.79 1.37 2.35
N LEU A 77 2.05 2.29 2.99
CA LEU A 77 1.68 3.60 2.41
C LEU A 77 2.92 4.40 1.95
N LYS A 78 4.01 4.36 2.72
CA LYS A 78 5.27 5.06 2.41
C LYS A 78 6.21 4.23 1.52
N SER A 79 6.04 2.91 1.49
CA SER A 79 6.90 2.02 0.69
C SER A 79 6.81 2.34 -0.81
N PRO A 80 7.94 2.47 -1.51
CA PRO A 80 7.96 2.88 -2.92
C PRO A 80 7.40 1.79 -3.83
N ALA A 81 7.52 0.52 -3.42
CA ALA A 81 6.95 -0.63 -4.11
C ALA A 81 5.42 -0.52 -4.23
N PHE A 82 4.75 -0.05 -3.17
CA PHE A 82 3.29 0.09 -3.16
C PHE A 82 2.84 1.26 -4.04
N LYS A 83 3.64 2.34 -4.12
CA LYS A 83 3.45 3.41 -5.10
C LYS A 83 3.56 2.88 -6.54
N GLN A 84 4.48 1.95 -6.83
CA GLN A 84 4.52 1.31 -8.14
C GLN A 84 3.26 0.47 -8.40
N ALA A 85 2.81 -0.31 -7.40
CA ALA A 85 1.60 -1.13 -7.49
C ALA A 85 0.36 -0.32 -7.91
N VAL A 86 0.11 0.81 -7.25
CA VAL A 86 -1.02 1.70 -7.57
C VAL A 86 -0.80 2.43 -8.91
N LYS A 87 0.45 2.75 -9.27
CA LYS A 87 0.76 3.45 -10.52
C LYS A 87 0.44 2.61 -11.76
N VAL A 88 0.70 1.30 -11.77
CA VAL A 88 0.41 0.46 -12.96
C VAL A 88 -1.10 0.27 -13.14
N MET A 89 -1.86 0.10 -12.06
CA MET A 89 -3.32 0.05 -12.13
C MET A 89 -3.95 1.40 -12.49
N GLU A 90 -3.37 2.54 -12.05
CA GLU A 90 -3.82 3.88 -12.46
C GLU A 90 -3.52 4.19 -13.94
N GLU A 91 -2.42 3.68 -14.50
CA GLU A 91 -2.13 3.80 -15.94
C GLU A 91 -3.15 3.06 -16.81
N GLN A 92 -3.62 1.89 -16.35
CA GLN A 92 -4.64 1.10 -17.04
C GLN A 92 -6.06 1.65 -16.86
N GLU A 93 -6.43 1.98 -15.61
CA GLU A 93 -7.76 2.48 -15.23
C GLU A 93 -7.65 3.78 -14.40
N PRO A 94 -7.49 4.94 -15.06
CA PRO A 94 -7.23 6.23 -14.38
C PRO A 94 -8.47 6.79 -13.68
N ASN A 95 -9.67 6.41 -14.11
CA ASN A 95 -10.95 6.83 -13.50
C ASN A 95 -11.58 5.71 -12.62
N ASN A 96 -10.80 4.72 -12.18
CA ASN A 96 -11.31 3.63 -11.34
C ASN A 96 -11.64 4.16 -9.93
N PRO A 97 -12.85 3.98 -9.39
CA PRO A 97 -13.16 4.37 -8.02
C PRO A 97 -12.27 3.67 -7.00
N GLU A 98 -11.96 2.38 -7.20
CA GLU A 98 -11.13 1.61 -6.27
C GLU A 98 -9.64 1.96 -6.35
N VAL A 99 -9.13 2.37 -7.53
CA VAL A 99 -7.75 2.86 -7.63
C VAL A 99 -7.66 4.25 -7.04
N GLN A 100 -8.55 5.17 -7.42
CA GLN A 100 -8.52 6.55 -6.93
C GLN A 100 -8.77 6.64 -5.43
N GLU A 101 -9.65 5.81 -4.85
CA GLU A 101 -9.88 5.81 -3.39
C GLU A 101 -8.65 5.31 -2.61
N LEU A 102 -7.89 4.36 -3.16
CA LEU A 102 -6.62 3.89 -2.58
C LEU A 102 -5.53 4.95 -2.77
N LYS A 103 -5.32 5.43 -4.00
CA LYS A 103 -4.27 6.38 -4.39
C LYS A 103 -4.40 7.70 -3.63
N LYS A 104 -5.62 8.22 -3.49
CA LYS A 104 -5.95 9.46 -2.75
C LYS A 104 -5.54 9.39 -1.28
N ALA A 105 -5.70 8.23 -0.64
CA ALA A 105 -5.25 8.04 0.75
C ALA A 105 -3.73 8.23 0.87
N MET A 106 -2.96 7.66 -0.07
CA MET A 106 -1.49 7.78 -0.12
C MET A 106 -1.03 9.19 -0.52
N GLU A 107 -1.61 9.77 -1.57
CA GLU A 107 -1.35 11.16 -1.99
C GLU A 107 -1.53 12.16 -0.83
N GLU A 108 -2.59 12.03 -0.03
CA GLU A 108 -2.81 12.86 1.16
C GLU A 108 -1.80 12.59 2.28
N ALA A 109 -1.36 11.35 2.49
CA ALA A 109 -0.32 11.02 3.47
C ALA A 109 1.05 11.60 3.06
N GLU A 110 1.39 11.54 1.76
CA GLU A 110 2.63 12.08 1.19
C GLU A 110 2.70 13.61 1.27
N ARG A 111 1.56 14.29 1.06
CA ARG A 111 1.40 15.74 1.30
C ARG A 111 1.30 16.11 2.78
N GLY A 112 0.87 15.17 3.63
CA GLY A 112 0.81 15.31 5.09
C GLY A 112 2.21 15.41 5.72
N SER A 113 3.14 14.54 5.29
CA SER A 113 4.56 14.63 5.63
C SER A 113 5.43 13.97 4.55
N LEU A 114 6.37 14.74 3.97
CA LEU A 114 7.39 14.24 3.05
C LEU A 114 8.60 13.76 3.87
N GLU A 115 8.49 12.55 4.42
CA GLU A 115 9.51 11.94 5.30
C GLU A 115 10.76 11.50 4.50
N HIS A 116 11.94 11.69 5.10
CA HIS A 116 13.24 11.34 4.53
C HIS A 116 14.18 10.78 5.63
N HIS A 117 15.00 9.79 5.26
CA HIS A 117 15.91 9.08 6.17
C HIS A 117 17.27 8.80 5.51
N HIS A 118 18.01 9.87 5.18
CA HIS A 118 19.36 9.83 4.58
C HIS A 118 19.46 8.91 3.34
N HIS A 119 18.49 9.04 2.42
CA HIS A 119 18.33 8.26 1.18
C HIS A 119 18.20 6.73 1.37
N HIS A 120 17.96 6.24 2.59
CA HIS A 120 17.69 4.83 2.88
C HIS A 120 16.21 4.48 2.67
N HIS A 121 15.92 3.20 2.38
CA HIS A 121 14.56 2.65 2.29
C HIS A 121 13.88 2.49 3.68
N GLY A 1 3.48 13.10 12.18
CA GLY A 1 2.82 12.77 13.46
C GLY A 1 1.85 11.62 13.30
N ASP A 2 0.55 11.89 13.45
CA ASP A 2 -0.56 10.93 13.35
C ASP A 2 -1.51 11.20 12.17
N GLU A 3 -1.16 12.10 11.26
CA GLU A 3 -1.86 12.29 9.99
C GLU A 3 -1.78 11.03 9.13
N ALA A 4 -0.60 10.42 9.03
CA ALA A 4 -0.36 9.24 8.20
C ALA A 4 -1.05 7.99 8.78
N GLU A 5 -1.27 8.01 10.08
CA GLU A 5 -2.02 6.96 10.80
C GLU A 5 -3.52 6.99 10.46
N LYS A 6 -4.12 8.18 10.36
CA LYS A 6 -5.51 8.37 9.93
C LYS A 6 -5.73 8.07 8.44
N GLN A 7 -4.73 8.28 7.59
CA GLN A 7 -4.72 7.82 6.19
C GLN A 7 -4.56 6.30 6.05
N ALA A 8 -3.69 5.67 6.85
CA ALA A 8 -3.44 4.23 6.78
C ALA A 8 -4.69 3.39 7.05
N GLU A 9 -5.53 3.86 7.97
CA GLU A 9 -6.84 3.27 8.28
C GLU A 9 -7.74 3.14 7.04
N ARG A 10 -7.72 4.15 6.14
CA ARG A 10 -8.60 4.22 4.96
C ARG A 10 -8.21 3.22 3.88
N ALA A 11 -6.91 3.08 3.63
CA ALA A 11 -6.38 2.10 2.69
C ALA A 11 -6.44 0.66 3.23
N LEU A 12 -6.30 0.48 4.56
CA LEU A 12 -6.34 -0.82 5.24
C LEU A 12 -7.71 -1.48 5.05
N GLU A 13 -8.78 -0.72 5.26
CA GLU A 13 -10.15 -1.24 5.07
C GLU A 13 -10.49 -1.44 3.59
N LEU A 14 -9.97 -0.62 2.67
CA LEU A 14 -10.18 -0.77 1.22
C LEU A 14 -9.65 -2.12 0.73
N VAL A 15 -8.39 -2.47 1.06
CA VAL A 15 -7.78 -3.74 0.60
C VAL A 15 -8.38 -4.97 1.29
N ARG A 16 -9.02 -4.79 2.45
CA ARG A 16 -9.79 -5.82 3.18
C ARG A 16 -11.15 -6.09 2.54
N LYS A 17 -11.88 -5.04 2.17
CA LYS A 17 -13.24 -5.15 1.59
C LYS A 17 -13.21 -5.53 0.12
N SER A 18 -12.16 -5.11 -0.60
CA SER A 18 -11.85 -5.54 -1.96
C SER A 18 -10.56 -6.38 -2.00
N PRO A 19 -10.60 -7.67 -1.63
CA PRO A 19 -9.45 -8.56 -1.76
C PRO A 19 -9.08 -8.81 -3.24
N ASP A 20 -10.01 -8.61 -4.17
CA ASP A 20 -9.76 -8.71 -5.62
C ASP A 20 -8.92 -7.53 -6.13
N LEU A 21 -9.01 -6.36 -5.47
CA LEU A 21 -8.12 -5.22 -5.68
C LEU A 21 -6.72 -5.56 -5.18
N LEU A 22 -6.62 -6.18 -3.99
CA LEU A 22 -5.34 -6.51 -3.39
C LEU A 22 -4.59 -7.59 -4.20
N LYS A 23 -5.30 -8.62 -4.67
CA LYS A 23 -4.77 -9.71 -5.50
C LYS A 23 -4.18 -9.24 -6.83
N LYS A 24 -4.72 -8.17 -7.42
CA LYS A 24 -4.10 -7.48 -8.56
C LYS A 24 -3.01 -6.49 -8.16
N LEU A 25 -3.09 -5.89 -6.98
CA LEU A 25 -2.15 -4.86 -6.51
C LEU A 25 -0.71 -5.38 -6.37
N LEU A 26 -0.49 -6.46 -5.61
CA LEU A 26 0.84 -7.10 -5.54
C LEU A 26 1.30 -7.60 -6.93
N GLU A 27 0.36 -8.07 -7.76
CA GLU A 27 0.65 -8.58 -9.11
C GLU A 27 1.02 -7.46 -10.10
N ALA A 28 0.48 -6.26 -9.92
CA ALA A 28 0.75 -5.08 -10.72
C ALA A 28 2.12 -4.46 -10.39
N MET A 29 2.49 -4.42 -9.10
CA MET A 29 3.81 -3.98 -8.63
C MET A 29 4.96 -4.73 -9.34
N ALA A 30 4.82 -6.05 -9.50
CA ALA A 30 5.81 -6.88 -10.17
C ALA A 30 6.14 -6.42 -11.59
N GLU A 31 5.17 -5.89 -12.31
CA GLU A 31 5.39 -5.38 -13.67
C GLU A 31 6.21 -4.11 -13.67
N GLU A 32 5.95 -3.17 -12.75
CA GLU A 32 6.77 -1.96 -12.64
C GLU A 32 8.20 -2.29 -12.20
N LEU A 33 8.35 -3.23 -11.26
CA LEU A 33 9.68 -3.67 -10.86
C LEU A 33 10.40 -4.34 -12.05
N LYS A 34 9.68 -5.06 -12.91
CA LYS A 34 10.22 -5.64 -14.15
C LYS A 34 10.60 -4.59 -15.22
N ARG A 35 9.84 -3.48 -15.38
CA ARG A 35 10.25 -2.32 -16.23
C ARG A 35 11.60 -1.75 -15.79
N GLN A 36 11.85 -1.80 -14.48
CA GLN A 36 13.07 -1.34 -13.81
C GLN A 36 14.20 -2.38 -13.78
N GLY A 37 13.98 -3.53 -14.40
CA GLY A 37 14.98 -4.56 -14.67
C GLY A 37 15.25 -5.49 -13.48
N LYS A 38 14.39 -5.47 -12.46
CA LYS A 38 14.55 -6.31 -11.28
C LYS A 38 14.39 -7.82 -11.58
N SER A 39 14.94 -8.63 -10.68
CA SER A 39 15.00 -10.09 -10.81
C SER A 39 13.74 -10.78 -10.27
N PRO A 40 13.36 -11.97 -10.78
CA PRO A 40 12.17 -12.70 -10.36
C PRO A 40 12.16 -13.03 -8.87
N ASP A 41 13.34 -13.25 -8.26
CA ASP A 41 13.50 -13.47 -6.82
C ASP A 41 13.14 -12.23 -5.98
N GLU A 42 13.62 -11.05 -6.37
CA GLU A 42 13.36 -9.77 -5.70
C GLU A 42 11.90 -9.36 -5.88
N ILE A 43 11.34 -9.59 -7.08
CA ILE A 43 9.93 -9.36 -7.39
C ILE A 43 9.04 -10.27 -6.53
N GLN A 44 9.34 -11.57 -6.47
CA GLN A 44 8.60 -12.53 -5.65
C GLN A 44 8.57 -12.11 -4.18
N LYS A 45 9.75 -11.73 -3.62
CA LYS A 45 9.87 -11.24 -2.24
C LYS A 45 9.09 -9.93 -2.02
N ALA A 46 9.09 -9.03 -3.01
CA ALA A 46 8.30 -7.80 -2.96
C ALA A 46 6.78 -8.09 -2.89
N LYS A 47 6.24 -8.97 -3.75
CA LYS A 47 4.81 -9.35 -3.72
C LYS A 47 4.39 -9.88 -2.35
N ASP A 48 5.16 -10.82 -1.80
CA ASP A 48 4.86 -11.40 -0.49
C ASP A 48 5.00 -10.42 0.67
N GLU A 49 5.97 -9.50 0.65
CA GLU A 49 6.13 -8.54 1.75
C GLU A 49 4.97 -7.52 1.80
N VAL A 50 4.41 -7.13 0.64
CA VAL A 50 3.21 -6.27 0.58
C VAL A 50 1.98 -7.03 1.09
N LYS A 51 1.79 -8.27 0.62
CA LYS A 51 0.68 -9.14 0.99
C LYS A 51 0.71 -9.44 2.49
N THR A 52 1.86 -9.81 3.05
CA THR A 52 1.95 -10.16 4.47
C THR A 52 1.79 -8.93 5.37
N LYS A 53 2.22 -7.75 4.91
CA LYS A 53 1.96 -6.47 5.61
C LYS A 53 0.47 -6.13 5.70
N VAL A 54 -0.29 -6.26 4.62
CA VAL A 54 -1.75 -6.01 4.67
C VAL A 54 -2.46 -7.11 5.45
N GLU A 55 -2.05 -8.37 5.28
CA GLU A 55 -2.68 -9.52 5.93
C GLU A 55 -2.53 -9.44 7.44
N GLN A 56 -1.31 -9.26 7.95
CA GLN A 56 -1.07 -9.10 9.39
C GLN A 56 -1.75 -7.87 9.97
N ALA A 57 -1.90 -6.77 9.21
CA ALA A 57 -2.70 -5.63 9.65
C ALA A 57 -4.18 -6.00 9.77
N ILE A 58 -4.76 -6.66 8.76
CA ILE A 58 -6.17 -7.07 8.76
C ILE A 58 -6.44 -8.07 9.89
N ARG A 59 -5.53 -9.03 10.17
CA ARG A 59 -5.66 -9.96 11.31
C ARG A 59 -5.71 -9.25 12.65
N GLU A 60 -5.10 -8.09 12.81
CA GLU A 60 -5.25 -7.28 14.01
C GLU A 60 -6.59 -6.52 14.04
N TRP A 61 -6.97 -5.84 12.94
CA TRP A 61 -8.25 -5.12 12.90
C TRP A 61 -9.43 -6.04 13.24
N LYS A 62 -9.39 -7.29 12.77
CA LYS A 62 -10.44 -8.29 13.02
C LYS A 62 -10.61 -8.67 14.51
N GLN A 63 -9.56 -8.51 15.33
CA GLN A 63 -9.62 -8.66 16.81
C GLN A 63 -10.14 -7.40 17.51
N GLY A 64 -10.41 -6.33 16.75
CA GLY A 64 -10.66 -4.98 17.25
C GLY A 64 -9.37 -4.17 17.43
N ASN A 65 -8.22 -4.68 16.96
CA ASN A 65 -6.91 -4.02 17.09
C ASN A 65 -6.64 -3.07 15.92
N GLU A 66 -7.55 -2.10 15.72
CA GLU A 66 -7.46 -1.04 14.71
C GLU A 66 -6.10 -0.32 14.76
N GLU A 67 -5.69 0.04 15.97
CA GLU A 67 -4.43 0.75 16.25
C GLU A 67 -3.19 -0.03 15.81
N GLN A 68 -3.20 -1.38 15.87
CA GLN A 68 -2.12 -2.21 15.37
C GLN A 68 -2.18 -2.36 13.84
N ALA A 69 -3.39 -2.51 13.28
CA ALA A 69 -3.64 -2.65 11.85
C ALA A 69 -3.17 -1.43 11.06
N ARG A 70 -3.59 -0.23 11.49
CA ARG A 70 -3.18 1.03 10.85
C ARG A 70 -1.68 1.29 10.92
N LYS A 71 -0.97 0.81 11.95
CA LYS A 71 0.50 0.90 12.03
C LYS A 71 1.19 -0.03 11.05
N ASP A 72 0.74 -1.27 10.87
CA ASP A 72 1.31 -2.18 9.88
C ASP A 72 1.01 -1.73 8.44
N MET A 73 -0.18 -1.18 8.18
CA MET A 73 -0.52 -0.57 6.89
C MET A 73 0.26 0.74 6.64
N ARG A 74 0.49 1.58 7.66
CA ARG A 74 1.26 2.84 7.53
C ARG A 74 2.63 2.67 6.90
N LYS A 75 3.33 1.57 7.18
CA LYS A 75 4.66 1.29 6.59
C LYS A 75 4.57 1.05 5.07
N VAL A 76 3.44 0.52 4.63
CA VAL A 76 3.09 0.27 3.22
C VAL A 76 2.61 1.54 2.51
N LEU A 77 1.84 2.43 3.16
CA LEU A 77 1.43 3.73 2.58
C LEU A 77 2.63 4.58 2.12
N LYS A 78 3.73 4.54 2.87
CA LYS A 78 4.97 5.27 2.54
C LYS A 78 5.91 4.49 1.61
N SER A 79 5.78 3.17 1.56
CA SER A 79 6.70 2.31 0.78
C SER A 79 6.65 2.60 -0.73
N PRO A 80 7.82 2.73 -1.39
CA PRO A 80 7.89 3.09 -2.81
C PRO A 80 7.41 1.94 -3.70
N ALA A 81 7.58 0.69 -3.24
CA ALA A 81 7.06 -0.49 -3.93
C ALA A 81 5.53 -0.44 -4.04
N PHE A 82 4.84 0.01 -2.98
CA PHE A 82 3.38 0.12 -2.97
C PHE A 82 2.89 1.25 -3.90
N LYS A 83 3.64 2.35 -4.00
CA LYS A 83 3.40 3.39 -5.01
C LYS A 83 3.57 2.82 -6.42
N GLN A 84 4.52 1.91 -6.65
CA GLN A 84 4.68 1.26 -7.96
C GLN A 84 3.51 0.31 -8.27
N ALA A 85 2.96 -0.39 -7.27
CA ALA A 85 1.75 -1.21 -7.40
C ALA A 85 0.56 -0.42 -7.95
N VAL A 86 0.26 0.74 -7.35
CA VAL A 86 -0.85 1.61 -7.76
C VAL A 86 -0.56 2.28 -9.10
N LYS A 87 0.71 2.60 -9.41
CA LYS A 87 1.10 3.26 -10.67
C LYS A 87 0.69 2.45 -11.90
N VAL A 88 0.92 1.13 -11.90
CA VAL A 88 0.61 0.27 -13.06
C VAL A 88 -0.89 0.12 -13.28
N MET A 89 -1.67 -0.04 -12.21
CA MET A 89 -3.13 -0.08 -12.31
C MET A 89 -3.72 1.29 -12.69
N GLU A 90 -3.10 2.41 -12.32
CA GLU A 90 -3.50 3.74 -12.78
C GLU A 90 -3.16 3.99 -14.26
N GLU A 91 -2.07 3.43 -14.78
CA GLU A 91 -1.75 3.48 -16.21
C GLU A 91 -2.77 2.69 -17.07
N GLN A 92 -3.26 1.56 -16.57
CA GLN A 92 -4.26 0.73 -17.24
C GLN A 92 -5.68 1.32 -17.09
N GLU A 93 -6.06 1.70 -15.87
CA GLU A 93 -7.37 2.24 -15.51
C GLU A 93 -7.25 3.58 -14.75
N PRO A 94 -7.13 4.71 -15.45
CA PRO A 94 -6.90 6.02 -14.82
C PRO A 94 -8.16 6.56 -14.11
N ASN A 95 -9.36 6.22 -14.61
CA ASN A 95 -10.63 6.65 -14.03
C ASN A 95 -11.25 5.62 -13.06
N ASN A 96 -10.47 4.63 -12.58
CA ASN A 96 -11.01 3.57 -11.72
C ASN A 96 -11.33 4.13 -10.32
N PRO A 97 -12.53 3.94 -9.76
CA PRO A 97 -12.85 4.35 -8.40
C PRO A 97 -11.97 3.63 -7.37
N GLU A 98 -11.69 2.34 -7.58
CA GLU A 98 -10.87 1.55 -6.64
C GLU A 98 -9.38 1.89 -6.71
N VAL A 99 -8.89 2.39 -7.86
CA VAL A 99 -7.52 2.92 -7.96
C VAL A 99 -7.45 4.27 -7.30
N GLN A 100 -8.34 5.21 -7.66
CA GLN A 100 -8.27 6.58 -7.15
C GLN A 100 -8.55 6.67 -5.65
N GLU A 101 -9.46 5.84 -5.11
CA GLU A 101 -9.72 5.83 -3.65
C GLU A 101 -8.52 5.31 -2.85
N LEU A 102 -7.77 4.34 -3.39
CA LEU A 102 -6.53 3.83 -2.78
C LEU A 102 -5.39 4.85 -2.92
N LYS A 103 -5.17 5.37 -4.15
CA LYS A 103 -4.15 6.36 -4.49
C LYS A 103 -4.27 7.62 -3.64
N LYS A 104 -5.49 8.14 -3.46
CA LYS A 104 -5.79 9.36 -2.71
C LYS A 104 -5.33 9.26 -1.26
N ALA A 105 -5.51 8.11 -0.61
CA ALA A 105 -5.05 7.88 0.76
C ALA A 105 -3.52 8.04 0.88
N MET A 106 -2.76 7.44 -0.05
CA MET A 106 -1.29 7.57 -0.13
C MET A 106 -0.81 8.97 -0.51
N GLU A 107 -1.38 9.54 -1.58
CA GLU A 107 -1.06 10.89 -2.06
C GLU A 107 -1.25 11.96 -0.97
N GLU A 108 -2.34 11.85 -0.20
CA GLU A 108 -2.63 12.73 0.95
C GLU A 108 -1.74 12.42 2.18
N ALA A 109 -1.32 11.16 2.39
CA ALA A 109 -0.33 10.81 3.41
C ALA A 109 1.06 11.35 3.09
N GLU A 110 1.50 11.28 1.83
CA GLU A 110 2.79 11.79 1.36
C GLU A 110 2.86 13.32 1.47
N ARG A 111 1.76 14.00 1.11
CA ARG A 111 1.56 15.44 1.31
C ARG A 111 1.47 15.87 2.79
N GLY A 112 1.28 14.92 3.71
CA GLY A 112 1.38 15.10 5.16
C GLY A 112 2.75 14.75 5.76
N SER A 113 3.54 13.91 5.08
CA SER A 113 4.79 13.33 5.60
C SER A 113 6.07 13.96 5.04
N LEU A 114 6.06 14.39 3.77
CA LEU A 114 7.15 15.07 3.05
C LEU A 114 8.50 14.32 3.04
N GLU A 115 8.49 12.98 3.21
CA GLU A 115 9.72 12.16 3.21
C GLU A 115 10.17 11.78 1.79
N HIS A 116 11.48 11.93 1.53
CA HIS A 116 12.16 11.78 0.22
C HIS A 116 11.66 12.71 -0.92
N HIS A 117 12.48 12.86 -1.96
CA HIS A 117 12.24 13.76 -3.11
C HIS A 117 12.36 13.06 -4.48
N HIS A 118 12.54 11.74 -4.52
CA HIS A 118 12.76 10.98 -5.76
C HIS A 118 11.46 10.81 -6.58
N HIS A 119 11.55 11.07 -7.89
CA HIS A 119 10.47 10.91 -8.87
C HIS A 119 11.02 10.70 -10.29
N HIS A 120 10.17 10.27 -11.23
CA HIS A 120 10.42 10.02 -12.66
C HIS A 120 11.43 8.89 -12.99
N HIS A 121 12.60 8.87 -12.36
CA HIS A 121 13.70 7.91 -12.56
C HIS A 121 14.58 7.76 -11.29
N GLY A 1 2.16 14.86 10.65
CA GLY A 1 1.76 14.67 12.05
C GLY A 1 1.17 13.29 12.25
N ASP A 2 -0.06 13.21 12.76
CA ASP A 2 -0.81 11.96 12.98
C ASP A 2 -1.93 11.70 11.96
N GLU A 3 -2.15 12.62 11.01
CA GLU A 3 -3.08 12.45 9.90
C GLU A 3 -2.75 11.23 9.02
N ALA A 4 -1.46 10.95 8.78
CA ALA A 4 -1.01 9.86 7.91
C ALA A 4 -1.36 8.48 8.50
N GLU A 5 -1.57 8.43 9.81
CA GLU A 5 -2.07 7.24 10.53
C GLU A 5 -3.57 7.02 10.28
N LYS A 6 -4.34 8.10 10.09
CA LYS A 6 -5.77 8.06 9.72
C LYS A 6 -5.94 7.59 8.27
N GLN A 7 -5.12 8.13 7.35
CA GLN A 7 -5.04 7.67 5.97
C GLN A 7 -4.68 6.17 5.86
N ALA A 8 -3.84 5.65 6.76
CA ALA A 8 -3.53 4.23 6.79
C ALA A 8 -4.76 3.36 7.10
N GLU A 9 -5.58 3.77 8.06
CA GLU A 9 -6.87 3.10 8.34
C GLU A 9 -7.80 3.05 7.11
N ARG A 10 -7.84 4.14 6.32
CA ARG A 10 -8.66 4.27 5.09
C ARG A 10 -8.20 3.35 3.95
N ALA A 11 -6.89 3.23 3.75
CA ALA A 11 -6.35 2.29 2.78
C ALA A 11 -6.45 0.83 3.26
N LEU A 12 -6.29 0.59 4.57
CA LEU A 12 -6.37 -0.73 5.21
C LEU A 12 -7.76 -1.35 5.04
N GLU A 13 -8.82 -0.58 5.31
CA GLU A 13 -10.19 -1.06 5.14
C GLU A 13 -10.54 -1.31 3.67
N LEU A 14 -9.98 -0.54 2.72
CA LEU A 14 -10.27 -0.72 1.30
C LEU A 14 -9.73 -2.07 0.79
N VAL A 15 -8.47 -2.40 1.12
CA VAL A 15 -7.86 -3.69 0.72
C VAL A 15 -8.46 -4.89 1.45
N ARG A 16 -9.08 -4.67 2.61
CA ARG A 16 -9.88 -5.66 3.34
C ARG A 16 -11.22 -5.94 2.67
N LYS A 17 -11.92 -4.89 2.24
CA LYS A 17 -13.28 -4.96 1.66
C LYS A 17 -13.26 -5.42 0.21
N SER A 18 -12.19 -5.08 -0.50
CA SER A 18 -11.89 -5.58 -1.86
C SER A 18 -10.60 -6.43 -1.86
N PRO A 19 -10.66 -7.71 -1.47
CA PRO A 19 -9.50 -8.61 -1.57
C PRO A 19 -9.09 -8.89 -3.02
N ASP A 20 -10.00 -8.72 -3.99
CA ASP A 20 -9.72 -8.85 -5.42
C ASP A 20 -8.87 -7.67 -5.94
N LEU A 21 -9.07 -6.47 -5.37
CA LEU A 21 -8.21 -5.29 -5.58
C LEU A 21 -6.80 -5.58 -5.08
N LEU A 22 -6.68 -6.20 -3.90
CA LEU A 22 -5.38 -6.54 -3.33
C LEU A 22 -4.66 -7.60 -4.17
N LYS A 23 -5.38 -8.62 -4.65
CA LYS A 23 -4.85 -9.72 -5.48
C LYS A 23 -4.24 -9.25 -6.80
N LYS A 24 -4.78 -8.19 -7.40
CA LYS A 24 -4.17 -7.52 -8.56
C LYS A 24 -3.09 -6.52 -8.17
N LEU A 25 -3.16 -5.92 -6.99
CA LEU A 25 -2.23 -4.88 -6.54
C LEU A 25 -0.77 -5.40 -6.43
N LEU A 26 -0.54 -6.48 -5.67
CA LEU A 26 0.79 -7.09 -5.62
C LEU A 26 1.25 -7.58 -7.01
N GLU A 27 0.31 -8.07 -7.83
CA GLU A 27 0.58 -8.61 -9.16
C GLU A 27 0.94 -7.50 -10.18
N ALA A 28 0.39 -6.29 -10.01
CA ALA A 28 0.65 -5.14 -10.88
C ALA A 28 2.02 -4.51 -10.59
N MET A 29 2.40 -4.44 -9.30
CA MET A 29 3.71 -3.95 -8.86
C MET A 29 4.88 -4.65 -9.56
N ALA A 30 4.78 -5.97 -9.71
CA ALA A 30 5.79 -6.81 -10.37
C ALA A 30 6.07 -6.40 -11.82
N GLU A 31 5.06 -5.86 -12.53
CA GLU A 31 5.22 -5.44 -13.92
C GLU A 31 6.17 -4.22 -14.01
N GLU A 32 5.99 -3.20 -13.17
CA GLU A 32 6.93 -2.07 -13.15
C GLU A 32 8.29 -2.46 -12.56
N LEU A 33 8.32 -3.29 -11.50
CA LEU A 33 9.59 -3.79 -10.98
C LEU A 33 10.40 -4.50 -12.08
N LYS A 34 9.73 -5.19 -13.02
CA LYS A 34 10.35 -5.78 -14.23
C LYS A 34 10.79 -4.72 -15.25
N ARG A 35 10.07 -3.60 -15.45
CA ARG A 35 10.53 -2.46 -16.29
C ARG A 35 11.86 -1.85 -15.82
N GLN A 36 12.14 -1.90 -14.51
CA GLN A 36 13.43 -1.53 -13.92
C GLN A 36 14.53 -2.60 -14.08
N GLY A 37 14.17 -3.81 -14.51
CA GLY A 37 15.10 -4.92 -14.76
C GLY A 37 15.47 -5.70 -13.50
N LYS A 38 14.61 -5.68 -12.47
CA LYS A 38 14.80 -6.44 -11.22
C LYS A 38 14.77 -7.95 -11.46
N SER A 39 15.34 -8.69 -10.52
CA SER A 39 15.41 -10.16 -10.54
C SER A 39 14.11 -10.77 -10.02
N PRO A 40 13.75 -12.01 -10.43
CA PRO A 40 12.49 -12.62 -10.04
C PRO A 40 12.39 -12.89 -8.53
N ASP A 41 13.53 -13.09 -7.85
CA ASP A 41 13.61 -13.19 -6.39
C ASP A 41 13.24 -11.87 -5.68
N GLU A 42 13.67 -10.73 -6.23
CA GLU A 42 13.37 -9.39 -5.69
C GLU A 42 11.88 -9.08 -5.84
N ILE A 43 11.36 -9.37 -7.03
CA ILE A 43 9.94 -9.21 -7.38
C ILE A 43 9.07 -10.09 -6.48
N GLN A 44 9.39 -11.38 -6.37
CA GLN A 44 8.69 -12.32 -5.50
C GLN A 44 8.66 -11.84 -4.04
N LYS A 45 9.82 -11.43 -3.50
CA LYS A 45 9.94 -10.90 -2.13
C LYS A 45 9.10 -9.63 -1.95
N ALA A 46 9.08 -8.73 -2.93
CA ALA A 46 8.23 -7.53 -2.91
C ALA A 46 6.73 -7.89 -2.86
N LYS A 47 6.23 -8.79 -3.74
CA LYS A 47 4.82 -9.22 -3.73
C LYS A 47 4.41 -9.80 -2.37
N ASP A 48 5.22 -10.70 -1.83
CA ASP A 48 4.96 -11.31 -0.52
C ASP A 48 5.07 -10.32 0.65
N GLU A 49 5.97 -9.34 0.60
CA GLU A 49 6.02 -8.27 1.61
C GLU A 49 4.72 -7.50 1.64
N VAL A 50 4.29 -7.02 0.47
CA VAL A 50 3.06 -6.20 0.38
C VAL A 50 1.85 -6.99 0.88
N LYS A 51 1.72 -8.26 0.47
CA LYS A 51 0.65 -9.16 0.89
C LYS A 51 0.74 -9.47 2.39
N THR A 52 1.91 -9.83 2.91
CA THR A 52 2.03 -10.21 4.33
C THR A 52 1.85 -9.00 5.26
N LYS A 53 2.26 -7.80 4.81
CA LYS A 53 2.03 -6.54 5.52
C LYS A 53 0.53 -6.23 5.67
N VAL A 54 -0.26 -6.35 4.60
CA VAL A 54 -1.73 -6.12 4.68
C VAL A 54 -2.45 -7.26 5.41
N GLU A 55 -2.01 -8.50 5.20
CA GLU A 55 -2.61 -9.68 5.85
C GLU A 55 -2.46 -9.61 7.36
N GLN A 56 -1.26 -9.29 7.85
CA GLN A 56 -1.02 -9.08 9.28
C GLN A 56 -1.76 -7.84 9.82
N ALA A 57 -1.88 -6.76 9.03
CA ALA A 57 -2.66 -5.59 9.44
C ALA A 57 -4.15 -5.93 9.62
N ILE A 58 -4.76 -6.62 8.65
CA ILE A 58 -6.17 -7.00 8.70
C ILE A 58 -6.42 -8.01 9.84
N ARG A 59 -5.51 -8.96 10.07
CA ARG A 59 -5.56 -9.90 11.21
C ARG A 59 -5.61 -9.21 12.56
N GLU A 60 -4.99 -8.03 12.71
CA GLU A 60 -5.07 -7.21 13.90
C GLU A 60 -6.40 -6.46 13.98
N TRP A 61 -6.83 -5.76 12.92
CA TRP A 61 -8.12 -5.05 12.95
C TRP A 61 -9.28 -5.97 13.30
N LYS A 62 -9.28 -7.19 12.75
CA LYS A 62 -10.37 -8.16 12.95
C LYS A 62 -10.48 -8.67 14.40
N GLN A 63 -9.38 -8.65 15.16
CA GLN A 63 -9.37 -8.97 16.60
C GLN A 63 -9.55 -7.72 17.49
N GLY A 64 -9.95 -6.60 16.87
CA GLY A 64 -10.20 -5.31 17.52
C GLY A 64 -8.96 -4.42 17.66
N ASN A 65 -7.84 -4.80 17.01
CA ASN A 65 -6.55 -4.11 17.13
C ASN A 65 -6.32 -3.12 15.97
N GLU A 66 -7.21 -2.12 15.87
CA GLU A 66 -7.15 -1.06 14.84
C GLU A 66 -5.79 -0.37 14.82
N GLU A 67 -5.26 -0.05 16.00
CA GLU A 67 -3.99 0.65 16.20
C GLU A 67 -2.78 -0.13 15.64
N GLN A 68 -2.79 -1.46 15.73
CA GLN A 68 -1.75 -2.31 15.15
C GLN A 68 -1.95 -2.47 13.62
N ALA A 69 -3.20 -2.52 13.16
CA ALA A 69 -3.55 -2.62 11.74
C ALA A 69 -3.12 -1.38 10.95
N ARG A 70 -3.50 -0.17 11.41
CA ARG A 70 -3.11 1.09 10.75
C ARG A 70 -1.59 1.27 10.75
N LYS A 71 -0.89 0.82 11.80
CA LYS A 71 0.56 0.84 11.94
C LYS A 71 1.24 -0.02 10.88
N ASP A 72 0.77 -1.25 10.64
CA ASP A 72 1.35 -2.12 9.62
C ASP A 72 1.03 -1.65 8.18
N MET A 73 -0.17 -1.10 7.94
CA MET A 73 -0.51 -0.51 6.63
C MET A 73 0.28 0.78 6.35
N ARG A 74 0.50 1.64 7.35
CA ARG A 74 1.30 2.87 7.24
C ARG A 74 2.68 2.60 6.63
N LYS A 75 3.37 1.54 7.06
CA LYS A 75 4.75 1.26 6.58
C LYS A 75 4.77 0.98 5.07
N VAL A 76 3.76 0.26 4.59
CA VAL A 76 3.48 -0.02 3.17
C VAL A 76 3.13 1.25 2.39
N LEU A 77 2.31 2.14 2.96
CA LEU A 77 1.91 3.37 2.29
C LEU A 77 3.07 4.36 2.07
N LYS A 78 4.07 4.37 2.96
CA LYS A 78 5.32 5.13 2.73
C LYS A 78 6.32 4.37 1.84
N SER A 79 6.24 3.04 1.82
CA SER A 79 7.19 2.20 1.07
C SER A 79 7.03 2.39 -0.45
N PRO A 80 8.13 2.62 -1.21
CA PRO A 80 8.06 3.04 -2.60
C PRO A 80 7.48 1.97 -3.52
N ALA A 81 7.68 0.68 -3.21
CA ALA A 81 7.14 -0.43 -3.96
C ALA A 81 5.60 -0.34 -4.11
N PHE A 82 4.90 0.10 -3.04
CA PHE A 82 3.45 0.18 -3.04
C PHE A 82 2.91 1.27 -3.98
N LYS A 83 3.67 2.36 -4.13
CA LYS A 83 3.40 3.39 -5.15
C LYS A 83 3.50 2.82 -6.55
N GLN A 84 4.43 1.89 -6.83
CA GLN A 84 4.53 1.23 -8.13
C GLN A 84 3.32 0.33 -8.38
N ALA A 85 2.86 -0.41 -7.37
CA ALA A 85 1.65 -1.24 -7.45
C ALA A 85 0.42 -0.43 -7.89
N VAL A 86 0.15 0.70 -7.22
CA VAL A 86 -0.97 1.60 -7.55
C VAL A 86 -0.75 2.28 -8.90
N LYS A 87 0.49 2.61 -9.27
CA LYS A 87 0.81 3.24 -10.55
C LYS A 87 0.45 2.33 -11.74
N VAL A 88 0.76 1.03 -11.66
CA VAL A 88 0.52 0.09 -12.78
C VAL A 88 -0.98 -0.15 -12.99
N MET A 89 -1.77 -0.23 -11.92
CA MET A 89 -3.23 -0.26 -12.05
C MET A 89 -3.82 1.08 -12.53
N GLU A 90 -3.26 2.23 -12.15
CA GLU A 90 -3.70 3.54 -12.67
C GLU A 90 -3.35 3.76 -14.15
N GLU A 91 -2.24 3.20 -14.64
CA GLU A 91 -1.89 3.19 -16.08
C GLU A 91 -2.97 2.48 -16.92
N GLN A 92 -3.55 1.40 -16.40
CA GLN A 92 -4.57 0.60 -17.07
C GLN A 92 -5.99 1.15 -16.88
N GLU A 93 -6.32 1.57 -15.65
CA GLU A 93 -7.64 2.03 -15.24
C GLU A 93 -7.53 3.40 -14.51
N PRO A 94 -7.37 4.52 -15.25
CA PRO A 94 -7.16 5.84 -14.65
C PRO A 94 -8.43 6.42 -14.01
N ASN A 95 -9.62 6.02 -14.47
CA ASN A 95 -10.91 6.46 -13.93
C ASN A 95 -11.51 5.46 -12.90
N ASN A 96 -10.71 4.49 -12.41
CA ASN A 96 -11.19 3.47 -11.47
C ASN A 96 -11.50 4.10 -10.09
N PRO A 97 -12.72 3.95 -9.53
CA PRO A 97 -12.99 4.39 -8.16
C PRO A 97 -12.08 3.68 -7.16
N GLU A 98 -11.79 2.39 -7.35
CA GLU A 98 -10.95 1.61 -6.43
C GLU A 98 -9.46 1.96 -6.53
N VAL A 99 -8.99 2.44 -7.69
CA VAL A 99 -7.60 2.94 -7.81
C VAL A 99 -7.51 4.33 -7.20
N GLN A 100 -8.42 5.25 -7.56
CA GLN A 100 -8.36 6.63 -7.08
C GLN A 100 -8.62 6.75 -5.58
N GLU A 101 -9.52 5.93 -5.01
CA GLU A 101 -9.76 5.95 -3.55
C GLU A 101 -8.54 5.46 -2.75
N LEU A 102 -7.80 4.48 -3.28
CA LEU A 102 -6.54 4.02 -2.69
C LEU A 102 -5.42 5.06 -2.90
N LYS A 103 -5.17 5.48 -4.15
CA LYS A 103 -4.10 6.41 -4.55
C LYS A 103 -4.21 7.73 -3.79
N LYS A 104 -5.40 8.34 -3.74
CA LYS A 104 -5.61 9.63 -3.06
C LYS A 104 -5.30 9.55 -1.57
N ALA A 105 -5.62 8.42 -0.91
CA ALA A 105 -5.28 8.21 0.49
C ALA A 105 -3.75 8.25 0.71
N MET A 106 -2.96 7.59 -0.15
CA MET A 106 -1.49 7.59 -0.08
C MET A 106 -0.89 8.94 -0.47
N GLU A 107 -1.33 9.50 -1.59
CA GLU A 107 -0.83 10.76 -2.17
C GLU A 107 -1.00 11.94 -1.19
N GLU A 108 -2.09 11.94 -0.41
CA GLU A 108 -2.33 12.86 0.70
C GLU A 108 -1.56 12.51 1.98
N ALA A 109 -1.43 11.22 2.33
CA ALA A 109 -0.67 10.78 3.50
C ALA A 109 0.83 11.12 3.40
N GLU A 110 1.39 11.14 2.19
CA GLU A 110 2.81 11.42 1.97
C GLU A 110 3.19 12.86 2.38
N ARG A 111 2.29 13.82 2.14
CA ARG A 111 2.47 15.22 2.61
C ARG A 111 2.29 15.37 4.13
N GLY A 112 1.52 14.49 4.76
CA GLY A 112 1.38 14.41 6.22
C GLY A 112 2.58 13.78 6.92
N SER A 113 3.08 12.67 6.36
CA SER A 113 4.23 11.91 6.87
C SER A 113 5.57 12.65 6.65
N LEU A 114 5.73 13.31 5.50
CA LEU A 114 6.85 14.18 5.07
C LEU A 114 8.24 13.51 4.97
N GLU A 115 8.51 12.41 5.69
CA GLU A 115 9.78 11.68 5.66
C GLU A 115 10.02 10.95 4.32
N HIS A 116 11.25 11.05 3.80
CA HIS A 116 11.71 10.30 2.62
C HIS A 116 12.15 8.87 2.96
N HIS A 117 12.56 8.64 4.22
CA HIS A 117 13.03 7.38 4.81
C HIS A 117 14.32 6.79 4.21
N HIS A 118 15.01 5.95 4.98
CA HIS A 118 16.29 5.30 4.62
C HIS A 118 16.33 3.85 5.13
N HIS A 119 17.13 3.00 4.46
CA HIS A 119 17.19 1.55 4.69
C HIS A 119 18.65 1.03 4.69
N HIS A 120 18.91 -0.02 5.48
CA HIS A 120 20.22 -0.67 5.57
C HIS A 120 20.13 -2.17 5.95
N HIS A 121 19.28 -2.51 6.92
CA HIS A 121 19.01 -3.88 7.41
C HIS A 121 17.52 -4.07 7.73
N GLY A 1 -1.80 16.93 12.84
CA GLY A 1 -1.05 16.00 13.70
C GLY A 1 -1.50 14.57 13.47
N ASP A 2 -0.56 13.68 13.11
CA ASP A 2 -0.76 12.23 12.88
C ASP A 2 -1.81 11.87 11.80
N GLU A 3 -2.12 12.79 10.87
CA GLU A 3 -3.11 12.54 9.80
C GLU A 3 -2.71 11.38 8.88
N ALA A 4 -1.43 11.25 8.52
CA ALA A 4 -0.91 10.16 7.68
C ALA A 4 -1.07 8.78 8.32
N GLU A 5 -1.18 8.72 9.65
CA GLU A 5 -1.44 7.48 10.40
C GLU A 5 -2.90 7.02 10.29
N LYS A 6 -3.83 7.97 10.30
CA LYS A 6 -5.27 7.78 10.03
C LYS A 6 -5.52 7.39 8.57
N GLN A 7 -4.81 7.96 7.59
CA GLN A 7 -4.87 7.53 6.19
C GLN A 7 -4.54 6.04 5.99
N ALA A 8 -3.67 5.49 6.83
CA ALA A 8 -3.40 4.06 6.84
C ALA A 8 -4.63 3.23 7.23
N GLU A 9 -5.40 3.64 8.24
CA GLU A 9 -6.68 3.01 8.58
C GLU A 9 -7.67 3.02 7.39
N ARG A 10 -7.72 4.14 6.65
CA ARG A 10 -8.59 4.32 5.46
C ARG A 10 -8.22 3.39 4.31
N ALA A 11 -6.93 3.25 4.02
CA ALA A 11 -6.43 2.35 2.98
C ALA A 11 -6.52 0.87 3.38
N LEU A 12 -6.37 0.57 4.69
CA LEU A 12 -6.39 -0.77 5.27
C LEU A 12 -7.76 -1.42 5.07
N GLU A 13 -8.85 -0.69 5.33
CA GLU A 13 -10.21 -1.18 5.11
C GLU A 13 -10.55 -1.33 3.62
N LEU A 14 -10.00 -0.49 2.73
CA LEU A 14 -10.20 -0.61 1.27
C LEU A 14 -9.66 -1.96 0.75
N VAL A 15 -8.42 -2.32 1.09
CA VAL A 15 -7.80 -3.58 0.64
C VAL A 15 -8.40 -4.82 1.31
N ARG A 16 -9.03 -4.64 2.49
CA ARG A 16 -9.79 -5.69 3.20
C ARG A 16 -11.12 -6.00 2.52
N LYS A 17 -11.87 -4.97 2.13
CA LYS A 17 -13.23 -5.11 1.56
C LYS A 17 -13.20 -5.53 0.10
N SER A 18 -12.15 -5.14 -0.63
CA SER A 18 -11.86 -5.59 -1.99
C SER A 18 -10.59 -6.45 -2.03
N PRO A 19 -10.66 -7.75 -1.66
CA PRO A 19 -9.49 -8.63 -1.69
C PRO A 19 -8.96 -8.87 -3.11
N ASP A 20 -9.78 -8.71 -4.15
CA ASP A 20 -9.33 -8.81 -5.54
C ASP A 20 -8.55 -7.57 -6.00
N LEU A 21 -8.81 -6.40 -5.40
CA LEU A 21 -8.03 -5.16 -5.58
C LEU A 21 -6.62 -5.39 -5.04
N LEU A 22 -6.52 -6.05 -3.89
CA LEU A 22 -5.24 -6.42 -3.31
C LEU A 22 -4.53 -7.50 -4.16
N LYS A 23 -5.26 -8.51 -4.63
CA LYS A 23 -4.72 -9.61 -5.47
C LYS A 23 -4.11 -9.14 -6.79
N LYS A 24 -4.64 -8.05 -7.36
CA LYS A 24 -4.03 -7.38 -8.51
C LYS A 24 -2.93 -6.40 -8.14
N LEU A 25 -2.99 -5.76 -6.97
CA LEU A 25 -2.01 -4.75 -6.52
C LEU A 25 -0.59 -5.34 -6.43
N LEU A 26 -0.39 -6.43 -5.68
CA LEU A 26 0.92 -7.06 -5.59
C LEU A 26 1.38 -7.59 -6.97
N GLU A 27 0.45 -8.07 -7.79
CA GLU A 27 0.73 -8.62 -9.12
C GLU A 27 1.07 -7.55 -10.16
N ALA A 28 0.54 -6.34 -10.04
CA ALA A 28 0.78 -5.21 -10.91
C ALA A 28 2.14 -4.56 -10.62
N MET A 29 2.52 -4.45 -9.35
CA MET A 29 3.84 -3.95 -8.92
C MET A 29 5.00 -4.69 -9.59
N ALA A 30 4.89 -6.01 -9.69
CA ALA A 30 5.88 -6.88 -10.32
C ALA A 30 6.27 -6.45 -11.74
N GLU A 31 5.31 -5.92 -12.51
CA GLU A 31 5.53 -5.47 -13.89
C GLU A 31 6.34 -4.17 -13.93
N GLU A 32 6.13 -3.26 -12.97
CA GLU A 32 6.93 -2.04 -12.85
C GLU A 32 8.31 -2.32 -12.25
N LEU A 33 8.42 -3.21 -11.24
CA LEU A 33 9.75 -3.66 -10.78
C LEU A 33 10.54 -4.29 -11.93
N LYS A 34 9.88 -5.02 -12.85
CA LYS A 34 10.50 -5.57 -14.05
C LYS A 34 10.96 -4.50 -15.05
N ARG A 35 10.27 -3.34 -15.17
CA ARG A 35 10.76 -2.18 -15.95
C ARG A 35 12.03 -1.58 -15.36
N GLN A 36 12.14 -1.64 -14.03
CA GLN A 36 13.31 -1.21 -13.25
C GLN A 36 14.46 -2.24 -13.28
N GLY A 37 14.23 -3.40 -13.93
CA GLY A 37 15.24 -4.41 -14.25
C GLY A 37 15.45 -5.47 -13.16
N LYS A 38 14.56 -5.56 -12.16
CA LYS A 38 14.72 -6.49 -11.04
C LYS A 38 14.52 -7.96 -11.45
N SER A 39 15.08 -8.86 -10.64
CA SER A 39 15.02 -10.32 -10.80
C SER A 39 13.74 -10.93 -10.21
N PRO A 40 13.30 -12.09 -10.72
CA PRO A 40 12.08 -12.76 -10.26
C PRO A 40 12.10 -13.10 -8.75
N ASP A 41 13.28 -13.35 -8.17
CA ASP A 41 13.45 -13.61 -6.73
C ASP A 41 13.19 -12.36 -5.87
N GLU A 42 13.63 -11.17 -6.34
CA GLU A 42 13.37 -9.89 -5.67
C GLU A 42 11.92 -9.45 -5.84
N ILE A 43 11.34 -9.69 -7.02
CA ILE A 43 9.94 -9.40 -7.33
C ILE A 43 9.01 -10.26 -6.49
N GLN A 44 9.21 -11.58 -6.46
CA GLN A 44 8.40 -12.50 -5.67
C GLN A 44 8.43 -12.14 -4.18
N LYS A 45 9.61 -11.84 -3.65
CA LYS A 45 9.79 -11.38 -2.28
C LYS A 45 9.07 -10.04 -2.03
N ALA A 46 9.13 -9.09 -2.96
CA ALA A 46 8.39 -7.83 -2.85
C ALA A 46 6.86 -8.05 -2.81
N LYS A 47 6.29 -8.90 -3.69
CA LYS A 47 4.86 -9.27 -3.65
C LYS A 47 4.45 -9.80 -2.28
N ASP A 48 5.23 -10.72 -1.72
CA ASP A 48 4.99 -11.26 -0.37
C ASP A 48 5.18 -10.25 0.75
N GLU A 49 6.10 -9.28 0.63
CA GLU A 49 6.25 -8.21 1.63
C GLU A 49 4.97 -7.36 1.70
N VAL A 50 4.45 -6.95 0.54
CA VAL A 50 3.21 -6.15 0.46
C VAL A 50 2.03 -6.95 0.99
N LYS A 51 1.88 -8.21 0.54
CA LYS A 51 0.80 -9.11 0.95
C LYS A 51 0.85 -9.43 2.43
N THR A 52 2.01 -9.80 2.97
CA THR A 52 2.13 -10.15 4.39
C THR A 52 1.90 -8.93 5.29
N LYS A 53 2.32 -7.74 4.84
CA LYS A 53 2.03 -6.48 5.55
C LYS A 53 0.53 -6.17 5.64
N VAL A 54 -0.23 -6.27 4.54
CA VAL A 54 -1.69 -6.04 4.59
C VAL A 54 -2.40 -7.15 5.36
N GLU A 55 -1.97 -8.40 5.19
CA GLU A 55 -2.58 -9.57 5.83
C GLU A 55 -2.44 -9.50 7.35
N GLN A 56 -1.24 -9.21 7.86
CA GLN A 56 -1.02 -9.05 9.30
C GLN A 56 -1.71 -7.79 9.84
N ALA A 57 -1.85 -6.71 9.06
CA ALA A 57 -2.63 -5.55 9.47
C ALA A 57 -4.13 -5.87 9.60
N ILE A 58 -4.71 -6.55 8.62
CA ILE A 58 -6.14 -6.91 8.64
C ILE A 58 -6.44 -7.88 9.78
N ARG A 59 -5.54 -8.85 10.04
CA ARG A 59 -5.64 -9.80 11.17
C ARG A 59 -5.72 -9.11 12.53
N GLU A 60 -5.10 -7.95 12.69
CA GLU A 60 -5.19 -7.12 13.88
C GLU A 60 -6.51 -6.35 13.93
N TRP A 61 -6.91 -5.65 12.86
CA TRP A 61 -8.19 -4.91 12.86
C TRP A 61 -9.38 -5.82 13.19
N LYS A 62 -9.38 -7.05 12.66
CA LYS A 62 -10.46 -8.02 12.87
C LYS A 62 -10.60 -8.51 14.31
N GLN A 63 -9.52 -8.47 15.11
CA GLN A 63 -9.54 -8.76 16.54
C GLN A 63 -9.71 -7.49 17.41
N GLY A 64 -10.08 -6.37 16.76
CA GLY A 64 -10.30 -5.07 17.39
C GLY A 64 -9.05 -4.21 17.53
N ASN A 65 -7.94 -4.61 16.90
CA ASN A 65 -6.63 -3.95 17.02
C ASN A 65 -6.38 -2.99 15.84
N GLU A 66 -7.23 -1.96 15.73
CA GLU A 66 -7.13 -0.90 14.71
C GLU A 66 -5.76 -0.23 14.69
N GLU A 67 -5.22 0.04 15.88
CA GLU A 67 -3.93 0.71 16.08
C GLU A 67 -2.75 -0.10 15.50
N GLN A 68 -2.76 -1.43 15.66
CA GLN A 68 -1.74 -2.32 15.09
C GLN A 68 -1.94 -2.49 13.57
N ALA A 69 -3.19 -2.47 13.11
CA ALA A 69 -3.55 -2.54 11.68
C ALA A 69 -3.07 -1.31 10.90
N ARG A 70 -3.42 -0.09 11.37
CA ARG A 70 -3.01 1.16 10.73
C ARG A 70 -1.49 1.37 10.78
N LYS A 71 -0.81 0.89 11.84
CA LYS A 71 0.66 0.85 11.92
C LYS A 71 1.26 0.05 10.75
N ASP A 72 0.80 -1.16 10.49
CA ASP A 72 1.39 -2.02 9.46
C ASP A 72 0.99 -1.62 8.03
N MET A 73 -0.20 -1.05 7.82
CA MET A 73 -0.58 -0.46 6.53
C MET A 73 0.17 0.86 6.25
N ARG A 74 0.47 1.68 7.26
CA ARG A 74 1.29 2.88 7.08
C ARG A 74 2.62 2.58 6.40
N LYS A 75 3.32 1.53 6.84
CA LYS A 75 4.68 1.25 6.34
C LYS A 75 4.64 0.87 4.85
N VAL A 76 3.55 0.22 4.45
CA VAL A 76 3.19 -0.08 3.04
C VAL A 76 2.89 1.19 2.25
N LEU A 77 2.09 2.12 2.78
CA LEU A 77 1.74 3.36 2.09
C LEU A 77 2.95 4.25 1.77
N LYS A 78 3.99 4.24 2.62
CA LYS A 78 5.26 4.95 2.35
C LYS A 78 6.24 4.12 1.51
N SER A 79 6.12 2.79 1.53
CA SER A 79 7.00 1.88 0.76
C SER A 79 6.82 2.08 -0.75
N PRO A 80 7.93 2.12 -1.52
CA PRO A 80 7.89 2.44 -2.94
C PRO A 80 7.20 1.33 -3.75
N ALA A 81 7.20 0.08 -3.27
CA ALA A 81 6.49 -1.03 -3.89
C ALA A 81 4.99 -0.74 -4.02
N PHE A 82 4.36 -0.11 -3.02
CA PHE A 82 2.93 0.17 -3.06
C PHE A 82 2.59 1.31 -4.03
N LYS A 83 3.49 2.29 -4.15
CA LYS A 83 3.42 3.32 -5.19
C LYS A 83 3.55 2.70 -6.60
N GLN A 84 4.47 1.76 -6.81
CA GLN A 84 4.60 1.07 -8.10
C GLN A 84 3.37 0.19 -8.41
N ALA A 85 2.79 -0.46 -7.39
CA ALA A 85 1.57 -1.25 -7.53
C ALA A 85 0.39 -0.41 -8.06
N VAL A 86 0.14 0.75 -7.45
CA VAL A 86 -0.98 1.62 -7.82
C VAL A 86 -0.71 2.31 -9.15
N LYS A 87 0.56 2.60 -9.47
CA LYS A 87 0.94 3.20 -10.74
C LYS A 87 0.48 2.35 -11.94
N VAL A 88 0.70 1.04 -11.86
CA VAL A 88 0.43 0.08 -12.97
C VAL A 88 -1.07 -0.08 -13.21
N MET A 89 -1.88 -0.12 -12.14
CA MET A 89 -3.34 -0.16 -12.26
C MET A 89 -3.93 1.19 -12.68
N GLU A 90 -3.30 2.33 -12.33
CA GLU A 90 -3.75 3.67 -12.76
C GLU A 90 -3.52 3.92 -14.26
N GLU A 91 -2.48 3.33 -14.86
CA GLU A 91 -2.28 3.36 -16.32
C GLU A 91 -3.39 2.61 -17.08
N GLN A 92 -3.87 1.49 -16.53
CA GLN A 92 -4.89 0.63 -17.15
C GLN A 92 -6.31 1.16 -16.92
N GLU A 93 -6.60 1.59 -15.68
CA GLU A 93 -7.91 2.13 -15.27
C GLU A 93 -7.73 3.49 -14.55
N PRO A 94 -7.58 4.60 -15.30
CA PRO A 94 -7.30 5.92 -14.73
C PRO A 94 -8.52 6.52 -14.02
N ASN A 95 -9.74 6.17 -14.44
CA ASN A 95 -10.99 6.65 -13.85
C ASN A 95 -11.59 5.66 -12.82
N ASN A 96 -10.82 4.69 -12.33
CA ASN A 96 -11.30 3.67 -11.41
C ASN A 96 -11.58 4.28 -10.02
N PRO A 97 -12.78 4.14 -9.44
CA PRO A 97 -13.04 4.60 -8.08
C PRO A 97 -12.13 3.90 -7.06
N GLU A 98 -11.86 2.60 -7.25
CA GLU A 98 -11.01 1.83 -6.33
C GLU A 98 -9.52 2.16 -6.45
N VAL A 99 -9.04 2.59 -7.63
CA VAL A 99 -7.67 3.08 -7.78
C VAL A 99 -7.56 4.49 -7.21
N GLN A 100 -8.45 5.41 -7.62
CA GLN A 100 -8.36 6.81 -7.19
C GLN A 100 -8.56 6.97 -5.68
N GLU A 101 -9.45 6.19 -5.06
CA GLU A 101 -9.62 6.24 -3.59
C GLU A 101 -8.35 5.77 -2.85
N LEU A 102 -7.67 4.74 -3.37
CA LEU A 102 -6.43 4.21 -2.80
C LEU A 102 -5.25 5.16 -3.05
N LYS A 103 -5.11 5.68 -4.28
CA LYS A 103 -4.06 6.63 -4.67
C LYS A 103 -4.13 7.91 -3.84
N LYS A 104 -5.34 8.46 -3.65
CA LYS A 104 -5.60 9.61 -2.79
C LYS A 104 -5.28 9.33 -1.32
N ALA A 105 -5.56 8.12 -0.83
CA ALA A 105 -5.20 7.72 0.53
C ALA A 105 -3.68 7.74 0.75
N MET A 106 -2.89 7.27 -0.22
CA MET A 106 -1.42 7.35 -0.21
C MET A 106 -0.92 8.79 -0.34
N GLU A 107 -1.39 9.52 -1.36
CA GLU A 107 -0.99 10.92 -1.59
C GLU A 107 -1.24 11.82 -0.36
N GLU A 108 -2.40 11.71 0.30
CA GLU A 108 -2.69 12.47 1.53
C GLU A 108 -1.81 12.05 2.73
N ALA A 109 -1.34 10.80 2.77
CA ALA A 109 -0.34 10.35 3.74
C ALA A 109 1.08 10.86 3.40
N GLU A 110 1.44 10.91 2.11
CA GLU A 110 2.75 11.35 1.61
C GLU A 110 2.99 12.85 1.87
N ARG A 111 1.95 13.67 1.68
CA ARG A 111 1.94 15.12 2.02
C ARG A 111 1.57 15.39 3.49
N GLY A 112 1.30 14.34 4.28
CA GLY A 112 0.73 14.41 5.63
C GLY A 112 1.71 14.61 6.79
N SER A 113 2.95 15.08 6.52
CA SER A 113 3.96 15.39 7.54
C SER A 113 4.82 16.60 7.15
N LEU A 114 5.35 17.30 8.17
CA LEU A 114 6.28 18.44 8.03
C LEU A 114 7.76 18.02 8.17
N GLU A 115 8.03 16.77 8.57
CA GLU A 115 9.37 16.24 8.83
C GLU A 115 9.54 14.82 8.26
N HIS A 116 10.70 14.55 7.64
CA HIS A 116 11.00 13.27 6.98
C HIS A 116 11.73 12.28 7.88
N HIS A 117 11.49 10.98 7.69
CA HIS A 117 12.19 9.87 8.33
C HIS A 117 12.24 8.64 7.41
N HIS A 118 13.24 7.78 7.58
CA HIS A 118 13.38 6.52 6.85
C HIS A 118 12.31 5.48 7.24
N HIS A 119 12.09 4.48 6.38
CA HIS A 119 11.23 3.32 6.63
C HIS A 119 11.95 2.14 7.33
N HIS A 120 13.22 2.34 7.72
CA HIS A 120 14.11 1.34 8.31
C HIS A 120 14.86 1.89 9.55
N HIS A 121 15.37 0.98 10.39
CA HIS A 121 16.09 1.27 11.65
C HIS A 121 17.38 0.44 11.77
N GLY A 1 -1.93 16.20 13.55
CA GLY A 1 -1.52 15.16 14.53
C GLY A 1 -1.99 13.79 14.10
N ASP A 2 -1.04 12.87 13.86
CA ASP A 2 -1.26 11.46 13.45
C ASP A 2 -2.11 11.26 12.18
N GLU A 3 -2.12 12.24 11.26
CA GLU A 3 -2.89 12.18 10.01
C GLU A 3 -2.45 11.04 9.09
N ALA A 4 -1.16 10.78 8.96
CA ALA A 4 -0.64 9.68 8.12
C ALA A 4 -1.10 8.30 8.64
N GLU A 5 -1.35 8.18 9.94
CA GLU A 5 -1.93 6.98 10.57
C GLU A 5 -3.45 6.86 10.37
N LYS A 6 -4.17 7.98 10.30
CA LYS A 6 -5.59 7.99 9.87
C LYS A 6 -5.71 7.50 8.42
N GLN A 7 -4.91 8.04 7.50
CA GLN A 7 -4.84 7.58 6.11
C GLN A 7 -4.46 6.11 5.96
N ALA A 8 -3.60 5.58 6.84
CA ALA A 8 -3.31 4.16 6.88
C ALA A 8 -4.54 3.31 7.21
N GLU A 9 -5.35 3.70 8.19
CA GLU A 9 -6.64 3.04 8.46
C GLU A 9 -7.58 3.09 7.23
N ARG A 10 -7.62 4.22 6.50
CA ARG A 10 -8.47 4.43 5.31
C ARG A 10 -8.11 3.51 4.15
N ALA A 11 -6.82 3.31 3.89
CA ALA A 11 -6.33 2.36 2.90
C ALA A 11 -6.46 0.88 3.37
N LEU A 12 -6.27 0.63 4.67
CA LEU A 12 -6.30 -0.69 5.29
C LEU A 12 -7.68 -1.34 5.14
N GLU A 13 -8.75 -0.59 5.39
CA GLU A 13 -10.12 -1.10 5.20
C GLU A 13 -10.44 -1.35 3.72
N LEU A 14 -9.88 -0.57 2.79
CA LEU A 14 -10.17 -0.70 1.36
C LEU A 14 -9.63 -2.04 0.82
N VAL A 15 -8.36 -2.37 1.14
CA VAL A 15 -7.74 -3.63 0.70
C VAL A 15 -8.33 -4.87 1.39
N ARG A 16 -8.97 -4.68 2.56
CA ARG A 16 -9.74 -5.70 3.27
C ARG A 16 -11.09 -5.98 2.61
N LYS A 17 -11.81 -4.94 2.21
CA LYS A 17 -13.17 -5.03 1.65
C LYS A 17 -13.15 -5.46 0.17
N SER A 18 -12.10 -5.07 -0.54
CA SER A 18 -11.84 -5.49 -1.93
C SER A 18 -10.58 -6.34 -2.02
N PRO A 19 -10.64 -7.65 -1.75
CA PRO A 19 -9.49 -8.56 -1.91
C PRO A 19 -9.08 -8.70 -3.39
N ASP A 20 -9.98 -8.47 -4.35
CA ASP A 20 -9.67 -8.48 -5.78
C ASP A 20 -8.77 -7.30 -6.18
N LEU A 21 -8.99 -6.13 -5.56
CA LEU A 21 -8.13 -4.94 -5.68
C LEU A 21 -6.72 -5.23 -5.14
N LEU A 22 -6.65 -5.98 -4.04
CA LEU A 22 -5.37 -6.36 -3.44
C LEU A 22 -4.63 -7.41 -4.28
N LYS A 23 -5.35 -8.42 -4.80
CA LYS A 23 -4.81 -9.47 -5.67
C LYS A 23 -4.18 -8.94 -6.96
N LYS A 24 -4.69 -7.82 -7.50
CA LYS A 24 -4.05 -7.09 -8.59
C LYS A 24 -2.94 -6.14 -8.14
N LEU A 25 -3.03 -5.56 -6.94
CA LEU A 25 -2.04 -4.58 -6.43
C LEU A 25 -0.63 -5.18 -6.36
N LEU A 26 -0.45 -6.29 -5.64
CA LEU A 26 0.86 -6.94 -5.57
C LEU A 26 1.33 -7.43 -6.95
N GLU A 27 0.40 -7.89 -7.78
CA GLU A 27 0.68 -8.43 -9.11
C GLU A 27 1.05 -7.34 -10.14
N ALA A 28 0.53 -6.13 -9.97
CA ALA A 28 0.79 -4.98 -10.83
C ALA A 28 2.18 -4.37 -10.57
N MET A 29 2.59 -4.23 -9.29
CA MET A 29 3.92 -3.72 -8.93
C MET A 29 5.05 -4.51 -9.61
N ALA A 30 4.92 -5.83 -9.67
CA ALA A 30 5.89 -6.73 -10.32
C ALA A 30 6.19 -6.35 -11.77
N GLU A 31 5.20 -5.83 -12.51
CA GLU A 31 5.38 -5.43 -13.91
C GLU A 31 6.28 -4.19 -14.04
N GLU A 32 6.16 -3.23 -13.12
CA GLU A 32 7.07 -2.08 -13.08
C GLU A 32 8.43 -2.46 -12.50
N LEU A 33 8.51 -3.25 -11.42
CA LEU A 33 9.80 -3.70 -10.88
C LEU A 33 10.67 -4.39 -11.96
N LYS A 34 10.05 -5.17 -12.85
CA LYS A 34 10.73 -5.84 -13.98
C LYS A 34 11.35 -4.85 -14.97
N ARG A 35 10.76 -3.67 -15.17
CA ARG A 35 11.30 -2.59 -16.04
C ARG A 35 12.53 -1.90 -15.47
N GLN A 36 12.71 -1.96 -14.15
CA GLN A 36 13.97 -1.55 -13.49
C GLN A 36 15.09 -2.60 -13.62
N GLY A 37 14.77 -3.80 -14.12
CA GLY A 37 15.72 -4.88 -14.39
C GLY A 37 15.89 -5.88 -13.25
N LYS A 38 14.94 -5.94 -12.30
CA LYS A 38 14.95 -6.88 -11.16
C LYS A 38 14.79 -8.34 -11.60
N SER A 39 15.21 -9.22 -10.71
CA SER A 39 15.11 -10.68 -10.82
C SER A 39 13.76 -11.22 -10.32
N PRO A 40 13.31 -12.37 -10.83
CA PRO A 40 12.06 -13.02 -10.43
C PRO A 40 12.00 -13.31 -8.91
N ASP A 41 13.13 -13.59 -8.28
CA ASP A 41 13.22 -13.81 -6.82
C ASP A 41 12.93 -12.53 -6.01
N GLU A 42 13.50 -11.39 -6.41
CA GLU A 42 13.28 -10.10 -5.75
C GLU A 42 11.83 -9.61 -5.96
N ILE A 43 11.29 -9.85 -7.15
CA ILE A 43 9.89 -9.54 -7.49
C ILE A 43 8.94 -10.39 -6.65
N GLN A 44 9.16 -11.71 -6.60
CA GLN A 44 8.33 -12.64 -5.83
C GLN A 44 8.34 -12.29 -4.34
N LYS A 45 9.51 -11.95 -3.79
CA LYS A 45 9.67 -11.46 -2.43
C LYS A 45 8.90 -10.16 -2.22
N ALA A 46 9.03 -9.18 -3.12
CA ALA A 46 8.29 -7.92 -3.03
C ALA A 46 6.77 -8.12 -3.00
N LYS A 47 6.21 -9.02 -3.83
CA LYS A 47 4.78 -9.38 -3.79
C LYS A 47 4.36 -9.90 -2.41
N ASP A 48 5.14 -10.82 -1.84
CA ASP A 48 4.89 -11.32 -0.47
C ASP A 48 5.10 -10.26 0.62
N GLU A 49 5.99 -9.29 0.46
CA GLU A 49 6.20 -8.21 1.45
C GLU A 49 4.94 -7.33 1.55
N VAL A 50 4.32 -6.98 0.43
CA VAL A 50 3.06 -6.20 0.39
C VAL A 50 1.92 -7.04 0.97
N LYS A 51 1.79 -8.29 0.51
CA LYS A 51 0.76 -9.26 0.93
C LYS A 51 0.81 -9.52 2.43
N THR A 52 1.99 -9.86 2.96
CA THR A 52 2.15 -10.20 4.38
C THR A 52 1.92 -8.99 5.29
N LYS A 53 2.29 -7.78 4.82
CA LYS A 53 1.99 -6.53 5.52
C LYS A 53 0.50 -6.24 5.63
N VAL A 54 -0.27 -6.34 4.54
CA VAL A 54 -1.74 -6.16 4.60
C VAL A 54 -2.41 -7.28 5.38
N GLU A 55 -1.95 -8.53 5.26
CA GLU A 55 -2.50 -9.67 5.99
C GLU A 55 -2.33 -9.51 7.50
N GLN A 56 -1.13 -9.19 7.97
CA GLN A 56 -0.89 -8.95 9.41
C GLN A 56 -1.61 -7.70 9.91
N ALA A 57 -1.80 -6.67 9.07
CA ALA A 57 -2.59 -5.50 9.45
C ALA A 57 -4.07 -5.87 9.63
N ILE A 58 -4.67 -6.59 8.68
CA ILE A 58 -6.09 -6.98 8.74
C ILE A 58 -6.34 -7.95 9.91
N ARG A 59 -5.42 -8.89 10.17
CA ARG A 59 -5.46 -9.80 11.33
C ARG A 59 -5.54 -9.07 12.66
N GLU A 60 -4.93 -7.89 12.77
CA GLU A 60 -5.03 -7.02 13.94
C GLU A 60 -6.37 -6.28 13.98
N TRP A 61 -6.80 -5.64 12.89
CA TRP A 61 -8.09 -4.93 12.88
C TRP A 61 -9.25 -5.86 13.25
N LYS A 62 -9.24 -7.09 12.73
CA LYS A 62 -10.32 -8.07 12.96
C LYS A 62 -10.45 -8.53 14.42
N GLN A 63 -9.35 -8.49 15.19
CA GLN A 63 -9.35 -8.74 16.64
C GLN A 63 -9.57 -7.47 17.47
N GLY A 64 -9.99 -6.38 16.82
CA GLY A 64 -10.26 -5.07 17.42
C GLY A 64 -9.04 -4.16 17.53
N ASN A 65 -7.91 -4.54 16.92
CA ASN A 65 -6.62 -3.82 17.03
C ASN A 65 -6.41 -2.87 15.84
N GLU A 66 -7.34 -1.93 15.67
CA GLU A 66 -7.28 -0.85 14.65
C GLU A 66 -5.94 -0.11 14.70
N GLU A 67 -5.46 0.14 15.92
CA GLU A 67 -4.22 0.86 16.25
C GLU A 67 -2.95 0.13 15.77
N GLN A 68 -2.95 -1.20 15.73
CA GLN A 68 -1.85 -2.00 15.16
C GLN A 68 -1.97 -2.14 13.64
N ALA A 69 -3.20 -2.32 13.12
CA ALA A 69 -3.47 -2.49 11.71
C ALA A 69 -3.02 -1.27 10.89
N ARG A 70 -3.34 -0.07 11.39
CA ARG A 70 -2.88 1.19 10.78
C ARG A 70 -1.36 1.31 10.72
N LYS A 71 -0.62 0.77 11.69
CA LYS A 71 0.85 0.89 11.71
C LYS A 71 1.49 -0.04 10.69
N ASP A 72 0.99 -1.25 10.53
CA ASP A 72 1.47 -2.16 9.49
C ASP A 72 1.12 -1.68 8.06
N MET A 73 -0.10 -1.14 7.85
CA MET A 73 -0.47 -0.51 6.57
C MET A 73 0.33 0.77 6.29
N ARG A 74 0.66 1.57 7.32
CA ARG A 74 1.51 2.78 7.16
C ARG A 74 2.86 2.44 6.52
N LYS A 75 3.50 1.32 6.89
CA LYS A 75 4.80 0.90 6.31
C LYS A 75 4.68 0.59 4.81
N VAL A 76 3.55 0.04 4.40
CA VAL A 76 3.20 -0.22 2.99
C VAL A 76 2.93 1.09 2.24
N LEU A 77 2.18 2.03 2.80
CA LEU A 77 1.87 3.30 2.14
C LEU A 77 3.10 4.18 1.89
N LYS A 78 4.11 4.12 2.77
CA LYS A 78 5.40 4.80 2.57
C LYS A 78 6.40 4.00 1.75
N SER A 79 6.21 2.68 1.65
CA SER A 79 7.06 1.81 0.83
C SER A 79 6.90 2.11 -0.66
N PRO A 80 7.99 2.16 -1.43
CA PRO A 80 7.95 2.58 -2.83
C PRO A 80 7.24 1.54 -3.70
N ALA A 81 7.34 0.25 -3.35
CA ALA A 81 6.67 -0.85 -4.07
C ALA A 81 5.15 -0.64 -4.18
N PHE A 82 4.52 -0.11 -3.13
CA PHE A 82 3.08 0.12 -3.13
C PHE A 82 2.68 1.28 -4.05
N LYS A 83 3.54 2.29 -4.17
CA LYS A 83 3.39 3.33 -5.19
C LYS A 83 3.53 2.75 -6.60
N GLN A 84 4.42 1.76 -6.82
CA GLN A 84 4.52 1.09 -8.13
C GLN A 84 3.25 0.28 -8.43
N ALA A 85 2.69 -0.40 -7.43
CA ALA A 85 1.42 -1.13 -7.58
C ALA A 85 0.26 -0.22 -8.03
N VAL A 86 0.02 0.88 -7.30
CA VAL A 86 -1.07 1.81 -7.61
C VAL A 86 -0.81 2.56 -8.92
N LYS A 87 0.46 2.82 -9.27
CA LYS A 87 0.80 3.46 -10.55
C LYS A 87 0.47 2.57 -11.75
N VAL A 88 0.81 1.28 -11.70
CA VAL A 88 0.59 0.32 -12.79
C VAL A 88 -0.91 0.11 -13.03
N MET A 89 -1.71 0.03 -11.97
CA MET A 89 -3.17 -0.09 -12.08
C MET A 89 -3.85 1.23 -12.50
N GLU A 90 -3.32 2.40 -12.10
CA GLU A 90 -3.86 3.71 -12.50
C GLU A 90 -3.60 4.01 -13.99
N GLU A 91 -2.49 3.54 -14.55
CA GLU A 91 -2.24 3.62 -16.00
C GLU A 91 -3.27 2.84 -16.84
N GLN A 92 -3.76 1.71 -16.31
CA GLN A 92 -4.73 0.83 -16.98
C GLN A 92 -6.19 1.25 -16.71
N GLU A 93 -6.50 1.65 -15.48
CA GLU A 93 -7.83 2.03 -15.01
C GLU A 93 -7.77 3.43 -14.33
N PRO A 94 -7.62 4.53 -15.10
CA PRO A 94 -7.43 5.87 -14.55
C PRO A 94 -8.69 6.41 -13.86
N ASN A 95 -9.87 5.99 -14.30
CA ASN A 95 -11.16 6.41 -13.75
C ASN A 95 -11.72 5.41 -12.71
N ASN A 96 -10.91 4.48 -12.21
CA ASN A 96 -11.39 3.44 -11.27
C ASN A 96 -11.71 4.07 -9.91
N PRO A 97 -12.93 3.94 -9.36
CA PRO A 97 -13.23 4.42 -8.02
C PRO A 97 -12.34 3.76 -6.96
N GLU A 98 -12.02 2.47 -7.12
CA GLU A 98 -11.20 1.71 -6.17
C GLU A 98 -9.71 2.07 -6.25
N VAL A 99 -9.20 2.46 -7.43
CA VAL A 99 -7.82 2.95 -7.54
C VAL A 99 -7.72 4.38 -7.02
N GLN A 100 -8.64 5.26 -7.42
CA GLN A 100 -8.62 6.66 -6.95
C GLN A 100 -8.80 6.76 -5.44
N GLU A 101 -9.68 5.95 -4.84
CA GLU A 101 -9.88 5.98 -3.39
C GLU A 101 -8.65 5.46 -2.61
N LEU A 102 -7.90 4.50 -3.18
CA LEU A 102 -6.64 4.03 -2.61
C LEU A 102 -5.52 5.08 -2.82
N LYS A 103 -5.30 5.51 -4.06
CA LYS A 103 -4.24 6.43 -4.50
C LYS A 103 -4.28 7.74 -3.74
N LYS A 104 -5.46 8.36 -3.65
CA LYS A 104 -5.65 9.66 -3.00
C LYS A 104 -5.47 9.58 -1.50
N ALA A 105 -5.75 8.44 -0.86
CA ALA A 105 -5.40 8.22 0.55
C ALA A 105 -3.88 8.25 0.77
N MET A 106 -3.10 7.62 -0.12
CA MET A 106 -1.63 7.64 -0.08
C MET A 106 -1.06 9.02 -0.42
N GLU A 107 -1.53 9.63 -1.52
CA GLU A 107 -1.11 10.97 -1.93
C GLU A 107 -1.31 12.00 -0.80
N GLU A 108 -2.48 11.99 -0.14
CA GLU A 108 -2.79 12.88 0.99
C GLU A 108 -1.94 12.59 2.24
N ALA A 109 -1.56 11.33 2.48
CA ALA A 109 -0.63 10.96 3.56
C ALA A 109 0.80 11.49 3.30
N GLU A 110 1.28 11.37 2.07
CA GLU A 110 2.64 11.75 1.66
C GLU A 110 2.85 13.27 1.65
N ARG A 111 1.81 14.02 1.24
CA ARG A 111 1.76 15.50 1.38
C ARG A 111 1.56 15.95 2.83
N GLY A 112 0.98 15.09 3.68
CA GLY A 112 0.75 15.35 5.11
C GLY A 112 2.02 15.27 5.97
N SER A 113 2.87 14.26 5.75
CA SER A 113 4.17 14.12 6.42
C SER A 113 5.18 13.29 5.59
N LEU A 114 6.44 13.72 5.60
CA LEU A 114 7.57 13.04 4.96
C LEU A 114 8.85 13.27 5.79
N GLU A 115 9.22 12.27 6.60
CA GLU A 115 10.49 12.23 7.34
C GLU A 115 11.58 11.49 6.54
N HIS A 116 12.83 11.97 6.60
CA HIS A 116 13.96 11.38 5.86
C HIS A 116 15.30 11.49 6.61
N HIS A 117 15.76 12.71 6.93
CA HIS A 117 17.08 12.96 7.55
C HIS A 117 17.11 14.27 8.37
N HIS A 118 17.91 14.30 9.43
CA HIS A 118 18.28 15.49 10.23
C HIS A 118 19.79 15.44 10.55
N HIS A 119 20.47 16.58 10.46
CA HIS A 119 21.92 16.71 10.68
C HIS A 119 22.32 17.03 12.13
N HIS A 120 21.37 17.47 12.96
CA HIS A 120 21.63 17.89 14.35
C HIS A 120 21.87 16.67 15.28
N HIS A 121 22.72 16.85 16.30
CA HIS A 121 22.99 15.88 17.36
C HIS A 121 21.78 15.71 18.32
N GLY A 1 2.59 14.12 10.98
CA GLY A 1 2.06 14.12 12.35
C GLY A 1 1.35 12.81 12.66
N ASP A 2 0.05 12.88 13.00
CA ASP A 2 -0.83 11.73 13.25
C ASP A 2 -1.97 11.61 12.22
N GLU A 3 -1.85 12.31 11.10
CA GLU A 3 -2.74 12.19 9.94
C GLU A 3 -2.49 10.87 9.19
N ALA A 4 -1.21 10.49 9.02
CA ALA A 4 -0.79 9.35 8.19
C ALA A 4 -1.33 8.02 8.74
N GLU A 5 -1.64 8.00 10.03
CA GLU A 5 -2.28 6.90 10.74
C GLU A 5 -3.74 6.70 10.26
N LYS A 6 -4.55 7.76 10.27
CA LYS A 6 -5.90 7.80 9.70
C LYS A 6 -5.91 7.55 8.19
N GLN A 7 -4.92 8.03 7.43
CA GLN A 7 -4.78 7.70 6.01
C GLN A 7 -4.49 6.20 5.77
N ALA A 8 -3.61 5.59 6.58
CA ALA A 8 -3.31 4.16 6.48
C ALA A 8 -4.54 3.30 6.75
N GLU A 9 -5.37 3.68 7.73
CA GLU A 9 -6.66 3.05 8.04
C GLU A 9 -7.58 3.01 6.80
N ARG A 10 -7.67 4.10 6.01
CA ARG A 10 -8.56 4.16 4.83
C ARG A 10 -8.19 3.11 3.79
N ALA A 11 -6.90 3.00 3.50
CA ALA A 11 -6.36 1.99 2.58
C ALA A 11 -6.43 0.57 3.16
N LEU A 12 -6.29 0.42 4.48
CA LEU A 12 -6.29 -0.87 5.18
C LEU A 12 -7.68 -1.53 5.07
N GLU A 13 -8.74 -0.78 5.33
CA GLU A 13 -10.10 -1.29 5.16
C GLU A 13 -10.45 -1.49 3.68
N LEU A 14 -9.93 -0.68 2.75
CA LEU A 14 -10.21 -0.85 1.31
C LEU A 14 -9.69 -2.21 0.81
N VAL A 15 -8.44 -2.58 1.15
CA VAL A 15 -7.86 -3.87 0.74
C VAL A 15 -8.49 -5.07 1.47
N ARG A 16 -9.12 -4.83 2.63
CA ARG A 16 -9.93 -5.81 3.37
C ARG A 16 -11.28 -6.06 2.70
N LYS A 17 -11.96 -4.99 2.28
CA LYS A 17 -13.32 -5.02 1.70
C LYS A 17 -13.30 -5.45 0.23
N SER A 18 -12.24 -5.09 -0.49
CA SER A 18 -11.94 -5.55 -1.85
C SER A 18 -10.65 -6.39 -1.87
N PRO A 19 -10.71 -7.68 -1.50
CA PRO A 19 -9.55 -8.57 -1.59
C PRO A 19 -9.13 -8.85 -3.04
N ASP A 20 -10.05 -8.67 -4.01
CA ASP A 20 -9.76 -8.79 -5.45
C ASP A 20 -8.90 -7.62 -5.95
N LEU A 21 -9.10 -6.41 -5.38
CA LEU A 21 -8.23 -5.25 -5.60
C LEU A 21 -6.82 -5.53 -5.07
N LEU A 22 -6.73 -6.15 -3.89
CA LEU A 22 -5.44 -6.49 -3.30
C LEU A 22 -4.71 -7.54 -4.14
N LYS A 23 -5.43 -8.57 -4.62
CA LYS A 23 -4.89 -9.67 -5.45
C LYS A 23 -4.28 -9.20 -6.76
N LYS A 24 -4.82 -8.13 -7.37
CA LYS A 24 -4.20 -7.47 -8.52
C LYS A 24 -3.09 -6.49 -8.11
N LEU A 25 -3.18 -5.85 -6.95
CA LEU A 25 -2.24 -4.83 -6.50
C LEU A 25 -0.80 -5.38 -6.36
N LEU A 26 -0.59 -6.45 -5.59
CA LEU A 26 0.75 -7.09 -5.49
C LEU A 26 1.21 -7.66 -6.84
N GLU A 27 0.28 -8.10 -7.69
CA GLU A 27 0.55 -8.66 -9.01
C GLU A 27 0.92 -7.59 -10.06
N ALA A 28 0.38 -6.37 -9.94
CA ALA A 28 0.63 -5.25 -10.84
C ALA A 28 1.99 -4.61 -10.56
N MET A 29 2.35 -4.48 -9.27
CA MET A 29 3.67 -4.02 -8.79
C MET A 29 4.84 -4.77 -9.45
N ALA A 30 4.69 -6.08 -9.63
CA ALA A 30 5.69 -6.95 -10.24
C ALA A 30 6.02 -6.56 -11.69
N GLU A 31 5.04 -6.07 -12.44
CA GLU A 31 5.25 -5.62 -13.82
C GLU A 31 6.15 -4.39 -13.85
N GLU A 32 5.91 -3.40 -12.97
CA GLU A 32 6.75 -2.20 -12.86
C GLU A 32 8.14 -2.52 -12.29
N LEU A 33 8.25 -3.43 -11.32
CA LEU A 33 9.57 -3.85 -10.82
C LEU A 33 10.42 -4.47 -11.97
N LYS A 34 9.78 -5.17 -12.92
CA LYS A 34 10.46 -5.66 -14.13
C LYS A 34 10.86 -4.55 -15.12
N ARG A 35 10.12 -3.42 -15.20
CA ARG A 35 10.51 -2.22 -15.99
C ARG A 35 11.76 -1.54 -15.42
N GLN A 36 11.93 -1.63 -14.09
CA GLN A 36 13.11 -1.22 -13.33
C GLN A 36 14.28 -2.23 -13.43
N GLY A 37 14.06 -3.38 -14.07
CA GLY A 37 15.09 -4.39 -14.38
C GLY A 37 15.38 -5.36 -13.22
N LYS A 38 14.47 -5.47 -12.24
CA LYS A 38 14.65 -6.35 -11.08
C LYS A 38 14.53 -7.84 -11.44
N SER A 39 15.09 -8.67 -10.57
CA SER A 39 15.09 -10.14 -10.68
C SER A 39 13.80 -10.78 -10.15
N PRO A 40 13.42 -11.97 -10.64
CA PRO A 40 12.22 -12.70 -10.21
C PRO A 40 12.18 -12.96 -8.70
N ASP A 41 13.34 -13.15 -8.05
CA ASP A 41 13.43 -13.32 -6.59
C ASP A 41 13.06 -12.05 -5.82
N GLU A 42 13.56 -10.88 -6.24
CA GLU A 42 13.26 -9.59 -5.61
C GLU A 42 11.80 -9.18 -5.86
N ILE A 43 11.30 -9.47 -7.06
CA ILE A 43 9.90 -9.27 -7.44
C ILE A 43 8.99 -10.12 -6.55
N GLN A 44 9.25 -11.43 -6.43
CA GLN A 44 8.43 -12.34 -5.64
C GLN A 44 8.43 -11.93 -4.16
N LYS A 45 9.58 -11.60 -3.60
CA LYS A 45 9.73 -11.10 -2.22
C LYS A 45 8.97 -9.78 -2.01
N ALA A 46 8.95 -8.89 -3.00
CA ALA A 46 8.14 -7.68 -2.94
C ALA A 46 6.63 -7.99 -2.91
N LYS A 47 6.13 -8.92 -3.76
CA LYS A 47 4.72 -9.36 -3.70
C LYS A 47 4.36 -9.86 -2.30
N ASP A 48 5.21 -10.73 -1.74
CA ASP A 48 5.01 -11.32 -0.42
C ASP A 48 5.05 -10.32 0.73
N GLU A 49 5.92 -9.30 0.66
CA GLU A 49 5.94 -8.22 1.65
C GLU A 49 4.60 -7.51 1.68
N VAL A 50 4.12 -7.08 0.52
CA VAL A 50 2.85 -6.33 0.43
C VAL A 50 1.69 -7.19 0.93
N LYS A 51 1.65 -8.47 0.55
CA LYS A 51 0.68 -9.47 0.99
C LYS A 51 0.72 -9.68 2.50
N THR A 52 1.89 -9.96 3.06
CA THR A 52 2.03 -10.28 4.50
C THR A 52 1.82 -9.05 5.37
N LYS A 53 2.20 -7.86 4.89
CA LYS A 53 1.93 -6.57 5.56
C LYS A 53 0.43 -6.32 5.71
N VAL A 54 -0.37 -6.45 4.64
CA VAL A 54 -1.83 -6.29 4.74
C VAL A 54 -2.48 -7.40 5.56
N GLU A 55 -2.02 -8.65 5.43
CA GLU A 55 -2.57 -9.78 6.18
C GLU A 55 -2.36 -9.62 7.69
N GLN A 56 -1.14 -9.30 8.14
CA GLN A 56 -0.88 -9.05 9.56
C GLN A 56 -1.60 -7.80 10.07
N ALA A 57 -1.81 -6.79 9.22
CA ALA A 57 -2.60 -5.61 9.60
C ALA A 57 -4.08 -5.96 9.79
N ILE A 58 -4.71 -6.64 8.84
CA ILE A 58 -6.14 -7.00 8.93
C ILE A 58 -6.39 -7.96 10.10
N ARG A 59 -5.47 -8.90 10.36
CA ARG A 59 -5.52 -9.80 11.53
C ARG A 59 -5.56 -9.07 12.86
N GLU A 60 -4.93 -7.91 12.97
CA GLU A 60 -5.00 -7.03 14.14
C GLU A 60 -6.31 -6.25 14.18
N TRP A 61 -6.74 -5.61 13.08
CA TRP A 61 -7.99 -4.86 13.07
C TRP A 61 -9.20 -5.73 13.44
N LYS A 62 -9.23 -6.98 12.95
CA LYS A 62 -10.35 -7.91 13.19
C LYS A 62 -10.48 -8.35 14.64
N GLN A 63 -9.37 -8.36 15.40
CA GLN A 63 -9.37 -8.62 16.85
C GLN A 63 -9.56 -7.34 17.69
N GLY A 64 -9.93 -6.23 17.03
CA GLY A 64 -10.18 -4.92 17.64
C GLY A 64 -8.92 -4.05 17.76
N ASN A 65 -7.81 -4.46 17.14
CA ASN A 65 -6.51 -3.78 17.25
C ASN A 65 -6.28 -2.87 16.02
N GLU A 66 -7.13 -1.85 15.86
CA GLU A 66 -6.98 -0.85 14.79
C GLU A 66 -5.58 -0.25 14.75
N GLU A 67 -5.07 0.16 15.91
CA GLU A 67 -3.79 0.86 16.06
C GLU A 67 -2.63 0.06 15.50
N GLN A 68 -2.60 -1.26 15.73
CA GLN A 68 -1.57 -2.14 15.19
C GLN A 68 -1.76 -2.39 13.68
N ALA A 69 -3.01 -2.43 13.22
CA ALA A 69 -3.37 -2.58 11.81
C ALA A 69 -2.97 -1.36 10.97
N ARG A 70 -3.36 -0.15 11.39
CA ARG A 70 -3.02 1.09 10.68
C ARG A 70 -1.51 1.35 10.70
N LYS A 71 -0.79 0.93 11.76
CA LYS A 71 0.67 0.97 11.88
C LYS A 71 1.36 0.04 10.87
N ASP A 72 0.87 -1.18 10.67
CA ASP A 72 1.44 -2.11 9.70
C ASP A 72 1.11 -1.73 8.25
N MET A 73 -0.08 -1.20 7.97
CA MET A 73 -0.41 -0.59 6.67
C MET A 73 0.36 0.72 6.40
N ARG A 74 0.59 1.56 7.42
CA ARG A 74 1.34 2.85 7.36
C ARG A 74 2.70 2.72 6.68
N LYS A 75 3.39 1.61 6.93
CA LYS A 75 4.72 1.31 6.39
C LYS A 75 4.67 0.97 4.90
N VAL A 76 3.58 0.36 4.48
CA VAL A 76 3.22 0.09 3.08
C VAL A 76 2.82 1.37 2.34
N LEU A 77 2.03 2.27 2.95
CA LEU A 77 1.61 3.55 2.34
C LEU A 77 2.81 4.40 1.87
N LYS A 78 3.88 4.42 2.66
CA LYS A 78 5.13 5.14 2.35
C LYS A 78 6.10 4.35 1.47
N SER A 79 5.95 3.03 1.42
CA SER A 79 6.83 2.14 0.65
C SER A 79 6.82 2.47 -0.86
N PRO A 80 7.99 2.54 -1.54
CA PRO A 80 8.05 2.80 -2.98
C PRO A 80 7.44 1.64 -3.78
N ALA A 81 7.54 0.41 -3.25
CA ALA A 81 6.91 -0.78 -3.82
C ALA A 81 5.39 -0.60 -3.99
N PHE A 82 4.71 -0.06 -2.99
CA PHE A 82 3.26 0.12 -3.03
C PHE A 82 2.85 1.25 -4.00
N LYS A 83 3.69 2.30 -4.11
CA LYS A 83 3.53 3.33 -5.16
C LYS A 83 3.64 2.72 -6.56
N GLN A 84 4.56 1.78 -6.79
CA GLN A 84 4.66 1.09 -8.09
C GLN A 84 3.45 0.18 -8.35
N ALA A 85 2.89 -0.46 -7.31
CA ALA A 85 1.64 -1.23 -7.43
C ALA A 85 0.46 -0.38 -7.93
N VAL A 86 0.22 0.79 -7.31
CA VAL A 86 -0.85 1.71 -7.73
C VAL A 86 -0.55 2.31 -9.10
N LYS A 87 0.72 2.58 -9.44
CA LYS A 87 1.10 3.15 -10.74
C LYS A 87 0.62 2.27 -11.92
N VAL A 88 0.77 0.95 -11.81
CA VAL A 88 0.43 0.02 -12.91
C VAL A 88 -1.08 -0.08 -13.15
N MET A 89 -1.88 -0.09 -12.08
CA MET A 89 -3.34 -0.03 -12.19
C MET A 89 -3.85 1.36 -12.61
N GLU A 90 -3.16 2.45 -12.25
CA GLU A 90 -3.49 3.82 -12.68
C GLU A 90 -3.19 4.05 -14.18
N GLU A 91 -2.17 3.40 -14.74
CA GLU A 91 -1.88 3.43 -16.19
C GLU A 91 -3.01 2.77 -17.00
N GLN A 92 -3.57 1.65 -16.50
CA GLN A 92 -4.62 0.86 -17.17
C GLN A 92 -6.02 1.44 -16.96
N GLU A 93 -6.33 1.84 -15.72
CA GLU A 93 -7.66 2.26 -15.28
C GLU A 93 -7.58 3.63 -14.57
N PRO A 94 -7.39 4.74 -15.31
CA PRO A 94 -7.17 6.06 -14.73
C PRO A 94 -8.43 6.65 -14.06
N ASN A 95 -9.63 6.20 -14.47
CA ASN A 95 -10.91 6.64 -13.91
C ASN A 95 -11.50 5.66 -12.87
N ASN A 96 -10.71 4.68 -12.41
CA ASN A 96 -11.17 3.65 -11.47
C ASN A 96 -11.43 4.26 -10.06
N PRO A 97 -12.61 4.09 -9.46
CA PRO A 97 -12.84 4.48 -8.07
C PRO A 97 -11.90 3.71 -7.13
N GLU A 98 -11.64 2.43 -7.40
CA GLU A 98 -10.79 1.59 -6.54
C GLU A 98 -9.30 1.93 -6.67
N VAL A 99 -8.85 2.52 -7.78
CA VAL A 99 -7.49 3.07 -7.88
C VAL A 99 -7.42 4.43 -7.23
N GLN A 100 -8.32 5.36 -7.59
CA GLN A 100 -8.20 6.75 -7.15
C GLN A 100 -8.46 6.89 -5.65
N GLU A 101 -9.39 6.10 -5.08
CA GLU A 101 -9.63 6.15 -3.63
C GLU A 101 -8.46 5.55 -2.83
N LEU A 102 -7.73 4.58 -3.39
CA LEU A 102 -6.48 4.06 -2.82
C LEU A 102 -5.34 5.09 -2.96
N LYS A 103 -5.12 5.63 -4.17
CA LYS A 103 -4.06 6.61 -4.50
C LYS A 103 -4.15 7.84 -3.61
N LYS A 104 -5.37 8.40 -3.45
CA LYS A 104 -5.64 9.58 -2.60
C LYS A 104 -5.15 9.40 -1.16
N ALA A 105 -5.34 8.22 -0.57
CA ALA A 105 -4.89 7.93 0.78
C ALA A 105 -3.36 8.08 0.91
N MET A 106 -2.60 7.54 -0.05
CA MET A 106 -1.14 7.63 -0.12
C MET A 106 -0.64 9.03 -0.46
N GLU A 107 -1.23 9.67 -1.48
CA GLU A 107 -0.96 11.05 -1.86
C GLU A 107 -1.08 12.01 -0.65
N GLU A 108 -2.16 11.93 0.12
CA GLU A 108 -2.35 12.74 1.33
C GLU A 108 -1.41 12.34 2.48
N ALA A 109 -1.10 11.05 2.67
CA ALA A 109 -0.16 10.58 3.69
C ALA A 109 1.28 11.08 3.43
N GLU A 110 1.68 11.16 2.16
CA GLU A 110 3.00 11.67 1.74
C GLU A 110 3.10 13.20 1.89
N ARG A 111 2.00 13.91 1.57
CA ARG A 111 1.87 15.37 1.75
C ARG A 111 1.82 15.79 3.23
N GLY A 112 1.18 14.99 4.08
CA GLY A 112 0.96 15.29 5.50
C GLY A 112 0.09 16.54 5.74
N SER A 113 0.08 17.06 6.97
CA SER A 113 -0.55 18.34 7.31
C SER A 113 0.19 19.53 6.66
N LEU A 114 -0.56 20.37 5.93
CA LEU A 114 -0.04 21.54 5.18
C LEU A 114 -0.87 22.83 5.41
N GLU A 115 -1.94 22.78 6.21
CA GLU A 115 -2.88 23.89 6.44
C GLU A 115 -3.19 24.05 7.93
N HIS A 116 -2.75 25.16 8.53
CA HIS A 116 -3.08 25.61 9.88
C HIS A 116 -3.40 27.12 9.87
N HIS A 117 -4.36 27.55 10.69
CA HIS A 117 -4.79 28.95 10.88
C HIS A 117 -5.20 29.69 9.58
N HIS A 118 -5.57 28.96 8.52
CA HIS A 118 -5.91 29.51 7.21
C HIS A 118 -7.43 29.79 7.09
N HIS A 119 -7.77 30.98 6.59
CA HIS A 119 -9.15 31.44 6.38
C HIS A 119 -9.26 32.19 5.04
N HIS A 120 -10.35 31.98 4.30
CA HIS A 120 -10.63 32.60 2.99
C HIS A 120 -12.14 32.69 2.71
N HIS A 121 -12.51 33.45 1.66
CA HIS A 121 -13.87 33.52 1.10
C HIS A 121 -14.18 32.33 0.17
N GLY A 1 0.31 15.75 13.20
CA GLY A 1 -0.10 14.83 14.28
C GLY A 1 -0.07 13.39 13.79
N ASP A 2 -1.18 12.66 13.93
CA ASP A 2 -1.33 11.25 13.51
C ASP A 2 -2.15 11.06 12.22
N GLU A 3 -2.48 12.13 11.50
CA GLU A 3 -3.27 12.08 10.26
C GLU A 3 -2.60 11.23 9.17
N ALA A 4 -1.26 11.27 9.10
CA ALA A 4 -0.42 10.48 8.20
C ALA A 4 -0.65 8.97 8.38
N GLU A 5 -1.06 8.58 9.59
CA GLU A 5 -1.42 7.22 9.99
C GLU A 5 -2.95 6.98 9.97
N LYS A 6 -3.79 8.01 10.04
CA LYS A 6 -5.26 7.90 9.86
C LYS A 6 -5.62 7.60 8.40
N GLN A 7 -4.86 8.15 7.44
CA GLN A 7 -4.94 7.75 6.03
C GLN A 7 -4.60 6.28 5.82
N ALA A 8 -3.72 5.71 6.65
CA ALA A 8 -3.42 4.28 6.62
C ALA A 8 -4.62 3.41 7.00
N GLU A 9 -5.40 3.81 8.01
CA GLU A 9 -6.68 3.17 8.34
C GLU A 9 -7.65 3.13 7.14
N ARG A 10 -7.68 4.19 6.33
CA ARG A 10 -8.54 4.33 5.13
C ARG A 10 -8.11 3.46 3.96
N ALA A 11 -6.81 3.41 3.68
CA ALA A 11 -6.28 2.48 2.70
C ALA A 11 -6.38 1.01 3.17
N LEU A 12 -6.27 0.78 4.49
CA LEU A 12 -6.37 -0.55 5.10
C LEU A 12 -7.78 -1.12 4.90
N GLU A 13 -8.82 -0.34 5.23
CA GLU A 13 -10.21 -0.80 5.10
C GLU A 13 -10.59 -1.09 3.63
N LEU A 14 -10.02 -0.34 2.67
CA LEU A 14 -10.20 -0.60 1.24
C LEU A 14 -9.63 -1.97 0.85
N VAL A 15 -8.38 -2.28 1.21
CA VAL A 15 -7.77 -3.60 0.87
C VAL A 15 -8.35 -4.75 1.68
N ARG A 16 -8.88 -4.47 2.88
CA ARG A 16 -9.62 -5.44 3.72
C ARG A 16 -10.95 -5.83 3.07
N LYS A 17 -11.72 -4.86 2.57
CA LYS A 17 -13.05 -5.09 1.98
C LYS A 17 -12.99 -5.55 0.53
N SER A 18 -11.95 -5.15 -0.19
CA SER A 18 -11.65 -5.57 -1.56
C SER A 18 -10.36 -6.41 -1.65
N PRO A 19 -10.38 -7.70 -1.27
CA PRO A 19 -9.24 -8.60 -1.45
C PRO A 19 -8.96 -8.89 -2.94
N ASP A 20 -9.92 -8.69 -3.83
CA ASP A 20 -9.75 -8.84 -5.28
C ASP A 20 -8.91 -7.70 -5.87
N LEU A 21 -9.03 -6.49 -5.29
CA LEU A 21 -8.15 -5.35 -5.57
C LEU A 21 -6.73 -5.65 -5.08
N LEU A 22 -6.59 -6.25 -3.90
CA LEU A 22 -5.28 -6.58 -3.34
C LEU A 22 -4.56 -7.66 -4.17
N LYS A 23 -5.30 -8.69 -4.61
CA LYS A 23 -4.80 -9.80 -5.45
C LYS A 23 -4.22 -9.33 -6.79
N LYS A 24 -4.76 -8.26 -7.37
CA LYS A 24 -4.18 -7.62 -8.55
C LYS A 24 -3.09 -6.60 -8.21
N LEU A 25 -3.16 -5.97 -7.04
CA LEU A 25 -2.24 -4.92 -6.62
C LEU A 25 -0.79 -5.43 -6.51
N LEU A 26 -0.54 -6.49 -5.72
CA LEU A 26 0.81 -7.09 -5.65
C LEU A 26 1.25 -7.61 -7.03
N GLU A 27 0.32 -8.11 -7.85
CA GLU A 27 0.58 -8.68 -9.16
C GLU A 27 0.92 -7.60 -10.22
N ALA A 28 0.38 -6.39 -10.08
CA ALA A 28 0.65 -5.24 -10.93
C ALA A 28 2.02 -4.60 -10.61
N MET A 29 2.37 -4.51 -9.32
CA MET A 29 3.67 -4.03 -8.83
C MET A 29 4.86 -4.74 -9.49
N ALA A 30 4.75 -6.06 -9.66
CA ALA A 30 5.79 -6.90 -10.26
C ALA A 30 6.17 -6.48 -11.69
N GLU A 31 5.21 -5.97 -12.46
CA GLU A 31 5.43 -5.59 -13.86
C GLU A 31 6.24 -4.31 -13.98
N GLU A 32 6.06 -3.35 -13.07
CA GLU A 32 6.91 -2.17 -12.97
C GLU A 32 8.25 -2.49 -12.32
N LEU A 33 8.29 -3.36 -11.30
CA LEU A 33 9.57 -3.80 -10.72
C LEU A 33 10.46 -4.47 -11.78
N LYS A 34 9.86 -5.19 -12.74
CA LYS A 34 10.55 -5.74 -13.91
C LYS A 34 11.15 -4.65 -14.82
N ARG A 35 10.51 -3.48 -14.97
CA ARG A 35 11.05 -2.34 -15.76
C ARG A 35 12.23 -1.64 -15.07
N GLN A 36 12.34 -1.76 -13.75
CA GLN A 36 13.47 -1.32 -12.94
C GLN A 36 14.67 -2.30 -13.04
N GLY A 37 14.52 -3.44 -13.73
CA GLY A 37 15.57 -4.41 -14.02
C GLY A 37 15.74 -5.47 -12.93
N LYS A 38 14.74 -5.65 -12.05
CA LYS A 38 14.75 -6.64 -10.97
C LYS A 38 14.72 -8.08 -11.46
N SER A 39 15.11 -8.97 -10.56
CA SER A 39 15.04 -10.43 -10.70
C SER A 39 13.72 -11.01 -10.19
N PRO A 40 13.33 -12.21 -10.66
CA PRO A 40 12.18 -12.95 -10.12
C PRO A 40 12.23 -13.12 -8.59
N ASP A 41 13.42 -13.23 -7.99
CA ASP A 41 13.60 -13.34 -6.53
C ASP A 41 13.22 -12.05 -5.79
N GLU A 42 13.66 -10.88 -6.27
CA GLU A 42 13.29 -9.58 -5.69
C GLU A 42 11.80 -9.29 -5.86
N ILE A 43 11.26 -9.61 -7.05
CA ILE A 43 9.85 -9.43 -7.40
C ILE A 43 8.97 -10.30 -6.50
N GLN A 44 9.27 -11.60 -6.39
CA GLN A 44 8.52 -12.53 -5.54
C GLN A 44 8.51 -12.08 -4.07
N LYS A 45 9.68 -11.71 -3.54
CA LYS A 45 9.79 -11.21 -2.16
C LYS A 45 9.04 -9.89 -1.96
N ALA A 46 9.04 -8.99 -2.94
CA ALA A 46 8.25 -7.76 -2.90
C ALA A 46 6.74 -8.03 -2.87
N LYS A 47 6.21 -8.91 -3.74
CA LYS A 47 4.79 -9.30 -3.73
C LYS A 47 4.38 -9.85 -2.36
N ASP A 48 5.16 -10.77 -1.80
CA ASP A 48 4.89 -11.35 -0.48
C ASP A 48 5.06 -10.39 0.67
N GLU A 49 5.98 -9.40 0.60
CA GLU A 49 6.05 -8.33 1.60
C GLU A 49 4.75 -7.55 1.62
N VAL A 50 4.30 -7.08 0.46
CA VAL A 50 3.06 -6.26 0.38
C VAL A 50 1.86 -7.07 0.88
N LYS A 51 1.73 -8.33 0.45
CA LYS A 51 0.72 -9.30 0.90
C LYS A 51 0.77 -9.52 2.40
N THR A 52 1.93 -9.85 2.95
CA THR A 52 2.05 -10.19 4.38
C THR A 52 1.90 -8.95 5.28
N LYS A 53 2.34 -7.78 4.82
CA LYS A 53 2.12 -6.50 5.49
C LYS A 53 0.63 -6.17 5.66
N VAL A 54 -0.17 -6.30 4.59
CA VAL A 54 -1.63 -6.06 4.68
C VAL A 54 -2.34 -7.17 5.47
N GLU A 55 -1.92 -8.42 5.30
CA GLU A 55 -2.52 -9.57 5.98
C GLU A 55 -2.34 -9.48 7.50
N GLN A 56 -1.12 -9.17 7.96
CA GLN A 56 -0.85 -8.95 9.38
C GLN A 56 -1.58 -7.70 9.91
N ALA A 57 -1.72 -6.63 9.12
CA ALA A 57 -2.49 -5.46 9.51
C ALA A 57 -3.97 -5.82 9.74
N ILE A 58 -4.61 -6.46 8.76
CA ILE A 58 -6.02 -6.85 8.82
C ILE A 58 -6.26 -7.83 9.99
N ARG A 59 -5.35 -8.79 10.22
CA ARG A 59 -5.41 -9.73 11.36
C ARG A 59 -5.39 -9.03 12.72
N GLU A 60 -4.74 -7.88 12.82
CA GLU A 60 -4.74 -7.05 14.02
C GLU A 60 -6.05 -6.25 14.15
N TRP A 61 -6.51 -5.58 13.09
CA TRP A 61 -7.76 -4.81 13.16
C TRP A 61 -8.96 -5.69 13.53
N LYS A 62 -9.02 -6.91 12.98
CA LYS A 62 -10.14 -7.83 13.21
C LYS A 62 -10.25 -8.30 14.66
N GLN A 63 -9.12 -8.38 15.39
CA GLN A 63 -9.06 -8.65 16.83
C GLN A 63 -9.20 -7.37 17.70
N GLY A 64 -9.60 -6.26 17.08
CA GLY A 64 -9.83 -4.95 17.70
C GLY A 64 -8.59 -4.05 17.75
N ASN A 65 -7.48 -4.45 17.11
CA ASN A 65 -6.18 -3.78 17.28
C ASN A 65 -5.91 -2.73 16.18
N GLU A 66 -6.80 -1.75 16.08
CA GLU A 66 -6.78 -0.71 15.04
C GLU A 66 -5.42 -0.01 14.94
N GLU A 67 -4.83 0.30 16.10
CA GLU A 67 -3.54 1.00 16.22
C GLU A 67 -2.36 0.20 15.63
N GLN A 68 -2.33 -1.12 15.78
CA GLN A 68 -1.33 -1.97 15.13
C GLN A 68 -1.61 -2.11 13.63
N ALA A 69 -2.88 -2.33 13.27
CA ALA A 69 -3.32 -2.53 11.89
C ALA A 69 -3.01 -1.31 10.99
N ARG A 70 -3.41 -0.10 11.40
CA ARG A 70 -3.11 1.13 10.66
C ARG A 70 -1.61 1.38 10.57
N LYS A 71 -0.84 1.01 11.61
CA LYS A 71 0.63 1.17 11.64
C LYS A 71 1.34 0.21 10.68
N ASP A 72 0.90 -1.03 10.54
CA ASP A 72 1.44 -1.97 9.55
C ASP A 72 1.08 -1.56 8.10
N MET A 73 -0.12 -1.02 7.85
CA MET A 73 -0.48 -0.46 6.55
C MET A 73 0.30 0.83 6.22
N ARG A 74 0.57 1.69 7.22
CA ARG A 74 1.40 2.90 7.04
C ARG A 74 2.74 2.57 6.38
N LYS A 75 3.43 1.53 6.85
CA LYS A 75 4.79 1.23 6.36
C LYS A 75 4.79 0.93 4.86
N VAL A 76 3.73 0.27 4.40
CA VAL A 76 3.43 -0.01 3.00
C VAL A 76 3.10 1.26 2.21
N LEU A 77 2.26 2.15 2.74
CA LEU A 77 1.85 3.38 2.05
C LEU A 77 3.01 4.35 1.81
N LYS A 78 4.00 4.37 2.71
CA LYS A 78 5.22 5.17 2.54
C LYS A 78 6.26 4.43 1.68
N SER A 79 6.23 3.09 1.65
CA SER A 79 7.14 2.29 0.81
C SER A 79 6.90 2.54 -0.68
N PRO A 80 7.97 2.73 -1.49
CA PRO A 80 7.85 3.12 -2.88
C PRO A 80 7.27 1.99 -3.75
N ALA A 81 7.45 0.73 -3.34
CA ALA A 81 6.88 -0.43 -4.01
C ALA A 81 5.35 -0.34 -4.16
N PHE A 82 4.67 0.18 -3.13
CA PHE A 82 3.21 0.30 -3.14
C PHE A 82 2.70 1.35 -4.14
N LYS A 83 3.48 2.43 -4.34
CA LYS A 83 3.25 3.41 -5.40
C LYS A 83 3.42 2.78 -6.79
N GLN A 84 4.39 1.88 -7.00
CA GLN A 84 4.52 1.16 -8.27
C GLN A 84 3.28 0.29 -8.53
N ALA A 85 2.78 -0.42 -7.52
CA ALA A 85 1.57 -1.23 -7.61
C ALA A 85 0.35 -0.45 -8.12
N VAL A 86 0.05 0.72 -7.52
CA VAL A 86 -1.07 1.57 -7.93
C VAL A 86 -0.80 2.25 -9.27
N LYS A 87 0.46 2.57 -9.59
CA LYS A 87 0.81 3.21 -10.86
C LYS A 87 0.48 2.33 -12.07
N VAL A 88 0.71 1.01 -11.98
CA VAL A 88 0.44 0.06 -13.08
C VAL A 88 -1.06 -0.07 -13.35
N MET A 89 -1.88 -0.12 -12.29
CA MET A 89 -3.35 -0.17 -12.43
C MET A 89 -3.96 1.20 -12.83
N GLU A 90 -3.37 2.32 -12.41
CA GLU A 90 -3.84 3.67 -12.78
C GLU A 90 -3.61 3.99 -14.27
N GLU A 91 -2.53 3.48 -14.87
CA GLU A 91 -2.31 3.61 -16.33
C GLU A 91 -3.36 2.87 -17.15
N GLN A 92 -3.85 1.74 -16.66
CA GLN A 92 -4.86 0.92 -17.33
C GLN A 92 -6.28 1.42 -17.08
N GLU A 93 -6.61 1.78 -15.83
CA GLU A 93 -7.94 2.22 -15.40
C GLU A 93 -7.86 3.57 -14.65
N PRO A 94 -7.74 4.70 -15.37
CA PRO A 94 -7.52 6.03 -14.80
C PRO A 94 -8.75 6.62 -14.11
N ASN A 95 -9.94 6.10 -14.39
CA ASN A 95 -11.21 6.48 -13.76
C ASN A 95 -11.78 5.39 -12.83
N ASN A 96 -10.96 4.44 -12.37
CA ASN A 96 -11.40 3.38 -11.46
C ASN A 96 -11.69 3.97 -10.06
N PRO A 97 -12.89 3.77 -9.46
CA PRO A 97 -13.16 4.22 -8.10
C PRO A 97 -12.20 3.57 -7.09
N GLU A 98 -11.86 2.29 -7.26
CA GLU A 98 -10.98 1.58 -6.33
C GLU A 98 -9.50 1.98 -6.48
N VAL A 99 -9.06 2.45 -7.66
CA VAL A 99 -7.73 3.04 -7.81
C VAL A 99 -7.72 4.47 -7.28
N GLN A 100 -8.66 5.31 -7.75
CA GLN A 100 -8.65 6.74 -7.45
C GLN A 100 -8.91 7.05 -5.97
N GLU A 101 -9.63 6.18 -5.26
CA GLU A 101 -9.76 6.33 -3.79
C GLU A 101 -8.53 5.83 -3.02
N LEU A 102 -7.84 4.78 -3.48
CA LEU A 102 -6.62 4.28 -2.85
C LEU A 102 -5.43 5.22 -3.09
N LYS A 103 -5.29 5.75 -4.32
CA LYS A 103 -4.23 6.69 -4.71
C LYS A 103 -4.30 7.97 -3.86
N LYS A 104 -5.50 8.51 -3.66
CA LYS A 104 -5.74 9.66 -2.74
C LYS A 104 -5.29 9.36 -1.31
N ALA A 105 -5.57 8.16 -0.81
CA ALA A 105 -5.16 7.75 0.54
C ALA A 105 -3.63 7.76 0.69
N MET A 106 -2.89 7.23 -0.28
CA MET A 106 -1.41 7.28 -0.33
C MET A 106 -0.89 8.71 -0.47
N GLU A 107 -1.41 9.47 -1.45
CA GLU A 107 -1.03 10.87 -1.69
C GLU A 107 -1.17 11.73 -0.43
N GLU A 108 -2.31 11.69 0.25
CA GLU A 108 -2.52 12.43 1.50
C GLU A 108 -1.70 11.88 2.68
N ALA A 109 -1.42 10.57 2.72
CA ALA A 109 -0.52 9.97 3.71
C ALA A 109 0.93 10.45 3.53
N GLU A 110 1.41 10.58 2.30
CA GLU A 110 2.76 11.06 1.97
C GLU A 110 2.92 12.56 2.24
N ARG A 111 1.85 13.32 2.00
CA ARG A 111 1.70 14.75 2.34
C ARG A 111 1.45 15.02 3.83
N GLY A 112 1.34 13.97 4.66
CA GLY A 112 1.19 14.06 6.12
C GLY A 112 2.43 14.60 6.85
N SER A 113 2.26 14.95 8.14
CA SER A 113 3.26 15.63 8.97
C SER A 113 3.94 14.73 10.01
N LEU A 114 5.03 15.24 10.61
CA LEU A 114 5.77 14.74 11.78
C LEU A 114 6.44 13.35 11.68
N GLU A 115 5.96 12.43 10.84
CA GLU A 115 6.46 11.06 10.74
C GLU A 115 7.91 11.02 10.19
N HIS A 116 8.81 10.41 10.97
CA HIS A 116 10.26 10.32 10.71
C HIS A 116 10.81 8.89 10.94
N HIS A 117 9.97 7.92 10.64
CA HIS A 117 10.11 6.46 10.77
C HIS A 117 10.22 5.94 12.22
N HIS A 118 9.77 4.70 12.42
CA HIS A 118 9.58 4.09 13.75
C HIS A 118 10.85 3.43 14.30
N HIS A 119 10.95 3.32 15.62
CA HIS A 119 12.05 2.67 16.34
C HIS A 119 11.54 1.91 17.59
N HIS A 120 12.33 0.97 18.10
CA HIS A 120 12.03 0.19 19.31
C HIS A 120 13.29 -0.03 20.17
N HIS A 121 13.12 -0.13 21.50
CA HIS A 121 14.20 -0.25 22.50
C HIS A 121 13.78 -1.15 23.67
N GLY A 1 3.94 13.49 12.42
CA GLY A 1 3.10 13.09 13.56
C GLY A 1 2.16 11.96 13.17
N ASP A 2 0.86 12.15 13.38
CA ASP A 2 -0.20 11.14 13.22
C ASP A 2 -1.05 11.29 11.94
N GLU A 3 -0.69 12.18 11.02
CA GLU A 3 -1.43 12.37 9.77
C GLU A 3 -1.42 11.12 8.86
N ALA A 4 -0.32 10.37 8.85
CA ALA A 4 -0.18 9.14 8.07
C ALA A 4 -0.98 7.97 8.65
N GLU A 5 -1.18 7.96 9.98
CA GLU A 5 -1.90 6.90 10.71
C GLU A 5 -3.38 6.88 10.33
N LYS A 6 -4.05 8.03 10.38
CA LYS A 6 -5.48 8.20 10.07
C LYS A 6 -5.80 7.92 8.60
N GLN A 7 -4.90 8.26 7.67
CA GLN A 7 -5.00 7.89 6.27
C GLN A 7 -4.78 6.40 6.00
N ALA A 8 -3.85 5.76 6.72
CA ALA A 8 -3.59 4.33 6.56
C ALA A 8 -4.79 3.45 6.90
N GLU A 9 -5.59 3.87 7.88
CA GLU A 9 -6.85 3.23 8.27
C GLU A 9 -7.84 3.11 7.08
N ARG A 10 -7.88 4.13 6.21
CA ARG A 10 -8.77 4.22 5.03
C ARG A 10 -8.33 3.28 3.91
N ALA A 11 -7.03 3.19 3.66
CA ALA A 11 -6.48 2.24 2.69
C ALA A 11 -6.56 0.79 3.21
N LEU A 12 -6.43 0.58 4.53
CA LEU A 12 -6.50 -0.72 5.18
C LEU A 12 -7.90 -1.34 5.02
N GLU A 13 -8.96 -0.57 5.29
CA GLU A 13 -10.33 -1.03 5.09
C GLU A 13 -10.66 -1.24 3.60
N LEU A 14 -10.08 -0.47 2.67
CA LEU A 14 -10.24 -0.69 1.23
C LEU A 14 -9.72 -2.08 0.82
N VAL A 15 -8.49 -2.44 1.20
CA VAL A 15 -7.90 -3.76 0.84
C VAL A 15 -8.55 -4.92 1.61
N ARG A 16 -9.10 -4.66 2.80
CA ARG A 16 -9.86 -5.63 3.60
C ARG A 16 -11.19 -5.99 2.95
N LYS A 17 -11.97 -4.97 2.55
CA LYS A 17 -13.31 -5.14 1.96
C LYS A 17 -13.23 -5.60 0.50
N SER A 18 -12.16 -5.19 -0.20
CA SER A 18 -11.85 -5.60 -1.57
C SER A 18 -10.56 -6.43 -1.65
N PRO A 19 -10.60 -7.74 -1.30
CA PRO A 19 -9.42 -8.61 -1.42
C PRO A 19 -9.02 -8.86 -2.88
N ASP A 20 -9.92 -8.68 -3.85
CA ASP A 20 -9.63 -8.77 -5.28
C ASP A 20 -8.78 -7.58 -5.77
N LEU A 21 -9.00 -6.39 -5.19
CA LEU A 21 -8.19 -5.19 -5.40
C LEU A 21 -6.77 -5.41 -4.89
N LEU A 22 -6.65 -6.10 -3.74
CA LEU A 22 -5.34 -6.47 -3.20
C LEU A 22 -4.64 -7.54 -4.05
N LYS A 23 -5.37 -8.56 -4.53
CA LYS A 23 -4.83 -9.66 -5.35
C LYS A 23 -4.21 -9.19 -6.67
N LYS A 24 -4.74 -8.11 -7.26
CA LYS A 24 -4.14 -7.43 -8.42
C LYS A 24 -3.03 -6.47 -8.03
N LEU A 25 -3.09 -5.83 -6.86
CA LEU A 25 -2.10 -4.84 -6.41
C LEU A 25 -0.69 -5.43 -6.33
N LEU A 26 -0.48 -6.51 -5.56
CA LEU A 26 0.84 -7.16 -5.49
C LEU A 26 1.27 -7.70 -6.86
N GLU A 27 0.33 -8.14 -7.69
CA GLU A 27 0.58 -8.70 -9.02
C GLU A 27 0.94 -7.62 -10.06
N ALA A 28 0.40 -6.41 -9.93
CA ALA A 28 0.63 -5.27 -10.81
C ALA A 28 2.00 -4.62 -10.53
N MET A 29 2.38 -4.54 -9.24
CA MET A 29 3.69 -4.07 -8.78
C MET A 29 4.86 -4.78 -9.49
N ALA A 30 4.76 -6.10 -9.65
CA ALA A 30 5.79 -6.92 -10.30
C ALA A 30 6.11 -6.47 -11.73
N GLU A 31 5.12 -5.98 -12.47
CA GLU A 31 5.30 -5.52 -13.85
C GLU A 31 6.20 -4.27 -13.90
N GLU A 32 5.97 -3.30 -13.00
CA GLU A 32 6.80 -2.10 -12.92
C GLU A 32 8.18 -2.39 -12.32
N LEU A 33 8.29 -3.27 -11.31
CA LEU A 33 9.60 -3.65 -10.79
C LEU A 33 10.46 -4.31 -11.89
N LYS A 34 9.84 -5.07 -12.81
CA LYS A 34 10.53 -5.61 -14.00
C LYS A 34 10.97 -4.51 -14.99
N ARG A 35 10.20 -3.43 -15.18
CA ARG A 35 10.60 -2.27 -16.01
C ARG A 35 11.84 -1.53 -15.45
N GLN A 36 11.97 -1.55 -14.13
CA GLN A 36 13.11 -1.01 -13.37
C GLN A 36 14.34 -1.93 -13.37
N GLY A 37 14.21 -3.15 -13.92
CA GLY A 37 15.30 -4.10 -14.12
C GLY A 37 15.57 -5.02 -12.93
N LYS A 38 14.62 -5.13 -12.00
CA LYS A 38 14.72 -6.03 -10.83
C LYS A 38 14.74 -7.51 -11.23
N SER A 39 15.28 -8.33 -10.34
CA SER A 39 15.36 -9.80 -10.49
C SER A 39 14.09 -10.48 -9.97
N PRO A 40 13.74 -11.69 -10.47
CA PRO A 40 12.51 -12.38 -10.10
C PRO A 40 12.44 -12.72 -8.59
N ASP A 41 13.58 -12.91 -7.93
CA ASP A 41 13.66 -13.10 -6.48
C ASP A 41 13.26 -11.83 -5.70
N GLU A 42 13.69 -10.66 -6.17
CA GLU A 42 13.35 -9.35 -5.57
C GLU A 42 11.88 -9.02 -5.76
N ILE A 43 11.37 -9.31 -6.97
CA ILE A 43 9.96 -9.16 -7.35
C ILE A 43 9.08 -10.07 -6.47
N GLN A 44 9.40 -11.36 -6.39
CA GLN A 44 8.65 -12.32 -5.58
C GLN A 44 8.62 -11.90 -4.11
N LYS A 45 9.78 -11.51 -3.56
CA LYS A 45 9.89 -10.97 -2.21
C LYS A 45 8.99 -9.75 -2.03
N ALA A 46 9.04 -8.77 -2.94
CA ALA A 46 8.21 -7.57 -2.87
C ALA A 46 6.70 -7.91 -2.80
N LYS A 47 6.21 -8.84 -3.64
CA LYS A 47 4.80 -9.30 -3.60
C LYS A 47 4.42 -9.84 -2.21
N ASP A 48 5.23 -10.74 -1.66
CA ASP A 48 4.99 -11.31 -0.32
C ASP A 48 5.14 -10.29 0.81
N GLU A 49 6.05 -9.32 0.72
CA GLU A 49 6.22 -8.26 1.72
C GLU A 49 4.96 -7.39 1.81
N VAL A 50 4.42 -6.97 0.65
CA VAL A 50 3.19 -6.17 0.58
C VAL A 50 2.01 -6.97 1.11
N LYS A 51 1.86 -8.23 0.67
CA LYS A 51 0.79 -9.13 1.07
C LYS A 51 0.85 -9.44 2.57
N THR A 52 2.02 -9.78 3.11
CA THR A 52 2.13 -10.13 4.54
C THR A 52 1.90 -8.90 5.43
N LYS A 53 2.30 -7.70 4.97
CA LYS A 53 2.00 -6.44 5.65
C LYS A 53 0.50 -6.14 5.72
N VAL A 54 -0.25 -6.26 4.61
CA VAL A 54 -1.71 -6.04 4.65
C VAL A 54 -2.42 -7.17 5.40
N GLU A 55 -2.00 -8.42 5.24
CA GLU A 55 -2.61 -9.58 5.88
C GLU A 55 -2.53 -9.51 7.40
N GLN A 56 -1.34 -9.19 7.93
CA GLN A 56 -1.15 -8.97 9.36
C GLN A 56 -1.90 -7.71 9.86
N ALA A 57 -2.00 -6.65 9.06
CA ALA A 57 -2.79 -5.47 9.41
C ALA A 57 -4.29 -5.80 9.54
N ILE A 58 -4.88 -6.45 8.54
CA ILE A 58 -6.31 -6.80 8.53
C ILE A 58 -6.64 -7.73 9.70
N ARG A 59 -5.75 -8.71 9.99
CA ARG A 59 -5.87 -9.60 11.15
C ARG A 59 -6.01 -8.85 12.47
N GLU A 60 -5.28 -7.75 12.66
CA GLU A 60 -5.36 -6.94 13.86
C GLU A 60 -6.68 -6.18 13.94
N TRP A 61 -7.08 -5.45 12.90
CA TRP A 61 -8.36 -4.72 12.92
C TRP A 61 -9.54 -5.66 13.22
N LYS A 62 -9.50 -6.87 12.67
CA LYS A 62 -10.55 -7.87 12.88
C LYS A 62 -10.65 -8.36 14.34
N GLN A 63 -9.56 -8.28 15.12
CA GLN A 63 -9.57 -8.54 16.56
C GLN A 63 -9.69 -7.26 17.41
N GLY A 64 -10.14 -6.17 16.79
CA GLY A 64 -10.36 -4.86 17.41
C GLY A 64 -9.10 -4.00 17.50
N ASN A 65 -7.99 -4.43 16.90
CA ASN A 65 -6.69 -3.75 16.98
C ASN A 65 -6.50 -2.78 15.79
N GLU A 66 -7.39 -1.79 15.68
CA GLU A 66 -7.37 -0.74 14.63
C GLU A 66 -6.00 -0.04 14.57
N GLU A 67 -5.50 0.36 15.73
CA GLU A 67 -4.24 1.09 15.91
C GLU A 67 -3.02 0.30 15.39
N GLN A 68 -3.02 -1.04 15.53
CA GLN A 68 -1.97 -1.89 14.97
C GLN A 68 -2.16 -2.09 13.45
N ALA A 69 -3.39 -2.24 12.99
CA ALA A 69 -3.74 -2.44 11.57
C ALA A 69 -3.31 -1.23 10.72
N ARG A 70 -3.71 -0.02 11.11
CA ARG A 70 -3.34 1.21 10.41
C ARG A 70 -1.83 1.46 10.45
N LYS A 71 -1.13 1.04 11.51
CA LYS A 71 0.32 1.19 11.64
C LYS A 71 1.08 0.21 10.74
N ASP A 72 0.64 -1.04 10.59
CA ASP A 72 1.23 -1.97 9.62
C ASP A 72 0.93 -1.55 8.17
N MET A 73 -0.27 -1.04 7.87
CA MET A 73 -0.61 -0.51 6.54
C MET A 73 0.20 0.75 6.20
N ARG A 74 0.45 1.63 7.18
CA ARG A 74 1.29 2.85 7.00
C ARG A 74 2.66 2.53 6.39
N LYS A 75 3.31 1.44 6.81
CA LYS A 75 4.65 1.07 6.32
C LYS A 75 4.66 0.74 4.82
N VAL A 76 3.57 0.11 4.36
CA VAL A 76 3.29 -0.19 2.95
C VAL A 76 2.97 1.08 2.17
N LEU A 77 2.14 1.97 2.71
CA LEU A 77 1.72 3.20 2.02
C LEU A 77 2.88 4.17 1.75
N LYS A 78 3.91 4.17 2.61
CA LYS A 78 5.14 4.93 2.37
C LYS A 78 6.16 4.18 1.51
N SER A 79 6.10 2.84 1.48
CA SER A 79 7.06 2.02 0.74
C SER A 79 6.91 2.19 -0.78
N PRO A 80 8.02 2.42 -1.52
CA PRO A 80 7.99 2.82 -2.92
C PRO A 80 7.45 1.71 -3.83
N ALA A 81 7.57 0.45 -3.40
CA ALA A 81 6.99 -0.70 -4.07
C ALA A 81 5.46 -0.57 -4.21
N PHE A 82 4.76 -0.06 -3.19
CA PHE A 82 3.30 0.05 -3.21
C PHE A 82 2.84 1.20 -4.11
N LYS A 83 3.64 2.28 -4.20
CA LYS A 83 3.44 3.35 -5.20
C LYS A 83 3.55 2.79 -6.62
N GLN A 84 4.47 1.86 -6.87
CA GLN A 84 4.57 1.21 -8.17
C GLN A 84 3.39 0.24 -8.43
N ALA A 85 2.90 -0.47 -7.42
CA ALA A 85 1.67 -1.27 -7.50
C ALA A 85 0.46 -0.47 -8.00
N VAL A 86 0.19 0.67 -7.35
CA VAL A 86 -0.91 1.57 -7.73
C VAL A 86 -0.66 2.21 -9.09
N LYS A 87 0.60 2.54 -9.44
CA LYS A 87 0.93 3.17 -10.73
C LYS A 87 0.50 2.34 -11.94
N VAL A 88 0.68 1.02 -11.91
CA VAL A 88 0.34 0.17 -13.07
C VAL A 88 -1.18 0.02 -13.23
N MET A 89 -1.91 -0.12 -12.13
CA MET A 89 -3.39 -0.13 -12.18
C MET A 89 -3.97 1.24 -12.54
N GLU A 90 -3.32 2.34 -12.18
CA GLU A 90 -3.70 3.72 -12.55
C GLU A 90 -3.52 3.99 -14.06
N GLU A 91 -2.50 3.40 -14.69
CA GLU A 91 -2.31 3.47 -16.14
C GLU A 91 -3.37 2.67 -16.92
N GLN A 92 -3.77 1.50 -16.42
CA GLN A 92 -4.76 0.63 -17.06
C GLN A 92 -6.21 1.12 -16.86
N GLU A 93 -6.53 1.57 -15.65
CA GLU A 93 -7.87 1.99 -15.22
C GLU A 93 -7.80 3.39 -14.57
N PRO A 94 -7.64 4.47 -15.38
CA PRO A 94 -7.42 5.83 -14.86
C PRO A 94 -8.66 6.42 -14.19
N ASN A 95 -9.87 5.96 -14.55
CA ASN A 95 -11.13 6.42 -13.97
C ASN A 95 -11.67 5.47 -12.86
N ASN A 96 -10.87 4.53 -12.37
CA ASN A 96 -11.32 3.54 -11.39
C ASN A 96 -11.55 4.19 -10.01
N PRO A 97 -12.75 4.12 -9.41
CA PRO A 97 -12.95 4.61 -8.04
C PRO A 97 -12.07 3.85 -7.05
N GLU A 98 -11.84 2.56 -7.27
CA GLU A 98 -11.03 1.70 -6.40
C GLU A 98 -9.53 2.00 -6.50
N VAL A 99 -9.04 2.52 -7.63
CA VAL A 99 -7.64 2.96 -7.75
C VAL A 99 -7.49 4.37 -7.22
N GLN A 100 -8.35 5.30 -7.65
CA GLN A 100 -8.21 6.70 -7.25
C GLN A 100 -8.42 6.90 -5.75
N GLU A 101 -9.30 6.14 -5.10
CA GLU A 101 -9.46 6.24 -3.64
C GLU A 101 -8.31 5.57 -2.87
N LEU A 102 -7.71 4.50 -3.40
CA LEU A 102 -6.49 3.92 -2.82
C LEU A 102 -5.32 4.93 -2.95
N LYS A 103 -5.08 5.45 -4.17
CA LYS A 103 -4.03 6.44 -4.48
C LYS A 103 -4.16 7.67 -3.58
N LYS A 104 -5.37 8.21 -3.47
CA LYS A 104 -5.73 9.37 -2.63
C LYS A 104 -5.36 9.18 -1.16
N ALA A 105 -5.59 7.99 -0.60
CA ALA A 105 -5.20 7.68 0.77
C ALA A 105 -3.67 7.71 0.96
N MET A 106 -2.89 7.15 0.02
CA MET A 106 -1.43 7.16 0.07
C MET A 106 -0.85 8.55 -0.17
N GLU A 107 -1.29 9.23 -1.22
CA GLU A 107 -0.89 10.60 -1.55
C GLU A 107 -1.16 11.56 -0.38
N GLU A 108 -2.34 11.54 0.24
CA GLU A 108 -2.61 12.41 1.39
C GLU A 108 -1.77 12.05 2.64
N ALA A 109 -1.42 10.78 2.83
CA ALA A 109 -0.50 10.34 3.89
C ALA A 109 0.94 10.84 3.64
N GLU A 110 1.42 10.79 2.40
CA GLU A 110 2.78 11.16 2.00
C GLU A 110 2.99 12.69 1.91
N ARG A 111 2.03 13.40 1.33
CA ARG A 111 2.01 14.87 1.24
C ARG A 111 1.75 15.54 2.60
N GLY A 112 1.10 14.83 3.52
CA GLY A 112 0.84 15.27 4.90
C GLY A 112 2.14 15.59 5.66
N SER A 113 2.28 16.85 6.08
CA SER A 113 3.51 17.42 6.66
C SER A 113 3.19 18.55 7.65
N LEU A 114 2.31 18.27 8.60
CA LEU A 114 1.77 19.24 9.57
C LEU A 114 2.74 19.60 10.70
N GLU A 115 3.76 18.75 10.93
CA GLU A 115 4.78 18.92 11.98
C GLU A 115 5.85 19.96 11.58
N HIS A 116 6.19 20.87 12.49
CA HIS A 116 7.02 22.06 12.23
C HIS A 116 8.55 21.80 12.35
N HIS A 117 8.96 20.54 12.55
CA HIS A 117 10.36 20.13 12.71
C HIS A 117 10.70 18.87 11.90
N HIS A 118 11.92 18.79 11.39
CA HIS A 118 12.53 17.61 10.76
C HIS A 118 13.92 17.35 11.39
N HIS A 119 14.24 16.09 11.69
CA HIS A 119 15.44 15.73 12.45
C HIS A 119 16.76 15.95 11.68
N HIS A 120 17.75 16.49 12.38
CA HIS A 120 19.16 16.58 11.96
C HIS A 120 20.08 15.64 12.78
N HIS A 121 19.59 15.18 13.94
CA HIS A 121 20.28 14.30 14.90
C HIS A 121 19.34 13.19 15.41
N GLY A 1 1.95 15.55 10.54
CA GLY A 1 1.98 14.85 11.84
C GLY A 1 1.15 13.57 11.80
N ASP A 2 0.11 13.50 12.64
CA ASP A 2 -0.67 12.27 12.90
C ASP A 2 -1.71 11.90 11.83
N GLU A 3 -1.93 12.74 10.82
CA GLU A 3 -2.89 12.44 9.75
C GLU A 3 -2.51 11.22 8.89
N ALA A 4 -1.21 10.92 8.75
CA ALA A 4 -0.73 9.75 8.01
C ALA A 4 -1.22 8.42 8.63
N GLU A 5 -1.48 8.43 9.94
CA GLU A 5 -2.10 7.29 10.66
C GLU A 5 -3.58 7.16 10.30
N LYS A 6 -4.31 8.28 10.22
CA LYS A 6 -5.72 8.32 9.81
C LYS A 6 -5.92 7.88 8.35
N GLN A 7 -5.04 8.32 7.44
CA GLN A 7 -5.02 7.87 6.05
C GLN A 7 -4.70 6.38 5.90
N ALA A 8 -3.85 5.82 6.76
CA ALA A 8 -3.56 4.39 6.73
C ALA A 8 -4.78 3.52 7.03
N GLU A 9 -5.61 3.93 7.98
CA GLU A 9 -6.91 3.31 8.28
C GLU A 9 -7.83 3.27 7.03
N ARG A 10 -7.83 4.33 6.21
CA ARG A 10 -8.65 4.49 5.00
C ARG A 10 -8.22 3.58 3.86
N ALA A 11 -6.91 3.45 3.63
CA ALA A 11 -6.39 2.49 2.66
C ALA A 11 -6.51 1.04 3.15
N LEU A 12 -6.36 0.81 4.46
CA LEU A 12 -6.45 -0.51 5.09
C LEU A 12 -7.84 -1.11 4.86
N GLU A 13 -8.89 -0.35 5.17
CA GLU A 13 -10.26 -0.83 5.02
C GLU A 13 -10.58 -1.15 3.56
N LEU A 14 -10.00 -0.44 2.59
CA LEU A 14 -10.21 -0.69 1.17
C LEU A 14 -9.61 -2.05 0.75
N VAL A 15 -8.35 -2.33 1.14
CA VAL A 15 -7.72 -3.63 0.82
C VAL A 15 -8.30 -4.79 1.64
N ARG A 16 -8.89 -4.51 2.82
CA ARG A 16 -9.64 -5.47 3.63
C ARG A 16 -10.96 -5.87 2.96
N LYS A 17 -11.71 -4.89 2.45
CA LYS A 17 -13.05 -5.09 1.85
C LYS A 17 -12.98 -5.61 0.42
N SER A 18 -11.94 -5.21 -0.32
CA SER A 18 -11.65 -5.67 -1.69
C SER A 18 -10.36 -6.50 -1.73
N PRO A 19 -10.43 -7.82 -1.44
CA PRO A 19 -9.29 -8.71 -1.63
C PRO A 19 -8.92 -8.86 -3.11
N ASP A 20 -9.82 -8.55 -4.04
CA ASP A 20 -9.56 -8.57 -5.49
C ASP A 20 -8.67 -7.39 -5.91
N LEU A 21 -8.92 -6.20 -5.35
CA LEU A 21 -8.06 -5.02 -5.49
C LEU A 21 -6.65 -5.32 -4.97
N LEU A 22 -6.57 -6.04 -3.85
CA LEU A 22 -5.29 -6.43 -3.26
C LEU A 22 -4.57 -7.50 -4.12
N LYS A 23 -5.31 -8.48 -4.65
CA LYS A 23 -4.78 -9.56 -5.51
C LYS A 23 -4.17 -9.04 -6.81
N LYS A 24 -4.70 -7.94 -7.35
CA LYS A 24 -4.08 -7.22 -8.47
C LYS A 24 -2.93 -6.30 -8.04
N LEU A 25 -2.96 -5.72 -6.84
CA LEU A 25 -1.95 -4.78 -6.36
C LEU A 25 -0.55 -5.39 -6.32
N LEU A 26 -0.37 -6.51 -5.59
CA LEU A 26 0.93 -7.19 -5.55
C LEU A 26 1.35 -7.69 -6.95
N GLU A 27 0.38 -8.09 -7.78
CA GLU A 27 0.64 -8.58 -9.14
C GLU A 27 1.00 -7.47 -10.15
N ALA A 28 0.48 -6.25 -9.95
CA ALA A 28 0.73 -5.07 -10.76
C ALA A 28 2.11 -4.47 -10.46
N MET A 29 2.51 -4.44 -9.18
CA MET A 29 3.83 -4.02 -8.72
C MET A 29 4.96 -4.76 -9.44
N ALA A 30 4.80 -6.06 -9.67
CA ALA A 30 5.77 -6.89 -10.39
C ALA A 30 6.10 -6.38 -11.80
N GLU A 31 5.12 -5.80 -12.48
CA GLU A 31 5.30 -5.26 -13.84
C GLU A 31 6.18 -4.01 -13.80
N GLU A 32 5.94 -3.08 -12.87
CA GLU A 32 6.77 -1.89 -12.73
C GLU A 32 8.19 -2.23 -12.26
N LEU A 33 8.32 -3.17 -11.32
CA LEU A 33 9.62 -3.65 -10.88
C LEU A 33 10.39 -4.28 -12.07
N LYS A 34 9.69 -4.98 -12.98
CA LYS A 34 10.29 -5.54 -14.20
C LYS A 34 10.68 -4.48 -15.25
N ARG A 35 9.95 -3.36 -15.39
CA ARG A 35 10.38 -2.20 -16.22
C ARG A 35 11.74 -1.65 -15.79
N GLN A 36 12.01 -1.70 -14.48
CA GLN A 36 13.26 -1.24 -13.86
C GLN A 36 14.41 -2.26 -13.93
N GLY A 37 14.11 -3.50 -14.34
CA GLY A 37 15.10 -4.56 -14.58
C GLY A 37 15.43 -5.40 -13.35
N LYS A 38 14.56 -5.41 -12.33
CA LYS A 38 14.72 -6.29 -11.15
C LYS A 38 14.64 -7.77 -11.55
N SER A 39 15.20 -8.64 -10.71
CA SER A 39 15.19 -10.10 -10.91
C SER A 39 13.89 -10.74 -10.39
N PRO A 40 13.45 -11.88 -10.94
CA PRO A 40 12.18 -12.50 -10.57
C PRO A 40 12.13 -12.95 -9.10
N ASP A 41 13.29 -13.27 -8.50
CA ASP A 41 13.42 -13.57 -7.07
C ASP A 41 13.10 -12.34 -6.18
N GLU A 42 13.57 -11.17 -6.58
CA GLU A 42 13.32 -9.90 -5.87
C GLU A 42 11.85 -9.50 -5.96
N ILE A 43 11.29 -9.64 -7.17
CA ILE A 43 9.89 -9.37 -7.48
C ILE A 43 8.98 -10.30 -6.67
N GLN A 44 9.24 -11.61 -6.66
CA GLN A 44 8.45 -12.58 -5.93
C GLN A 44 8.44 -12.28 -4.42
N LYS A 45 9.62 -11.99 -3.85
CA LYS A 45 9.80 -11.58 -2.45
C LYS A 45 9.03 -10.27 -2.15
N ALA A 46 9.07 -9.29 -3.05
CA ALA A 46 8.29 -8.06 -2.91
C ALA A 46 6.77 -8.33 -2.87
N LYS A 47 6.23 -9.18 -3.76
CA LYS A 47 4.80 -9.56 -3.74
C LYS A 47 4.39 -10.15 -2.38
N ASP A 48 5.18 -11.08 -1.83
CA ASP A 48 4.92 -11.66 -0.52
C ASP A 48 5.02 -10.66 0.62
N GLU A 49 5.97 -9.73 0.58
CA GLU A 49 6.09 -8.66 1.58
C GLU A 49 4.81 -7.83 1.63
N VAL A 50 4.36 -7.35 0.48
CA VAL A 50 3.14 -6.51 0.41
C VAL A 50 1.92 -7.26 0.93
N LYS A 51 1.77 -8.53 0.53
CA LYS A 51 0.69 -9.43 0.95
C LYS A 51 0.72 -9.68 2.47
N THR A 52 1.89 -10.03 3.01
CA THR A 52 2.02 -10.36 4.44
C THR A 52 1.92 -9.10 5.30
N LYS A 53 2.39 -7.94 4.83
CA LYS A 53 2.22 -6.65 5.51
C LYS A 53 0.75 -6.26 5.67
N VAL A 54 -0.06 -6.32 4.60
CA VAL A 54 -1.50 -6.04 4.70
C VAL A 54 -2.24 -7.09 5.51
N GLU A 55 -1.84 -8.36 5.42
CA GLU A 55 -2.43 -9.44 6.24
C GLU A 55 -2.18 -9.20 7.72
N GLN A 56 -0.92 -8.99 8.14
CA GLN A 56 -0.63 -8.69 9.55
C GLN A 56 -1.38 -7.44 10.05
N ALA A 57 -1.66 -6.47 9.18
CA ALA A 57 -2.54 -5.36 9.56
C ALA A 57 -4.01 -5.78 9.74
N ILE A 58 -4.62 -6.43 8.74
CA ILE A 58 -6.05 -6.82 8.78
C ILE A 58 -6.31 -7.81 9.93
N ARG A 59 -5.40 -8.75 10.18
CA ARG A 59 -5.47 -9.74 11.28
C ARG A 59 -5.50 -9.07 12.66
N GLU A 60 -4.87 -7.93 12.80
CA GLU A 60 -4.91 -7.09 13.99
C GLU A 60 -6.22 -6.32 14.10
N TRP A 61 -6.67 -5.64 13.02
CA TRP A 61 -7.95 -4.90 13.06
C TRP A 61 -9.13 -5.81 13.40
N LYS A 62 -9.15 -7.03 12.83
CA LYS A 62 -10.26 -7.98 13.02
C LYS A 62 -10.41 -8.45 14.47
N GLN A 63 -9.30 -8.50 15.23
CA GLN A 63 -9.28 -8.77 16.67
C GLN A 63 -9.46 -7.50 17.54
N GLY A 64 -9.86 -6.40 16.91
CA GLY A 64 -10.13 -5.09 17.53
C GLY A 64 -8.90 -4.18 17.63
N ASN A 65 -7.77 -4.56 17.02
CA ASN A 65 -6.47 -3.87 17.22
C ASN A 65 -6.18 -2.83 16.13
N GLU A 66 -7.10 -1.88 15.97
CA GLU A 66 -7.05 -0.82 14.94
C GLU A 66 -5.69 -0.11 14.91
N GLU A 67 -5.17 0.22 16.10
CA GLU A 67 -3.92 0.96 16.27
C GLU A 67 -2.69 0.20 15.72
N GLN A 68 -2.63 -1.13 15.84
CA GLN A 68 -1.58 -1.94 15.22
C GLN A 68 -1.82 -2.12 13.71
N ALA A 69 -3.08 -2.34 13.34
CA ALA A 69 -3.50 -2.54 11.96
C ALA A 69 -3.16 -1.34 11.06
N ARG A 70 -3.56 -0.13 11.45
CA ARG A 70 -3.24 1.08 10.68
C ARG A 70 -1.73 1.32 10.61
N LYS A 71 -0.96 0.94 11.64
CA LYS A 71 0.52 1.08 11.64
C LYS A 71 1.19 0.16 10.62
N ASP A 72 0.74 -1.08 10.48
CA ASP A 72 1.31 -2.01 9.50
C ASP A 72 0.90 -1.66 8.05
N MET A 73 -0.24 -0.99 7.85
CA MET A 73 -0.61 -0.41 6.55
C MET A 73 0.18 0.90 6.25
N ARG A 74 0.41 1.77 7.25
CA ARG A 74 1.21 3.01 7.14
C ARG A 74 2.55 2.76 6.47
N LYS A 75 3.25 1.71 6.92
CA LYS A 75 4.64 1.44 6.52
C LYS A 75 4.73 1.05 5.04
N VAL A 76 3.74 0.29 4.60
CA VAL A 76 3.45 -0.06 3.20
C VAL A 76 3.09 1.17 2.38
N LEU A 77 2.21 2.04 2.87
CA LEU A 77 1.77 3.26 2.16
C LEU A 77 2.90 4.23 1.84
N LYS A 78 3.91 4.32 2.71
CA LYS A 78 5.13 5.11 2.45
C LYS A 78 6.19 4.34 1.68
N SER A 79 6.17 3.01 1.71
CA SER A 79 7.14 2.16 1.01
C SER A 79 6.98 2.26 -0.52
N PRO A 80 8.06 2.46 -1.29
CA PRO A 80 7.98 2.78 -2.73
C PRO A 80 7.37 1.65 -3.56
N ALA A 81 7.48 0.40 -3.08
CA ALA A 81 6.87 -0.77 -3.70
C ALA A 81 5.36 -0.61 -3.90
N PHE A 82 4.64 -0.04 -2.92
CA PHE A 82 3.19 0.12 -2.96
C PHE A 82 2.77 1.26 -3.91
N LYS A 83 3.60 2.32 -4.01
CA LYS A 83 3.45 3.37 -5.04
C LYS A 83 3.61 2.79 -6.44
N GLN A 84 4.55 1.86 -6.66
CA GLN A 84 4.71 1.21 -7.95
C GLN A 84 3.53 0.27 -8.28
N ALA A 85 3.00 -0.44 -7.28
CA ALA A 85 1.78 -1.23 -7.42
C ALA A 85 0.59 -0.42 -7.95
N VAL A 86 0.32 0.74 -7.34
CA VAL A 86 -0.80 1.60 -7.72
C VAL A 86 -0.53 2.32 -9.04
N LYS A 87 0.72 2.63 -9.37
CA LYS A 87 1.10 3.31 -10.60
C LYS A 87 0.68 2.51 -11.85
N VAL A 88 0.88 1.20 -11.86
CA VAL A 88 0.54 0.35 -13.03
C VAL A 88 -0.98 0.22 -13.20
N MET A 89 -1.72 -0.01 -12.11
CA MET A 89 -3.19 -0.07 -12.18
C MET A 89 -3.82 1.29 -12.53
N GLU A 90 -3.18 2.41 -12.20
CA GLU A 90 -3.61 3.74 -12.64
C GLU A 90 -3.39 3.98 -14.14
N GLU A 91 -2.36 3.37 -14.75
CA GLU A 91 -2.19 3.36 -16.21
C GLU A 91 -3.22 2.45 -16.93
N GLN A 92 -3.53 1.28 -16.35
CA GLN A 92 -4.46 0.29 -16.95
C GLN A 92 -5.93 0.68 -16.78
N GLU A 93 -6.30 1.16 -15.59
CA GLU A 93 -7.67 1.49 -15.18
C GLU A 93 -7.72 2.93 -14.61
N PRO A 94 -7.58 3.96 -15.46
CA PRO A 94 -7.45 5.36 -15.02
C PRO A 94 -8.72 5.90 -14.36
N ASN A 95 -9.91 5.38 -14.72
CA ASN A 95 -11.19 5.79 -14.15
C ASN A 95 -11.69 4.86 -13.02
N ASN A 96 -10.84 3.96 -12.49
CA ASN A 96 -11.25 3.01 -11.46
C ASN A 96 -11.52 3.71 -10.12
N PRO A 97 -12.72 3.59 -9.51
CA PRO A 97 -12.96 4.10 -8.17
C PRO A 97 -12.02 3.43 -7.16
N GLU A 98 -11.74 2.13 -7.32
CA GLU A 98 -10.89 1.37 -6.41
C GLU A 98 -9.40 1.76 -6.51
N VAL A 99 -8.93 2.26 -7.67
CA VAL A 99 -7.57 2.78 -7.80
C VAL A 99 -7.49 4.20 -7.27
N GLN A 100 -8.41 5.08 -7.70
CA GLN A 100 -8.34 6.50 -7.31
C GLN A 100 -8.58 6.69 -5.81
N GLU A 101 -9.46 5.90 -5.20
CA GLU A 101 -9.66 5.96 -3.73
C GLU A 101 -8.43 5.46 -2.96
N LEU A 102 -7.72 4.45 -3.48
CA LEU A 102 -6.48 3.94 -2.88
C LEU A 102 -5.32 4.94 -3.06
N LYS A 103 -5.13 5.48 -4.28
CA LYS A 103 -4.06 6.45 -4.59
C LYS A 103 -4.18 7.70 -3.73
N LYS A 104 -5.38 8.28 -3.64
CA LYS A 104 -5.64 9.48 -2.82
C LYS A 104 -5.32 9.27 -1.34
N ALA A 105 -5.56 8.07 -0.81
CA ALA A 105 -5.21 7.74 0.57
C ALA A 105 -3.68 7.80 0.80
N MET A 106 -2.88 7.22 -0.09
CA MET A 106 -1.41 7.31 -0.05
C MET A 106 -0.90 8.74 -0.28
N GLU A 107 -1.38 9.40 -1.33
CA GLU A 107 -0.96 10.75 -1.73
C GLU A 107 -1.15 11.79 -0.60
N GLU A 108 -2.23 11.67 0.19
CA GLU A 108 -2.43 12.50 1.39
C GLU A 108 -1.60 12.03 2.60
N ALA A 109 -1.32 10.73 2.76
CA ALA A 109 -0.40 10.23 3.79
C ALA A 109 1.05 10.68 3.55
N GLU A 110 1.47 10.79 2.29
CA GLU A 110 2.80 11.22 1.86
C GLU A 110 3.04 12.69 2.22
N ARG A 111 2.06 13.57 1.96
CA ARG A 111 2.10 14.98 2.39
C ARG A 111 1.85 15.16 3.89
N GLY A 112 1.13 14.24 4.52
CA GLY A 112 0.84 14.22 5.95
C GLY A 112 2.04 13.87 6.83
N SER A 113 2.90 12.95 6.37
CA SER A 113 4.17 12.60 7.03
C SER A 113 5.39 13.38 6.49
N LEU A 114 5.30 13.90 5.26
CA LEU A 114 6.36 14.64 4.55
C LEU A 114 7.71 13.89 4.50
N GLU A 115 7.65 12.57 4.37
CA GLU A 115 8.78 11.65 4.50
C GLU A 115 9.40 11.33 3.11
N HIS A 116 10.73 11.42 2.98
CA HIS A 116 11.43 11.34 1.69
C HIS A 116 12.07 9.98 1.39
N HIS A 117 12.89 9.46 2.33
CA HIS A 117 13.64 8.18 2.30
C HIS A 117 14.10 7.66 0.92
N HIS A 118 15.38 7.89 0.59
CA HIS A 118 16.01 7.50 -0.68
C HIS A 118 16.11 5.98 -0.93
N HIS A 119 16.09 5.17 0.14
CA HIS A 119 16.27 3.71 0.09
C HIS A 119 14.96 2.94 -0.18
N HIS A 120 15.07 1.68 -0.61
CA HIS A 120 13.92 0.80 -0.89
C HIS A 120 13.10 0.45 0.37
N HIS A 121 13.73 0.45 1.55
CA HIS A 121 13.13 0.21 2.87
C HIS A 121 13.87 0.99 3.98
#